data_4KFV
# 
_entry.id   4KFV 
# 
_audit_conform.dict_name       mmcif_pdbx.dic 
_audit_conform.dict_version    5.388 
_audit_conform.dict_location   http://mmcif.pdb.org/dictionaries/ascii/mmcif_pdbx.dic 
# 
loop_
_database_2.database_id 
_database_2.database_code 
_database_2.pdbx_database_accession 
_database_2.pdbx_DOI 
PDB   4KFV         pdb_00004kfv 10.2210/pdb4kfv/pdb 
RCSB  RCSB079286   ?            ?                   
WWPDB D_1000079286 ?            ?                   
# 
loop_
_pdbx_audit_revision_history.ordinal 
_pdbx_audit_revision_history.data_content_type 
_pdbx_audit_revision_history.major_revision 
_pdbx_audit_revision_history.minor_revision 
_pdbx_audit_revision_history.revision_date 
1 'Structure model' 1 0 2013-08-21 
2 'Structure model' 1 1 2014-01-22 
3 'Structure model' 1 2 2017-11-15 
4 'Structure model' 1 3 2024-03-20 
# 
_pdbx_audit_revision_details.ordinal             1 
_pdbx_audit_revision_details.revision_ordinal    1 
_pdbx_audit_revision_details.data_content_type   'Structure model' 
_pdbx_audit_revision_details.provider            repository 
_pdbx_audit_revision_details.type                'Initial release' 
_pdbx_audit_revision_details.description         ? 
_pdbx_audit_revision_details.details             ? 
# 
loop_
_pdbx_audit_revision_group.ordinal 
_pdbx_audit_revision_group.revision_ordinal 
_pdbx_audit_revision_group.data_content_type 
_pdbx_audit_revision_group.group 
1 2 'Structure model' 'Database references'    
2 3 'Structure model' 'Refinement description' 
3 4 'Structure model' 'Data collection'        
4 4 'Structure model' 'Database references'    
5 4 'Structure model' 'Derived calculations'   
# 
loop_
_pdbx_audit_revision_category.ordinal 
_pdbx_audit_revision_category.revision_ordinal 
_pdbx_audit_revision_category.data_content_type 
_pdbx_audit_revision_category.category 
1 3 'Structure model' software               
2 4 'Structure model' chem_comp_atom         
3 4 'Structure model' chem_comp_bond         
4 4 'Structure model' database_2             
5 4 'Structure model' pdbx_struct_conn_angle 
6 4 'Structure model' struct_conn            
7 4 'Structure model' struct_site            
# 
loop_
_pdbx_audit_revision_item.ordinal 
_pdbx_audit_revision_item.revision_ordinal 
_pdbx_audit_revision_item.data_content_type 
_pdbx_audit_revision_item.item 
1  4 'Structure model' '_database_2.pdbx_DOI'                        
2  4 'Structure model' '_database_2.pdbx_database_accession'         
3  4 'Structure model' '_pdbx_struct_conn_angle.ptnr1_auth_seq_id'   
4  4 'Structure model' '_pdbx_struct_conn_angle.ptnr1_label_atom_id' 
5  4 'Structure model' '_pdbx_struct_conn_angle.ptnr1_label_seq_id'  
6  4 'Structure model' '_pdbx_struct_conn_angle.ptnr3_auth_seq_id'   
7  4 'Structure model' '_pdbx_struct_conn_angle.ptnr3_label_atom_id' 
8  4 'Structure model' '_pdbx_struct_conn_angle.ptnr3_label_seq_id'  
9  4 'Structure model' '_pdbx_struct_conn_angle.value'               
10 4 'Structure model' '_struct_conn.pdbx_dist_value'                
11 4 'Structure model' '_struct_conn.ptnr1_auth_seq_id'              
12 4 'Structure model' '_struct_conn.ptnr1_label_atom_id'            
13 4 'Structure model' '_struct_conn.ptnr1_label_seq_id'             
14 4 'Structure model' '_struct_site.pdbx_auth_asym_id'              
15 4 'Structure model' '_struct_site.pdbx_auth_comp_id'              
16 4 'Structure model' '_struct_site.pdbx_auth_seq_id'               
# 
_pdbx_database_status.status_code                     REL 
_pdbx_database_status.entry_id                        4KFV 
_pdbx_database_status.recvd_initial_deposition_date   2013-04-28 
_pdbx_database_status.deposit_site                    RCSB 
_pdbx_database_status.process_site                    PDBJ 
_pdbx_database_status.methods_development_category    ? 
_pdbx_database_status.status_code_sf                  REL 
_pdbx_database_status.status_code_mr                  ? 
_pdbx_database_status.SG_entry                        ? 
_pdbx_database_status.status_code_cs                  ? 
_pdbx_database_status.pdb_format_compatible           Y 
_pdbx_database_status.status_code_nmr_data            ? 
# 
_pdbx_database_related.db_name        PDB 
_pdbx_database_related.db_id          4KFW 
_pdbx_database_related.details        . 
_pdbx_database_related.content_type   unspecified 
# 
loop_
_audit_author.name 
_audit_author.pdbx_ordinal 
'Liu, X.' 1 
'Hu, J.'  2 
# 
_citation.id                        primary 
_citation.title                     'Structural insight into Golgi membrane stacking by GRASP65 and GRASP55 proteins' 
_citation.journal_abbrev            J.Biol.Chem. 
_citation.journal_volume            288 
_citation.page_first                28418 
_citation.page_last                 28427 
_citation.year                      2013 
_citation.journal_id_ASTM           JBCHA3 
_citation.country                   US 
_citation.journal_id_ISSN           0021-9258 
_citation.journal_id_CSD            0071 
_citation.book_publisher            ? 
_citation.pdbx_database_id_PubMed   23940043 
_citation.pdbx_database_id_DOI      10.1074/jbc.M113.478024 
# 
loop_
_citation_author.citation_id 
_citation_author.name 
_citation_author.ordinal 
_citation_author.identifier_ORCID 
primary 'Feng, Y.' 1 ? 
primary 'Yu, W.'   2 ? 
primary 'Li, X.'   3 ? 
primary 'Lin, S.'  4 ? 
primary 'Zhou, Y.' 5 ? 
primary 'Hu, J.'   6 ? 
primary 'Liu, X.'  7 ? 
# 
loop_
_entity.id 
_entity.type 
_entity.src_method 
_entity.pdbx_description 
_entity.formula_weight 
_entity.pdbx_number_of_molecules 
_entity.pdbx_ec 
_entity.pdbx_mutation 
_entity.pdbx_fragment 
_entity.details 
1 polymer     man 'Golgi reassembly-stacking protein 1' 23050.912 1  ? ? 'UNP residues 12-210' ? 
2 non-polymer syn 'ZINC ION'                            65.409    1  ? ? ?                     ? 
3 non-polymer syn 'CHLORIDE ION'                        35.453    1  ? ? ?                     ? 
4 water       nat water                                 18.015    97 ? ? ?                     ? 
# 
_entity_name_com.entity_id   1 
_entity_name_com.name        'Gorasp1 protein, RCG25352, isoform CRA_b' 
# 
_entity_poly.entity_id                      1 
_entity_poly.type                           'polypeptide(L)' 
_entity_poly.nstd_linkage                   no 
_entity_poly.nstd_monomer                   no 
_entity_poly.pdbx_seq_one_letter_code       
;MGLGASSEQPAGGEGFHLHGVQENSPAQQAGLEPYFDFIITIGHSRLNKENDTLKALLKANVEKPVKLEVFNMKTMRVRE
VEVVPSNMWGGQGLLGASVRFCSFRRASEHVWHVLDVEPSSPAALAGLRPYTDYIVGSDQILQESEDFFTLIESHEGKPL
KLMVYNSESDSCREVTVTPNAAWGGEGSLGCGIGYGYLHRIPTQPSSQYK
;
_entity_poly.pdbx_seq_one_letter_code_can   
;MGLGASSEQPAGGEGFHLHGVQENSPAQQAGLEPYFDFIITIGHSRLNKENDTLKALLKANVEKPVKLEVFNMKTMRVRE
VEVVPSNMWGGQGLLGASVRFCSFRRASEHVWHVLDVEPSSPAALAGLRPYTDYIVGSDQILQESEDFFTLIESHEGKPL
KLMVYNSESDSCREVTVTPNAAWGGEGSLGCGIGYGYLHRIPTQPSSQYK
;
_entity_poly.pdbx_strand_id                 A 
_entity_poly.pdbx_target_identifier         ? 
# 
loop_
_pdbx_entity_nonpoly.entity_id 
_pdbx_entity_nonpoly.name 
_pdbx_entity_nonpoly.comp_id 
2 'ZINC ION'     ZN  
3 'CHLORIDE ION' CL  
4 water          HOH 
# 
loop_
_entity_poly_seq.entity_id 
_entity_poly_seq.num 
_entity_poly_seq.mon_id 
_entity_poly_seq.hetero 
1 1   MET n 
1 2   GLY n 
1 3   LEU n 
1 4   GLY n 
1 5   ALA n 
1 6   SER n 
1 7   SER n 
1 8   GLU n 
1 9   GLN n 
1 10  PRO n 
1 11  ALA n 
1 12  GLY n 
1 13  GLY n 
1 14  GLU n 
1 15  GLY n 
1 16  PHE n 
1 17  HIS n 
1 18  LEU n 
1 19  HIS n 
1 20  GLY n 
1 21  VAL n 
1 22  GLN n 
1 23  GLU n 
1 24  ASN n 
1 25  SER n 
1 26  PRO n 
1 27  ALA n 
1 28  GLN n 
1 29  GLN n 
1 30  ALA n 
1 31  GLY n 
1 32  LEU n 
1 33  GLU n 
1 34  PRO n 
1 35  TYR n 
1 36  PHE n 
1 37  ASP n 
1 38  PHE n 
1 39  ILE n 
1 40  ILE n 
1 41  THR n 
1 42  ILE n 
1 43  GLY n 
1 44  HIS n 
1 45  SER n 
1 46  ARG n 
1 47  LEU n 
1 48  ASN n 
1 49  LYS n 
1 50  GLU n 
1 51  ASN n 
1 52  ASP n 
1 53  THR n 
1 54  LEU n 
1 55  LYS n 
1 56  ALA n 
1 57  LEU n 
1 58  LEU n 
1 59  LYS n 
1 60  ALA n 
1 61  ASN n 
1 62  VAL n 
1 63  GLU n 
1 64  LYS n 
1 65  PRO n 
1 66  VAL n 
1 67  LYS n 
1 68  LEU n 
1 69  GLU n 
1 70  VAL n 
1 71  PHE n 
1 72  ASN n 
1 73  MET n 
1 74  LYS n 
1 75  THR n 
1 76  MET n 
1 77  ARG n 
1 78  VAL n 
1 79  ARG n 
1 80  GLU n 
1 81  VAL n 
1 82  GLU n 
1 83  VAL n 
1 84  VAL n 
1 85  PRO n 
1 86  SER n 
1 87  ASN n 
1 88  MET n 
1 89  TRP n 
1 90  GLY n 
1 91  GLY n 
1 92  GLN n 
1 93  GLY n 
1 94  LEU n 
1 95  LEU n 
1 96  GLY n 
1 97  ALA n 
1 98  SER n 
1 99  VAL n 
1 100 ARG n 
1 101 PHE n 
1 102 CYS n 
1 103 SER n 
1 104 PHE n 
1 105 ARG n 
1 106 ARG n 
1 107 ALA n 
1 108 SER n 
1 109 GLU n 
1 110 HIS n 
1 111 VAL n 
1 112 TRP n 
1 113 HIS n 
1 114 VAL n 
1 115 LEU n 
1 116 ASP n 
1 117 VAL n 
1 118 GLU n 
1 119 PRO n 
1 120 SER n 
1 121 SER n 
1 122 PRO n 
1 123 ALA n 
1 124 ALA n 
1 125 LEU n 
1 126 ALA n 
1 127 GLY n 
1 128 LEU n 
1 129 ARG n 
1 130 PRO n 
1 131 TYR n 
1 132 THR n 
1 133 ASP n 
1 134 TYR n 
1 135 ILE n 
1 136 VAL n 
1 137 GLY n 
1 138 SER n 
1 139 ASP n 
1 140 GLN n 
1 141 ILE n 
1 142 LEU n 
1 143 GLN n 
1 144 GLU n 
1 145 SER n 
1 146 GLU n 
1 147 ASP n 
1 148 PHE n 
1 149 PHE n 
1 150 THR n 
1 151 LEU n 
1 152 ILE n 
1 153 GLU n 
1 154 SER n 
1 155 HIS n 
1 156 GLU n 
1 157 GLY n 
1 158 LYS n 
1 159 PRO n 
1 160 LEU n 
1 161 LYS n 
1 162 LEU n 
1 163 MET n 
1 164 VAL n 
1 165 TYR n 
1 166 ASN n 
1 167 SER n 
1 168 GLU n 
1 169 SER n 
1 170 ASP n 
1 171 SER n 
1 172 CYS n 
1 173 ARG n 
1 174 GLU n 
1 175 VAL n 
1 176 THR n 
1 177 VAL n 
1 178 THR n 
1 179 PRO n 
1 180 ASN n 
1 181 ALA n 
1 182 ALA n 
1 183 TRP n 
1 184 GLY n 
1 185 GLY n 
1 186 GLU n 
1 187 GLY n 
1 188 SER n 
1 189 LEU n 
1 190 GLY n 
1 191 CYS n 
1 192 GLY n 
1 193 ILE n 
1 194 GLY n 
1 195 TYR n 
1 196 GLY n 
1 197 TYR n 
1 198 LEU n 
1 199 HIS n 
1 200 ARG n 
1 201 ILE n 
1 202 PRO n 
1 203 THR n 
1 204 GLN n 
1 205 PRO n 
1 206 SER n 
1 207 SER n 
1 208 GLN n 
1 209 TYR n 
1 210 LYS n 
# 
_entity_src_gen.entity_id                          1 
_entity_src_gen.pdbx_src_id                        1 
_entity_src_gen.pdbx_alt_source_flag               sample 
_entity_src_gen.pdbx_seq_type                      ? 
_entity_src_gen.pdbx_beg_seq_num                   ? 
_entity_src_gen.pdbx_end_seq_num                   ? 
_entity_src_gen.gene_src_common_name               'brown rat,rat,rats' 
_entity_src_gen.gene_src_genus                     ? 
_entity_src_gen.pdbx_gene_src_gene                 'Gorasp1, GRASP 65, rCG_25352' 
_entity_src_gen.gene_src_species                   ? 
_entity_src_gen.gene_src_strain                    ? 
_entity_src_gen.gene_src_tissue                    ? 
_entity_src_gen.gene_src_tissue_fraction           ? 
_entity_src_gen.gene_src_details                   ? 
_entity_src_gen.pdbx_gene_src_fragment             ? 
_entity_src_gen.pdbx_gene_src_scientific_name      'Rattus norvegicus' 
_entity_src_gen.pdbx_gene_src_ncbi_taxonomy_id     10116 
_entity_src_gen.pdbx_gene_src_variant              ? 
_entity_src_gen.pdbx_gene_src_cell_line            ? 
_entity_src_gen.pdbx_gene_src_atcc                 ? 
_entity_src_gen.pdbx_gene_src_organ                ? 
_entity_src_gen.pdbx_gene_src_organelle            ? 
_entity_src_gen.pdbx_gene_src_cell                 ? 
_entity_src_gen.pdbx_gene_src_cellular_location    ? 
_entity_src_gen.host_org_common_name               ? 
_entity_src_gen.pdbx_host_org_scientific_name      'Escherichia coli' 
_entity_src_gen.pdbx_host_org_ncbi_taxonomy_id     562 
_entity_src_gen.host_org_genus                     ? 
_entity_src_gen.pdbx_host_org_gene                 ? 
_entity_src_gen.pdbx_host_org_organ                ? 
_entity_src_gen.host_org_species                   ? 
_entity_src_gen.pdbx_host_org_tissue               ? 
_entity_src_gen.pdbx_host_org_tissue_fraction      ? 
_entity_src_gen.pdbx_host_org_strain               'BL21(DE3)' 
_entity_src_gen.pdbx_host_org_variant              ? 
_entity_src_gen.pdbx_host_org_cell_line            ? 
_entity_src_gen.pdbx_host_org_atcc                 ? 
_entity_src_gen.pdbx_host_org_culture_collection   ? 
_entity_src_gen.pdbx_host_org_cell                 ? 
_entity_src_gen.pdbx_host_org_organelle            ? 
_entity_src_gen.pdbx_host_org_cellular_location    ? 
_entity_src_gen.pdbx_host_org_vector_type          ? 
_entity_src_gen.pdbx_host_org_vector               ? 
_entity_src_gen.host_org_details                   ? 
_entity_src_gen.expression_system_id               ? 
_entity_src_gen.plasmid_name                       ? 
_entity_src_gen.plasmid_details                    ? 
_entity_src_gen.pdbx_description                   ? 
# 
loop_
_chem_comp.id 
_chem_comp.type 
_chem_comp.mon_nstd_flag 
_chem_comp.name 
_chem_comp.pdbx_synonyms 
_chem_comp.formula 
_chem_comp.formula_weight 
ALA 'L-peptide linking' y ALANINE         ? 'C3 H7 N O2'     89.093  
ARG 'L-peptide linking' y ARGININE        ? 'C6 H15 N4 O2 1' 175.209 
ASN 'L-peptide linking' y ASPARAGINE      ? 'C4 H8 N2 O3'    132.118 
ASP 'L-peptide linking' y 'ASPARTIC ACID' ? 'C4 H7 N O4'     133.103 
CL  non-polymer         . 'CHLORIDE ION'  ? 'Cl -1'          35.453  
CYS 'L-peptide linking' y CYSTEINE        ? 'C3 H7 N O2 S'   121.158 
GLN 'L-peptide linking' y GLUTAMINE       ? 'C5 H10 N2 O3'   146.144 
GLU 'L-peptide linking' y 'GLUTAMIC ACID' ? 'C5 H9 N O4'     147.129 
GLY 'peptide linking'   y GLYCINE         ? 'C2 H5 N O2'     75.067  
HIS 'L-peptide linking' y HISTIDINE       ? 'C6 H10 N3 O2 1' 156.162 
HOH non-polymer         . WATER           ? 'H2 O'           18.015  
ILE 'L-peptide linking' y ISOLEUCINE      ? 'C6 H13 N O2'    131.173 
LEU 'L-peptide linking' y LEUCINE         ? 'C6 H13 N O2'    131.173 
LYS 'L-peptide linking' y LYSINE          ? 'C6 H15 N2 O2 1' 147.195 
MET 'L-peptide linking' y METHIONINE      ? 'C5 H11 N O2 S'  149.211 
PHE 'L-peptide linking' y PHENYLALANINE   ? 'C9 H11 N O2'    165.189 
PRO 'L-peptide linking' y PROLINE         ? 'C5 H9 N O2'     115.130 
SER 'L-peptide linking' y SERINE          ? 'C3 H7 N O3'     105.093 
THR 'L-peptide linking' y THREONINE       ? 'C4 H9 N O3'     119.119 
TRP 'L-peptide linking' y TRYPTOPHAN      ? 'C11 H12 N2 O2'  204.225 
TYR 'L-peptide linking' y TYROSINE        ? 'C9 H11 N O3'    181.189 
VAL 'L-peptide linking' y VALINE          ? 'C5 H11 N O2'    117.146 
ZN  non-polymer         . 'ZINC ION'      ? 'Zn 2'           65.409  
# 
loop_
_pdbx_poly_seq_scheme.asym_id 
_pdbx_poly_seq_scheme.entity_id 
_pdbx_poly_seq_scheme.seq_id 
_pdbx_poly_seq_scheme.mon_id 
_pdbx_poly_seq_scheme.ndb_seq_num 
_pdbx_poly_seq_scheme.pdb_seq_num 
_pdbx_poly_seq_scheme.auth_seq_num 
_pdbx_poly_seq_scheme.pdb_mon_id 
_pdbx_poly_seq_scheme.auth_mon_id 
_pdbx_poly_seq_scheme.pdb_strand_id 
_pdbx_poly_seq_scheme.pdb_ins_code 
_pdbx_poly_seq_scheme.hetero 
A 1 1   MET 1   1   ?   ?   ?   A . n 
A 1 2   GLY 2   2   ?   ?   ?   A . n 
A 1 3   LEU 3   3   ?   ?   ?   A . n 
A 1 4   GLY 4   4   ?   ?   ?   A . n 
A 1 5   ALA 5   5   ?   ?   ?   A . n 
A 1 6   SER 6   6   ?   ?   ?   A . n 
A 1 7   SER 7   7   ?   ?   ?   A . n 
A 1 8   GLU 8   8   ?   ?   ?   A . n 
A 1 9   GLN 9   9   ?   ?   ?   A . n 
A 1 10  PRO 10  10  ?   ?   ?   A . n 
A 1 11  ALA 11  11  ?   ?   ?   A . n 
A 1 12  GLY 12  12  12  GLY GLY A . n 
A 1 13  GLY 13  13  13  GLY GLY A . n 
A 1 14  GLU 14  14  14  GLU GLU A . n 
A 1 15  GLY 15  15  15  GLY GLY A . n 
A 1 16  PHE 16  16  16  PHE PHE A . n 
A 1 17  HIS 17  17  17  HIS HIS A . n 
A 1 18  LEU 18  18  18  LEU LEU A . n 
A 1 19  HIS 19  19  19  HIS HIS A . n 
A 1 20  GLY 20  20  20  GLY GLY A . n 
A 1 21  VAL 21  21  21  VAL VAL A . n 
A 1 22  GLN 22  22  22  GLN GLN A . n 
A 1 23  GLU 23  23  23  GLU GLU A . n 
A 1 24  ASN 24  24  24  ASN ASN A . n 
A 1 25  SER 25  25  25  SER SER A . n 
A 1 26  PRO 26  26  26  PRO PRO A . n 
A 1 27  ALA 27  27  27  ALA ALA A . n 
A 1 28  GLN 28  28  28  GLN GLN A . n 
A 1 29  GLN 29  29  29  GLN GLN A . n 
A 1 30  ALA 30  30  30  ALA ALA A . n 
A 1 31  GLY 31  31  31  GLY GLY A . n 
A 1 32  LEU 32  32  32  LEU LEU A . n 
A 1 33  GLU 33  33  33  GLU GLU A . n 
A 1 34  PRO 34  34  34  PRO PRO A . n 
A 1 35  TYR 35  35  35  TYR TYR A . n 
A 1 36  PHE 36  36  36  PHE PHE A . n 
A 1 37  ASP 37  37  37  ASP ASP A . n 
A 1 38  PHE 38  38  38  PHE PHE A . n 
A 1 39  ILE 39  39  39  ILE ILE A . n 
A 1 40  ILE 40  40  40  ILE ILE A . n 
A 1 41  THR 41  41  41  THR THR A . n 
A 1 42  ILE 42  42  42  ILE ILE A . n 
A 1 43  GLY 43  43  43  GLY GLY A . n 
A 1 44  HIS 44  44  44  HIS HIS A . n 
A 1 45  SER 45  45  45  SER SER A . n 
A 1 46  ARG 46  46  46  ARG ARG A . n 
A 1 47  LEU 47  47  47  LEU LEU A . n 
A 1 48  ASN 48  48  48  ASN ASN A . n 
A 1 49  LYS 49  49  49  LYS LYS A . n 
A 1 50  GLU 50  50  50  GLU GLU A . n 
A 1 51  ASN 51  51  51  ASN ASN A . n 
A 1 52  ASP 52  52  52  ASP ASP A . n 
A 1 53  THR 53  53  53  THR THR A . n 
A 1 54  LEU 54  54  54  LEU LEU A . n 
A 1 55  LYS 55  55  55  LYS LYS A . n 
A 1 56  ALA 56  56  56  ALA ALA A . n 
A 1 57  LEU 57  57  57  LEU LEU A . n 
A 1 58  LEU 58  58  58  LEU LEU A . n 
A 1 59  LYS 59  59  59  LYS LYS A . n 
A 1 60  ALA 60  60  60  ALA ALA A . n 
A 1 61  ASN 61  61  61  ASN ASN A . n 
A 1 62  VAL 62  62  62  VAL VAL A . n 
A 1 63  GLU 63  63  63  GLU GLU A . n 
A 1 64  LYS 64  64  64  LYS LYS A . n 
A 1 65  PRO 65  65  65  PRO PRO A . n 
A 1 66  VAL 66  66  66  VAL VAL A . n 
A 1 67  LYS 67  67  67  LYS LYS A . n 
A 1 68  LEU 68  68  68  LEU LEU A . n 
A 1 69  GLU 69  69  69  GLU GLU A . n 
A 1 70  VAL 70  70  70  VAL VAL A . n 
A 1 71  PHE 71  71  71  PHE PHE A . n 
A 1 72  ASN 72  72  72  ASN ASN A . n 
A 1 73  MET 73  73  73  MET MET A . n 
A 1 74  LYS 74  74  74  LYS LYS A . n 
A 1 75  THR 75  75  75  THR THR A . n 
A 1 76  MET 76  76  76  MET MET A . n 
A 1 77  ARG 77  77  77  ARG ARG A . n 
A 1 78  VAL 78  78  78  VAL VAL A . n 
A 1 79  ARG 79  79  79  ARG ARG A . n 
A 1 80  GLU 80  80  80  GLU GLU A . n 
A 1 81  VAL 81  81  81  VAL VAL A . n 
A 1 82  GLU 82  82  82  GLU GLU A . n 
A 1 83  VAL 83  83  83  VAL VAL A . n 
A 1 84  VAL 84  84  84  VAL VAL A . n 
A 1 85  PRO 85  85  85  PRO PRO A . n 
A 1 86  SER 86  86  86  SER SER A . n 
A 1 87  ASN 87  87  87  ASN ASN A . n 
A 1 88  MET 88  88  88  MET MET A . n 
A 1 89  TRP 89  89  89  TRP TRP A . n 
A 1 90  GLY 90  90  90  GLY GLY A . n 
A 1 91  GLY 91  91  91  GLY GLY A . n 
A 1 92  GLN 92  92  92  GLN GLN A . n 
A 1 93  GLY 93  93  93  GLY GLY A . n 
A 1 94  LEU 94  94  94  LEU LEU A . n 
A 1 95  LEU 95  95  95  LEU LEU A . n 
A 1 96  GLY 96  96  96  GLY GLY A . n 
A 1 97  ALA 97  97  97  ALA ALA A . n 
A 1 98  SER 98  98  98  SER SER A . n 
A 1 99  VAL 99  99  99  VAL VAL A . n 
A 1 100 ARG 100 100 100 ARG ARG A . n 
A 1 101 PHE 101 101 101 PHE PHE A . n 
A 1 102 CYS 102 102 102 CYS CYS A . n 
A 1 103 SER 103 103 103 SER SER A . n 
A 1 104 PHE 104 104 104 PHE PHE A . n 
A 1 105 ARG 105 105 105 ARG ARG A . n 
A 1 106 ARG 106 106 106 ARG ARG A . n 
A 1 107 ALA 107 107 107 ALA ALA A . n 
A 1 108 SER 108 108 108 SER SER A . n 
A 1 109 GLU 109 109 109 GLU GLU A . n 
A 1 110 HIS 110 110 110 HIS HIS A . n 
A 1 111 VAL 111 111 111 VAL VAL A . n 
A 1 112 TRP 112 112 112 TRP TRP A . n 
A 1 113 HIS 113 113 113 HIS HIS A . n 
A 1 114 VAL 114 114 114 VAL VAL A . n 
A 1 115 LEU 115 115 115 LEU LEU A . n 
A 1 116 ASP 116 116 116 ASP ASP A . n 
A 1 117 VAL 117 117 117 VAL VAL A . n 
A 1 118 GLU 118 118 118 GLU GLU A . n 
A 1 119 PRO 119 119 119 PRO PRO A . n 
A 1 120 SER 120 120 120 SER SER A . n 
A 1 121 SER 121 121 121 SER SER A . n 
A 1 122 PRO 122 122 122 PRO PRO A . n 
A 1 123 ALA 123 123 123 ALA ALA A . n 
A 1 124 ALA 124 124 124 ALA ALA A . n 
A 1 125 LEU 125 125 125 LEU LEU A . n 
A 1 126 ALA 126 126 126 ALA ALA A . n 
A 1 127 GLY 127 127 127 GLY GLY A . n 
A 1 128 LEU 128 128 128 LEU LEU A . n 
A 1 129 ARG 129 129 129 ARG ARG A . n 
A 1 130 PRO 130 130 130 PRO PRO A . n 
A 1 131 TYR 131 131 131 TYR TYR A . n 
A 1 132 THR 132 132 132 THR THR A . n 
A 1 133 ASP 133 133 133 ASP ASP A . n 
A 1 134 TYR 134 134 134 TYR TYR A . n 
A 1 135 ILE 135 135 135 ILE ILE A . n 
A 1 136 VAL 136 136 136 VAL VAL A . n 
A 1 137 GLY 137 137 137 GLY GLY A . n 
A 1 138 SER 138 138 138 SER SER A . n 
A 1 139 ASP 139 139 139 ASP ASP A . n 
A 1 140 GLN 140 140 140 GLN GLN A . n 
A 1 141 ILE 141 141 141 ILE ILE A . n 
A 1 142 LEU 142 142 142 LEU LEU A . n 
A 1 143 GLN 143 143 143 GLN GLN A . n 
A 1 144 GLU 144 144 144 GLU GLU A . n 
A 1 145 SER 145 145 145 SER SER A . n 
A 1 146 GLU 146 146 146 GLU GLU A . n 
A 1 147 ASP 147 147 147 ASP ASP A . n 
A 1 148 PHE 148 148 148 PHE PHE A . n 
A 1 149 PHE 149 149 149 PHE PHE A . n 
A 1 150 THR 150 150 150 THR THR A . n 
A 1 151 LEU 151 151 151 LEU LEU A . n 
A 1 152 ILE 152 152 152 ILE ILE A . n 
A 1 153 GLU 153 153 153 GLU GLU A . n 
A 1 154 SER 154 154 154 SER SER A . n 
A 1 155 HIS 155 155 155 HIS HIS A . n 
A 1 156 GLU 156 156 156 GLU GLU A . n 
A 1 157 GLY 157 157 157 GLY GLY A . n 
A 1 158 LYS 158 158 158 LYS LYS A . n 
A 1 159 PRO 159 159 159 PRO PRO A . n 
A 1 160 LEU 160 160 160 LEU LEU A . n 
A 1 161 LYS 161 161 161 LYS LYS A . n 
A 1 162 LEU 162 162 162 LEU LEU A . n 
A 1 163 MET 163 163 163 MET MET A . n 
A 1 164 VAL 164 164 164 VAL VAL A . n 
A 1 165 TYR 165 165 165 TYR TYR A . n 
A 1 166 ASN 166 166 166 ASN ASN A . n 
A 1 167 SER 167 167 167 SER SER A . n 
A 1 168 GLU 168 168 168 GLU GLU A . n 
A 1 169 SER 169 169 169 SER SER A . n 
A 1 170 ASP 170 170 170 ASP ASP A . n 
A 1 171 SER 171 171 171 SER SER A . n 
A 1 172 CYS 172 172 172 CYS CYS A . n 
A 1 173 ARG 173 173 173 ARG ARG A . n 
A 1 174 GLU 174 174 174 GLU GLU A . n 
A 1 175 VAL 175 175 175 VAL VAL A . n 
A 1 176 THR 176 176 176 THR THR A . n 
A 1 177 VAL 177 177 177 VAL VAL A . n 
A 1 178 THR 178 178 178 THR THR A . n 
A 1 179 PRO 179 179 179 PRO PRO A . n 
A 1 180 ASN 180 180 180 ASN ASN A . n 
A 1 181 ALA 181 181 181 ALA ALA A . n 
A 1 182 ALA 182 182 182 ALA ALA A . n 
A 1 183 TRP 183 183 183 TRP TRP A . n 
A 1 184 GLY 184 184 184 GLY GLY A . n 
A 1 185 GLY 185 185 185 GLY GLY A . n 
A 1 186 GLU 186 186 186 GLU GLU A . n 
A 1 187 GLY 187 187 187 GLY GLY A . n 
A 1 188 SER 188 188 188 SER SER A . n 
A 1 189 LEU 189 189 189 LEU LEU A . n 
A 1 190 GLY 190 190 190 GLY GLY A . n 
A 1 191 CYS 191 191 191 CYS CYS A . n 
A 1 192 GLY 192 192 192 GLY GLY A . n 
A 1 193 ILE 193 193 193 ILE ILE A . n 
A 1 194 GLY 194 194 194 GLY GLY A . n 
A 1 195 TYR 195 195 195 TYR TYR A . n 
A 1 196 GLY 196 196 196 GLY GLY A . n 
A 1 197 TYR 197 197 197 TYR TYR A . n 
A 1 198 LEU 198 198 198 LEU LEU A . n 
A 1 199 HIS 199 199 199 HIS HIS A . n 
A 1 200 ARG 200 200 200 ARG ARG A . n 
A 1 201 ILE 201 201 201 ILE ILE A . n 
A 1 202 PRO 202 202 202 PRO PRO A . n 
A 1 203 THR 203 203 203 THR THR A . n 
A 1 204 GLN 204 204 204 GLN GLN A . n 
A 1 205 PRO 205 205 205 PRO PRO A . n 
A 1 206 SER 206 206 206 SER SER A . n 
A 1 207 SER 207 207 207 SER SER A . n 
A 1 208 GLN 208 208 208 GLN GLN A . n 
A 1 209 TYR 209 209 209 TYR TYR A . n 
A 1 210 LYS 210 210 210 LYS LYS A . n 
# 
loop_
_pdbx_nonpoly_scheme.asym_id 
_pdbx_nonpoly_scheme.entity_id 
_pdbx_nonpoly_scheme.mon_id 
_pdbx_nonpoly_scheme.ndb_seq_num 
_pdbx_nonpoly_scheme.pdb_seq_num 
_pdbx_nonpoly_scheme.auth_seq_num 
_pdbx_nonpoly_scheme.pdb_mon_id 
_pdbx_nonpoly_scheme.auth_mon_id 
_pdbx_nonpoly_scheme.pdb_strand_id 
_pdbx_nonpoly_scheme.pdb_ins_code 
B 2 ZN  1  301 1  ZN  ZN  A . 
C 3 CL  1  302 2  CL  CL  A . 
D 4 HOH 1  401 1  HOH HOH A . 
D 4 HOH 2  402 2  HOH HOH A . 
D 4 HOH 3  403 3  HOH HOH A . 
D 4 HOH 4  404 4  HOH HOH A . 
D 4 HOH 5  405 5  HOH HOH A . 
D 4 HOH 6  406 6  HOH HOH A . 
D 4 HOH 7  407 7  HOH HOH A . 
D 4 HOH 8  408 8  HOH HOH A . 
D 4 HOH 9  409 9  HOH HOH A . 
D 4 HOH 10 410 10 HOH HOH A . 
D 4 HOH 11 411 11 HOH HOH A . 
D 4 HOH 12 412 12 HOH HOH A . 
D 4 HOH 13 413 13 HOH HOH A . 
D 4 HOH 14 414 14 HOH HOH A . 
D 4 HOH 15 415 15 HOH HOH A . 
D 4 HOH 16 416 16 HOH HOH A . 
D 4 HOH 17 417 17 HOH HOH A . 
D 4 HOH 18 418 18 HOH HOH A . 
D 4 HOH 19 419 19 HOH HOH A . 
D 4 HOH 20 420 20 HOH HOH A . 
D 4 HOH 21 421 21 HOH HOH A . 
D 4 HOH 22 422 22 HOH HOH A . 
D 4 HOH 23 423 23 HOH HOH A . 
D 4 HOH 24 424 24 HOH HOH A . 
D 4 HOH 25 425 25 HOH HOH A . 
D 4 HOH 26 426 26 HOH HOH A . 
D 4 HOH 27 427 27 HOH HOH A . 
D 4 HOH 28 428 28 HOH HOH A . 
D 4 HOH 29 429 29 HOH HOH A . 
D 4 HOH 30 430 30 HOH HOH A . 
D 4 HOH 31 431 31 HOH HOH A . 
D 4 HOH 32 432 32 HOH HOH A . 
D 4 HOH 33 433 33 HOH HOH A . 
D 4 HOH 34 434 34 HOH HOH A . 
D 4 HOH 35 435 35 HOH HOH A . 
D 4 HOH 36 436 36 HOH HOH A . 
D 4 HOH 37 437 37 HOH HOH A . 
D 4 HOH 38 438 38 HOH HOH A . 
D 4 HOH 39 439 39 HOH HOH A . 
D 4 HOH 40 440 40 HOH HOH A . 
D 4 HOH 41 441 41 HOH HOH A . 
D 4 HOH 42 442 42 HOH HOH A . 
D 4 HOH 43 443 43 HOH HOH A . 
D 4 HOH 44 444 44 HOH HOH A . 
D 4 HOH 45 445 45 HOH HOH A . 
D 4 HOH 46 446 46 HOH HOH A . 
D 4 HOH 47 447 47 HOH HOH A . 
D 4 HOH 48 448 48 HOH HOH A . 
D 4 HOH 49 449 49 HOH HOH A . 
D 4 HOH 50 450 50 HOH HOH A . 
D 4 HOH 51 451 51 HOH HOH A . 
D 4 HOH 52 452 52 HOH HOH A . 
D 4 HOH 53 453 53 HOH HOH A . 
D 4 HOH 54 454 54 HOH HOH A . 
D 4 HOH 55 455 55 HOH HOH A . 
D 4 HOH 56 456 56 HOH HOH A . 
D 4 HOH 57 457 57 HOH HOH A . 
D 4 HOH 58 458 58 HOH HOH A . 
D 4 HOH 59 459 59 HOH HOH A . 
D 4 HOH 60 460 60 HOH HOH A . 
D 4 HOH 61 461 61 HOH HOH A . 
D 4 HOH 62 462 62 HOH HOH A . 
D 4 HOH 63 463 63 HOH HOH A . 
D 4 HOH 64 464 64 HOH HOH A . 
D 4 HOH 65 465 65 HOH HOH A . 
D 4 HOH 66 466 66 HOH HOH A . 
D 4 HOH 67 467 67 HOH HOH A . 
D 4 HOH 68 468 68 HOH HOH A . 
D 4 HOH 69 469 69 HOH HOH A . 
D 4 HOH 70 470 70 HOH HOH A . 
D 4 HOH 71 471 71 HOH HOH A . 
D 4 HOH 72 472 72 HOH HOH A . 
D 4 HOH 73 473 73 HOH HOH A . 
D 4 HOH 74 474 74 HOH HOH A . 
D 4 HOH 75 475 75 HOH HOH A . 
D 4 HOH 76 476 76 HOH HOH A . 
D 4 HOH 77 477 77 HOH HOH A . 
D 4 HOH 78 478 78 HOH HOH A . 
D 4 HOH 79 479 79 HOH HOH A . 
D 4 HOH 80 480 80 HOH HOH A . 
D 4 HOH 81 481 81 HOH HOH A . 
D 4 HOH 82 482 82 HOH HOH A . 
D 4 HOH 83 483 83 HOH HOH A . 
D 4 HOH 84 484 84 HOH HOH A . 
D 4 HOH 85 485 85 HOH HOH A . 
D 4 HOH 86 486 86 HOH HOH A . 
D 4 HOH 87 487 87 HOH HOH A . 
D 4 HOH 88 488 88 HOH HOH A . 
D 4 HOH 89 489 89 HOH HOH A . 
D 4 HOH 90 490 90 HOH HOH A . 
D 4 HOH 91 491 91 HOH HOH A . 
D 4 HOH 92 492 92 HOH HOH A . 
D 4 HOH 93 493 93 HOH HOH A . 
D 4 HOH 94 494 94 HOH HOH A . 
D 4 HOH 95 495 95 HOH HOH A . 
D 4 HOH 96 496 96 HOH HOH A . 
D 4 HOH 97 497 97 HOH HOH A . 
# 
loop_
_software.name 
_software.classification 
_software.version 
_software.citation_id 
_software.pdbx_ordinal 
HKL-2000 'data collection' .                            ? 1 
PHENIX   refinement        '(phenix.refine: 1.7.3_928)' ? 2 
HKL-2000 'data reduction'  .                            ? 3 
HKL-2000 'data scaling'    .                            ? 4 
# 
_cell.entry_id           4KFV 
_cell.length_a           44.989 
_cell.length_b           104.287 
_cell.length_c           37.932 
_cell.angle_alpha        90.00 
_cell.angle_beta         90.00 
_cell.angle_gamma        90.00 
_cell.Z_PDB              4 
_cell.pdbx_unique_axis   ? 
_cell.length_a_esd       ? 
_cell.length_b_esd       ? 
_cell.length_c_esd       ? 
_cell.angle_alpha_esd    ? 
_cell.angle_beta_esd     ? 
_cell.angle_gamma_esd    ? 
# 
_symmetry.entry_id                         4KFV 
_symmetry.space_group_name_H-M             'P 21 21 2' 
_symmetry.pdbx_full_space_group_name_H-M   ? 
_symmetry.cell_setting                     ? 
_symmetry.Int_Tables_number                18 
_symmetry.space_group_name_Hall            ? 
# 
_exptl.entry_id          4KFV 
_exptl.method            'X-RAY DIFFRACTION' 
_exptl.crystals_number   1 
# 
_exptl_crystal.id                    1 
_exptl_crystal.density_meas          ? 
_exptl_crystal.density_Matthews      1.93 
_exptl_crystal.density_percent_sol   36.27 
_exptl_crystal.description           ? 
_exptl_crystal.F_000                 ? 
_exptl_crystal.preparation           ? 
# 
_exptl_crystal_grow.crystal_id      1 
_exptl_crystal_grow.method          'LIQUID DIFFUSION' 
_exptl_crystal_grow.temp            293 
_exptl_crystal_grow.temp_details    ? 
_exptl_crystal_grow.pH              5.5 
_exptl_crystal_grow.pdbx_details    
;0.1 M Bis-Tris (pH 5.5) 
25% PEG3350, LIQUID DIFFUSION, temperature 293K
;
_exptl_crystal_grow.pdbx_pH_range   . 
# 
_diffrn.id                     1 
_diffrn.ambient_temp           ? 
_diffrn.ambient_temp_details   ? 
_diffrn.crystal_id             1 
# 
_diffrn_detector.diffrn_id              1 
_diffrn_detector.detector               CCD 
_diffrn_detector.type                   'MAR CCD 165 mm' 
_diffrn_detector.pdbx_collection_date   2012-09-10 
_diffrn_detector.details                ? 
# 
_diffrn_radiation.diffrn_id                        1 
_diffrn_radiation.wavelength_id                    1 
_diffrn_radiation.pdbx_monochromatic_or_laue_m_l   M 
_diffrn_radiation.monochromator                    ? 
_diffrn_radiation.pdbx_diffrn_protocol             'SINGLE WAVELENGTH' 
_diffrn_radiation.pdbx_scattering_type             x-ray 
# 
_diffrn_radiation_wavelength.id           1 
_diffrn_radiation_wavelength.wavelength   0.9795 
_diffrn_radiation_wavelength.wt           1.0 
# 
_diffrn_source.diffrn_id                   1 
_diffrn_source.source                      SYNCHROTRON 
_diffrn_source.type                        'BSRF BEAMLINE 3W1A' 
_diffrn_source.pdbx_synchrotron_site       BSRF 
_diffrn_source.pdbx_synchrotron_beamline   3W1A 
_diffrn_source.pdbx_wavelength             ? 
_diffrn_source.pdbx_wavelength_list        0.9795 
# 
_reflns.entry_id                     4KFV 
_reflns.observed_criterion_sigma_I   2.2 
_reflns.observed_criterion_sigma_F   2.2 
_reflns.d_resolution_low             40 
_reflns.d_resolution_high            2.2 
_reflns.number_obs                   9540 
_reflns.number_all                   60785 
_reflns.percent_possible_obs         99.3 
_reflns.pdbx_Rmerge_I_obs            ? 
_reflns.pdbx_Rsym_value              ? 
_reflns.pdbx_netI_over_sigmaI        ? 
_reflns.B_iso_Wilson_estimate        ? 
_reflns.pdbx_redundancy              ? 
_reflns.R_free_details               ? 
_reflns.limit_h_max                  ? 
_reflns.limit_h_min                  ? 
_reflns.limit_k_max                  ? 
_reflns.limit_k_min                  ? 
_reflns.limit_l_max                  ? 
_reflns.limit_l_min                  ? 
_reflns.observed_criterion_F_max     ? 
_reflns.observed_criterion_F_min     ? 
_reflns.pdbx_chi_squared             ? 
_reflns.pdbx_scaling_rejects         ? 
_reflns.pdbx_ordinal                 1 
_reflns.pdbx_diffrn_id               1 
# 
loop_
_reflns_shell.d_res_high 
_reflns_shell.d_res_low 
_reflns_shell.percent_possible_all 
_reflns_shell.Rmerge_I_obs 
_reflns_shell.pdbx_Rsym_value 
_reflns_shell.meanI_over_sigI_obs 
_reflns_shell.pdbx_redundancy 
_reflns_shell.percent_possible_obs 
_reflns_shell.number_unique_all 
_reflns_shell.number_measured_all 
_reflns_shell.number_measured_obs 
_reflns_shell.number_unique_obs 
_reflns_shell.pdbx_chi_squared 
_reflns_shell.pdbx_rejects 
_reflns_shell.pdbx_netI_over_sigmaI_obs 
_reflns_shell.number_possible 
_reflns_shell.Rmerge_F_all 
_reflns_shell.Rmerge_F_obs 
_reflns_shell.Rmerge_I_all 
_reflns_shell.meanI_over_sigI_all 
_reflns_shell.pdbx_Rrim_I_all 
_reflns_shell.pdbx_Rpim_I_all 
_reflns_shell.pdbx_ordinal 
_reflns_shell.pdbx_diffrn_id 
2.20 2.42 96.5 ? ? ? ? ? ? ? ? ? ? ? ? ? ? ? ? ? ? ? 1 1 
2.42 2.99 100  ? ? ? ? ? ? ? ? ? ? ? ? ? ? ? ? ? ? ? 2 1 
2.94 3.76 99.3 ? ? ? ? ? ? ? ? ? ? ? ? ? ? ? ? ? ? ? 3 1 
3.76 4.74 99   ? ? ? ? ? ? ? ? ? ? ? ? ? ? ? ? ? ? ? 4 1 
4.74 5.97 100  ? ? ? ? ? ? ? ? ? ? ? ? ? ? ? ? ? ? ? 5 1 
5.97 40   98.2 ? ? ? ? ? ? ? ? ? ? ? ? ? ? ? ? ? ? ? 6 1 
# 
_refine.entry_id                                 4KFV 
_refine.ls_number_reflns_obs                     9497 
_refine.ls_number_reflns_all                     9540 
_refine.pdbx_ls_sigma_I                          ? 
_refine.pdbx_ls_sigma_F                          1.34 
_refine.pdbx_data_cutoff_high_absF               ? 
_refine.pdbx_data_cutoff_low_absF                ? 
_refine.pdbx_data_cutoff_high_rms_absF           ? 
_refine.ls_d_res_low                             34.063 
_refine.ls_d_res_high                            2.200 
_refine.ls_percent_reflns_obs                    99.09 
_refine.ls_R_factor_obs                          0.2171 
_refine.ls_R_factor_all                          ? 
_refine.ls_R_factor_R_work                       0.2139 
_refine.ls_R_factor_R_free                       0.2826 
_refine.ls_R_factor_R_free_error                 ? 
_refine.ls_R_factor_R_free_error_details         ? 
_refine.ls_percent_reflns_R_free                 4.77 
_refine.ls_number_reflns_R_free                  453 
_refine.ls_number_parameters                     ? 
_refine.ls_number_restraints                     ? 
_refine.occupancy_min                            ? 
_refine.occupancy_max                            ? 
_refine.correlation_coeff_Fo_to_Fc               ? 
_refine.correlation_coeff_Fo_to_Fc_free          ? 
_refine.B_iso_mean                               ? 
_refine.aniso_B[1][1]                            -2.6059 
_refine.aniso_B[2][2]                            0.4458 
_refine.aniso_B[3][3]                            2.1601 
_refine.aniso_B[1][2]                            0.0000 
_refine.aniso_B[1][3]                            0.0000 
_refine.aniso_B[2][3]                            0.0000 
_refine.solvent_model_details                    'FLAT BULK SOLVENT MODEL' 
_refine.solvent_model_param_ksol                 0.321 
_refine.solvent_model_param_bsol                 22.990 
_refine.pdbx_solvent_vdw_probe_radii             1.20 
_refine.pdbx_solvent_ion_probe_radii             ? 
_refine.pdbx_solvent_shrinkage_radii             0.98 
_refine.pdbx_ls_cross_valid_method               ? 
_refine.details                                  ? 
_refine.pdbx_starting_model                      ? 
_refine.pdbx_method_to_determine_struct          'MOLECULAR REPLACEMENT' 
_refine.pdbx_isotropic_thermal_model             ? 
_refine.pdbx_stereochemistry_target_values       ML 
_refine.pdbx_stereochem_target_val_spec_case     ? 
_refine.pdbx_R_Free_selection_details            RANDOM 
_refine.pdbx_overall_ESU_R                       ? 
_refine.pdbx_overall_ESU_R_Free                  ? 
_refine.overall_SU_ML                            0.34 
_refine.pdbx_overall_phase_error                 26.20 
_refine.overall_SU_B                             ? 
_refine.overall_SU_R_Cruickshank_DPI             ? 
_refine.ls_redundancy_reflns_obs                 ? 
_refine.B_iso_min                                ? 
_refine.B_iso_max                                ? 
_refine.overall_SU_R_free                        ? 
_refine.ls_wR_factor_R_free                      ? 
_refine.ls_wR_factor_R_work                      ? 
_refine.overall_FOM_free_R_set                   ? 
_refine.overall_FOM_work_R_set                   ? 
_refine.pdbx_diffrn_id                           1 
_refine.pdbx_refine_id                           'X-RAY DIFFRACTION' 
_refine.pdbx_TLS_residual_ADP_flag               ? 
_refine.pdbx_overall_SU_R_free_Cruickshank_DPI   ? 
_refine.pdbx_overall_SU_R_Blow_DPI               ? 
_refine.pdbx_overall_SU_R_free_Blow_DPI          ? 
# 
_refine_hist.pdbx_refine_id                   'X-RAY DIFFRACTION' 
_refine_hist.cycle_id                         LAST 
_refine_hist.pdbx_number_atoms_protein        1549 
_refine_hist.pdbx_number_atoms_nucleic_acid   0 
_refine_hist.pdbx_number_atoms_ligand         2 
_refine_hist.number_atoms_solvent             97 
_refine_hist.number_atoms_total               1648 
_refine_hist.d_res_high                       2.200 
_refine_hist.d_res_low                        34.063 
# 
loop_
_refine_ls_restr.type 
_refine_ls_restr.dev_ideal 
_refine_ls_restr.dev_ideal_target 
_refine_ls_restr.weight 
_refine_ls_restr.number 
_refine_ls_restr.pdbx_restraint_function 
_refine_ls_restr.pdbx_refine_id 
f_bond_d           0.008  ? ? 1587 ? 'X-RAY DIFFRACTION' 
f_angle_d          1.149  ? ? 2150 ? 'X-RAY DIFFRACTION' 
f_dihedral_angle_d 17.372 ? ? 582  ? 'X-RAY DIFFRACTION' 
f_chiral_restr     0.084  ? ? 229  ? 'X-RAY DIFFRACTION' 
f_plane_restr      0.005  ? ? 283  ? 'X-RAY DIFFRACTION' 
# 
loop_
_refine_ls_shell.pdbx_refine_id 
_refine_ls_shell.pdbx_total_number_of_bins_used 
_refine_ls_shell.d_res_high 
_refine_ls_shell.d_res_low 
_refine_ls_shell.number_reflns_R_work 
_refine_ls_shell.R_factor_R_work 
_refine_ls_shell.percent_reflns_obs 
_refine_ls_shell.R_factor_R_free 
_refine_ls_shell.R_factor_R_free_error 
_refine_ls_shell.percent_reflns_R_free 
_refine_ls_shell.number_reflns_R_free 
_refine_ls_shell.number_reflns_all 
_refine_ls_shell.R_factor_all 
_refine_ls_shell.number_reflns_obs 
_refine_ls_shell.redundancy_reflns_obs 
'X-RAY DIFFRACTION' 3 2.20   2.5178  2913 0.2404 98.00  0.3401 . . 148 . . . . 
'X-RAY DIFFRACTION' 3 2.5178 3.1718  2992 0.2252 100.00 0.3117 . . 162 . . . . 
'X-RAY DIFFRACTION' 3 3.1718 34.0670 3139 0.2019 99.00  0.2483 . . 143 . . . . 
# 
_struct.entry_id                  4KFV 
_struct.title                     'Structural insight into Golgi membrane stacking by GRASP65 and GRASP55' 
_struct.pdbx_model_details        ? 
_struct.pdbx_CASP_flag            ? 
_struct.pdbx_model_type_details   ? 
# 
_struct_keywords.entry_id        4KFV 
_struct_keywords.pdbx_keywords   'SIGNALING PROTEIN' 
_struct_keywords.text            'PDZ Domain, Golgi stacking protein, Golgi, SIGNALING PROTEIN' 
# 
loop_
_struct_asym.id 
_struct_asym.pdbx_blank_PDB_chainid_flag 
_struct_asym.pdbx_modified 
_struct_asym.entity_id 
_struct_asym.details 
A N N 1 ? 
B N N 2 ? 
C N N 3 ? 
D N N 4 ? 
# 
_struct_ref.id                         1 
_struct_ref.db_name                    UNP 
_struct_ref.db_code                    B1WBR1_RAT 
_struct_ref.pdbx_db_accession          B1WBR1 
_struct_ref.entity_id                  1 
_struct_ref.pdbx_seq_one_letter_code   
;MGLGASSEQPAGGEGFHLHGVQENSPAQQAGLEPYFDFIITIGHSRLNKENDTLKALLKANVEKPVKLEVFNMKTMRVRE
VEVVPSNMWGGQGLLGASVRFCSFRRASEHVWHVLDVEPSSPAALAGLRPYTDYIVGSDQILQESEDFFTLIESHEGKPL
KLMVYNSESDSCREVTVTPNAAWGGEGSLGCGIGYGYLHRIPTQPSSQYK
;
_struct_ref.pdbx_align_begin           1 
_struct_ref.pdbx_db_isoform            ? 
# 
_struct_ref_seq.align_id                      1 
_struct_ref_seq.ref_id                        1 
_struct_ref_seq.pdbx_PDB_id_code              4KFV 
_struct_ref_seq.pdbx_strand_id                A 
_struct_ref_seq.seq_align_beg                 1 
_struct_ref_seq.pdbx_seq_align_beg_ins_code   ? 
_struct_ref_seq.seq_align_end                 210 
_struct_ref_seq.pdbx_seq_align_end_ins_code   ? 
_struct_ref_seq.pdbx_db_accession             B1WBR1 
_struct_ref_seq.db_align_beg                  1 
_struct_ref_seq.pdbx_db_align_beg_ins_code    ? 
_struct_ref_seq.db_align_end                  210 
_struct_ref_seq.pdbx_db_align_end_ins_code    ? 
_struct_ref_seq.pdbx_auth_seq_align_beg       1 
_struct_ref_seq.pdbx_auth_seq_align_end       210 
# 
_pdbx_struct_assembly.id                   1 
_pdbx_struct_assembly.details              author_and_software_defined_assembly 
_pdbx_struct_assembly.method_details       PISA 
_pdbx_struct_assembly.oligomeric_details   monomeric 
_pdbx_struct_assembly.oligomeric_count     1 
# 
_pdbx_struct_assembly_gen.assembly_id       1 
_pdbx_struct_assembly_gen.oper_expression   1 
_pdbx_struct_assembly_gen.asym_id_list      A,B,C,D 
# 
_pdbx_struct_oper_list.id                   1 
_pdbx_struct_oper_list.type                 'identity operation' 
_pdbx_struct_oper_list.name                 1_555 
_pdbx_struct_oper_list.symmetry_operation   x,y,z 
_pdbx_struct_oper_list.matrix[1][1]         1.0000000000 
_pdbx_struct_oper_list.matrix[1][2]         0.0000000000 
_pdbx_struct_oper_list.matrix[1][3]         0.0000000000 
_pdbx_struct_oper_list.vector[1]            0.0000000000 
_pdbx_struct_oper_list.matrix[2][1]         0.0000000000 
_pdbx_struct_oper_list.matrix[2][2]         1.0000000000 
_pdbx_struct_oper_list.matrix[2][3]         0.0000000000 
_pdbx_struct_oper_list.vector[2]            0.0000000000 
_pdbx_struct_oper_list.matrix[3][1]         0.0000000000 
_pdbx_struct_oper_list.matrix[3][2]         0.0000000000 
_pdbx_struct_oper_list.matrix[3][3]         1.0000000000 
_pdbx_struct_oper_list.vector[3]            0.0000000000 
# 
_struct_biol.id        1 
_struct_biol.details   ? 
# 
loop_
_struct_conf.conf_type_id 
_struct_conf.id 
_struct_conf.pdbx_PDB_helix_id 
_struct_conf.beg_label_comp_id 
_struct_conf.beg_label_asym_id 
_struct_conf.beg_label_seq_id 
_struct_conf.pdbx_beg_PDB_ins_code 
_struct_conf.end_label_comp_id 
_struct_conf.end_label_asym_id 
_struct_conf.end_label_seq_id 
_struct_conf.pdbx_end_PDB_ins_code 
_struct_conf.beg_auth_comp_id 
_struct_conf.beg_auth_asym_id 
_struct_conf.beg_auth_seq_id 
_struct_conf.end_auth_comp_id 
_struct_conf.end_auth_asym_id 
_struct_conf.end_auth_seq_id 
_struct_conf.pdbx_PDB_helix_class 
_struct_conf.details 
_struct_conf.pdbx_PDB_helix_length 
HELX_P HELX_P1 1 SER A 25  ? ALA A 30  ? SER A 25  ALA A 30  1 ? 6  
HELX_P HELX_P2 2 ASP A 52  ? ASN A 61  ? ASP A 52  ASN A 61  1 ? 10 
HELX_P HELX_P3 3 SER A 103 ? HIS A 110 ? SER A 103 HIS A 110 1 ? 8  
HELX_P HELX_P4 4 SER A 121 ? GLY A 127 ? SER A 121 GLY A 127 1 ? 7  
HELX_P HELX_P5 5 ASP A 147 ? HIS A 155 ? ASP A 147 HIS A 155 1 ? 9  
# 
_struct_conf_type.id          HELX_P 
_struct_conf_type.criteria    ? 
_struct_conf_type.reference   ? 
# 
loop_
_struct_conn.id 
_struct_conn.conn_type_id 
_struct_conn.pdbx_leaving_atom_flag 
_struct_conn.pdbx_PDB_id 
_struct_conn.ptnr1_label_asym_id 
_struct_conn.ptnr1_label_comp_id 
_struct_conn.ptnr1_label_seq_id 
_struct_conn.ptnr1_label_atom_id 
_struct_conn.pdbx_ptnr1_label_alt_id 
_struct_conn.pdbx_ptnr1_PDB_ins_code 
_struct_conn.pdbx_ptnr1_standard_comp_id 
_struct_conn.ptnr1_symmetry 
_struct_conn.ptnr2_label_asym_id 
_struct_conn.ptnr2_label_comp_id 
_struct_conn.ptnr2_label_seq_id 
_struct_conn.ptnr2_label_atom_id 
_struct_conn.pdbx_ptnr2_label_alt_id 
_struct_conn.pdbx_ptnr2_PDB_ins_code 
_struct_conn.ptnr1_auth_asym_id 
_struct_conn.ptnr1_auth_comp_id 
_struct_conn.ptnr1_auth_seq_id 
_struct_conn.ptnr2_auth_asym_id 
_struct_conn.ptnr2_auth_comp_id 
_struct_conn.ptnr2_auth_seq_id 
_struct_conn.ptnr2_symmetry 
_struct_conn.pdbx_ptnr3_label_atom_id 
_struct_conn.pdbx_ptnr3_label_seq_id 
_struct_conn.pdbx_ptnr3_label_comp_id 
_struct_conn.pdbx_ptnr3_label_asym_id 
_struct_conn.pdbx_ptnr3_label_alt_id 
_struct_conn.pdbx_ptnr3_PDB_ins_code 
_struct_conn.details 
_struct_conn.pdbx_dist_value 
_struct_conn.pdbx_value_order 
_struct_conn.pdbx_role 
metalc1 metalc ? ? A HIS 17  ND1 ? ? ? 1_555 B ZN . ZN ? ? A HIS 17  A ZN 301 1_555 ? ? ? ? ? ? ? 2.347 ? ? 
metalc2 metalc ? ? A HIS 19  NE2 ? ? ? 1_555 B ZN . ZN ? ? A HIS 19  A ZN 301 1_555 ? ? ? ? ? ? ? 2.336 ? ? 
metalc3 metalc ? ? A CYS 102 SG  ? ? ? 1_555 B ZN . ZN ? ? A CYS 102 A ZN 301 1_555 ? ? ? ? ? ? ? 2.477 ? ? 
# 
_struct_conn_type.id          metalc 
_struct_conn_type.criteria    ? 
_struct_conn_type.reference   ? 
# 
loop_
_pdbx_struct_conn_angle.id 
_pdbx_struct_conn_angle.ptnr1_label_atom_id 
_pdbx_struct_conn_angle.ptnr1_label_alt_id 
_pdbx_struct_conn_angle.ptnr1_label_asym_id 
_pdbx_struct_conn_angle.ptnr1_label_comp_id 
_pdbx_struct_conn_angle.ptnr1_label_seq_id 
_pdbx_struct_conn_angle.ptnr1_auth_atom_id 
_pdbx_struct_conn_angle.ptnr1_auth_asym_id 
_pdbx_struct_conn_angle.ptnr1_auth_comp_id 
_pdbx_struct_conn_angle.ptnr1_auth_seq_id 
_pdbx_struct_conn_angle.ptnr1_PDB_ins_code 
_pdbx_struct_conn_angle.ptnr1_symmetry 
_pdbx_struct_conn_angle.ptnr2_label_atom_id 
_pdbx_struct_conn_angle.ptnr2_label_alt_id 
_pdbx_struct_conn_angle.ptnr2_label_asym_id 
_pdbx_struct_conn_angle.ptnr2_label_comp_id 
_pdbx_struct_conn_angle.ptnr2_label_seq_id 
_pdbx_struct_conn_angle.ptnr2_auth_atom_id 
_pdbx_struct_conn_angle.ptnr2_auth_asym_id 
_pdbx_struct_conn_angle.ptnr2_auth_comp_id 
_pdbx_struct_conn_angle.ptnr2_auth_seq_id 
_pdbx_struct_conn_angle.ptnr2_PDB_ins_code 
_pdbx_struct_conn_angle.ptnr2_symmetry 
_pdbx_struct_conn_angle.ptnr3_label_atom_id 
_pdbx_struct_conn_angle.ptnr3_label_alt_id 
_pdbx_struct_conn_angle.ptnr3_label_asym_id 
_pdbx_struct_conn_angle.ptnr3_label_comp_id 
_pdbx_struct_conn_angle.ptnr3_label_seq_id 
_pdbx_struct_conn_angle.ptnr3_auth_atom_id 
_pdbx_struct_conn_angle.ptnr3_auth_asym_id 
_pdbx_struct_conn_angle.ptnr3_auth_comp_id 
_pdbx_struct_conn_angle.ptnr3_auth_seq_id 
_pdbx_struct_conn_angle.ptnr3_PDB_ins_code 
_pdbx_struct_conn_angle.ptnr3_symmetry 
_pdbx_struct_conn_angle.value 
_pdbx_struct_conn_angle.value_esd 
1 ND1 ? A HIS 17 ? A HIS 17 ? 1_555 ZN ? B ZN . ? A ZN 301 ? 1_555 NE2 ? A HIS 19  ? A HIS 19  ? 1_555 104.8 ? 
2 ND1 ? A HIS 17 ? A HIS 17 ? 1_555 ZN ? B ZN . ? A ZN 301 ? 1_555 SG  ? A CYS 102 ? A CYS 102 ? 1_555 122.4 ? 
3 NE2 ? A HIS 19 ? A HIS 19 ? 1_555 ZN ? B ZN . ? A ZN 301 ? 1_555 SG  ? A CYS 102 ? A CYS 102 ? 1_555 110.1 ? 
# 
loop_
_struct_mon_prot_cis.pdbx_id 
_struct_mon_prot_cis.label_comp_id 
_struct_mon_prot_cis.label_seq_id 
_struct_mon_prot_cis.label_asym_id 
_struct_mon_prot_cis.label_alt_id 
_struct_mon_prot_cis.pdbx_PDB_ins_code 
_struct_mon_prot_cis.auth_comp_id 
_struct_mon_prot_cis.auth_seq_id 
_struct_mon_prot_cis.auth_asym_id 
_struct_mon_prot_cis.pdbx_label_comp_id_2 
_struct_mon_prot_cis.pdbx_label_seq_id_2 
_struct_mon_prot_cis.pdbx_label_asym_id_2 
_struct_mon_prot_cis.pdbx_PDB_ins_code_2 
_struct_mon_prot_cis.pdbx_auth_comp_id_2 
_struct_mon_prot_cis.pdbx_auth_seq_id_2 
_struct_mon_prot_cis.pdbx_auth_asym_id_2 
_struct_mon_prot_cis.pdbx_PDB_model_num 
_struct_mon_prot_cis.pdbx_omega_angle 
1 GLY 12  A . ? GLY 12  A GLY 13  A ? GLY 13  A 1 4.53   
2 TYR 209 A . ? TYR 209 A LYS 210 A ? LYS 210 A 1 -15.94 
# 
loop_
_struct_sheet.id 
_struct_sheet.type 
_struct_sheet.number_strands 
_struct_sheet.details 
A ? 4 ? 
B ? 4 ? 
C ? 5 ? 
# 
loop_
_struct_sheet_order.sheet_id 
_struct_sheet_order.range_id_1 
_struct_sheet_order.range_id_2 
_struct_sheet_order.offset 
_struct_sheet_order.sense 
A 1 2 ? anti-parallel 
A 2 3 ? anti-parallel 
A 3 4 ? anti-parallel 
B 1 2 ? anti-parallel 
B 2 3 ? anti-parallel 
B 3 4 ? anti-parallel 
C 1 2 ? anti-parallel 
C 2 3 ? anti-parallel 
C 3 4 ? anti-parallel 
C 4 5 ? anti-parallel 
# 
loop_
_struct_sheet_range.sheet_id 
_struct_sheet_range.id 
_struct_sheet_range.beg_label_comp_id 
_struct_sheet_range.beg_label_asym_id 
_struct_sheet_range.beg_label_seq_id 
_struct_sheet_range.pdbx_beg_PDB_ins_code 
_struct_sheet_range.end_label_comp_id 
_struct_sheet_range.end_label_asym_id 
_struct_sheet_range.end_label_seq_id 
_struct_sheet_range.pdbx_end_PDB_ins_code 
_struct_sheet_range.beg_auth_comp_id 
_struct_sheet_range.beg_auth_asym_id 
_struct_sheet_range.beg_auth_seq_id 
_struct_sheet_range.end_auth_comp_id 
_struct_sheet_range.end_auth_asym_id 
_struct_sheet_range.end_auth_seq_id 
A 1 SER A 45  ? ARG A 46  ? SER A 45  ARG A 46  
A 2 ASP A 37  ? ILE A 42  ? ASP A 37  ILE A 42  
A 3 VAL A 66  ? ASN A 72  ? VAL A 66  ASN A 72  
A 4 VAL A 78  ? VAL A 83  ? VAL A 78  VAL A 83  
B 1 SER A 45  ? ARG A 46  ? SER A 45  ARG A 46  
B 2 ASP A 37  ? ILE A 42  ? ASP A 37  ILE A 42  
B 3 PHE A 16  ? VAL A 21  ? PHE A 16  VAL A 21  
B 4 ALA A 97  ? PHE A 101 ? ALA A 97  PHE A 101 
C 1 SER A 171 ? VAL A 177 ? SER A 171 VAL A 177 
C 2 LEU A 160 ? ASN A 166 ? LEU A 160 ASN A 166 
C 3 ASP A 133 ? SER A 138 ? ASP A 133 SER A 138 
C 4 TRP A 112 ? VAL A 117 ? TRP A 112 VAL A 117 
C 5 CYS A 191 ? GLY A 194 ? CYS A 191 GLY A 194 
# 
loop_
_pdbx_struct_sheet_hbond.sheet_id 
_pdbx_struct_sheet_hbond.range_id_1 
_pdbx_struct_sheet_hbond.range_id_2 
_pdbx_struct_sheet_hbond.range_1_label_atom_id 
_pdbx_struct_sheet_hbond.range_1_label_comp_id 
_pdbx_struct_sheet_hbond.range_1_label_asym_id 
_pdbx_struct_sheet_hbond.range_1_label_seq_id 
_pdbx_struct_sheet_hbond.range_1_PDB_ins_code 
_pdbx_struct_sheet_hbond.range_1_auth_atom_id 
_pdbx_struct_sheet_hbond.range_1_auth_comp_id 
_pdbx_struct_sheet_hbond.range_1_auth_asym_id 
_pdbx_struct_sheet_hbond.range_1_auth_seq_id 
_pdbx_struct_sheet_hbond.range_2_label_atom_id 
_pdbx_struct_sheet_hbond.range_2_label_comp_id 
_pdbx_struct_sheet_hbond.range_2_label_asym_id 
_pdbx_struct_sheet_hbond.range_2_label_seq_id 
_pdbx_struct_sheet_hbond.range_2_PDB_ins_code 
_pdbx_struct_sheet_hbond.range_2_auth_atom_id 
_pdbx_struct_sheet_hbond.range_2_auth_comp_id 
_pdbx_struct_sheet_hbond.range_2_auth_asym_id 
_pdbx_struct_sheet_hbond.range_2_auth_seq_id 
A 1 2 O SER A 45  ? O SER A 45  N ILE A 42  ? N ILE A 42  
A 2 3 N PHE A 38  ? N PHE A 38  O PHE A 71  ? O PHE A 71  
A 3 4 N LEU A 68  ? N LEU A 68  O VAL A 81  ? O VAL A 81  
B 1 2 O SER A 45  ? O SER A 45  N ILE A 42  ? N ILE A 42  
B 2 3 O ILE A 39  ? O ILE A 39  N PHE A 16  ? N PHE A 16  
B 3 4 N HIS A 17  ? N HIS A 17  O ARG A 100 ? O ARG A 100 
C 1 2 O VAL A 175 ? O VAL A 175 N LEU A 162 ? N LEU A 162 
C 2 3 O TYR A 165 ? O TYR A 165 N TYR A 134 ? N TYR A 134 
C 3 4 O ILE A 135 ? O ILE A 135 N TRP A 112 ? N TRP A 112 
C 4 5 N HIS A 113 ? N HIS A 113 O GLY A 194 ? O GLY A 194 
# 
loop_
_struct_site.id 
_struct_site.pdbx_evidence_code 
_struct_site.pdbx_auth_asym_id 
_struct_site.pdbx_auth_comp_id 
_struct_site.pdbx_auth_seq_id 
_struct_site.pdbx_auth_ins_code 
_struct_site.pdbx_num_residues 
_struct_site.details 
AC1 Software A ZN 301 ? 4 'BINDING SITE FOR RESIDUE ZN A 301' 
AC2 Software A CL 302 ? 3 'BINDING SITE FOR RESIDUE CL A 302' 
# 
loop_
_struct_site_gen.id 
_struct_site_gen.site_id 
_struct_site_gen.pdbx_num_res 
_struct_site_gen.label_comp_id 
_struct_site_gen.label_asym_id 
_struct_site_gen.label_seq_id 
_struct_site_gen.pdbx_auth_ins_code 
_struct_site_gen.auth_comp_id 
_struct_site_gen.auth_asym_id 
_struct_site_gen.auth_seq_id 
_struct_site_gen.label_atom_id 
_struct_site_gen.label_alt_id 
_struct_site_gen.symmetry 
_struct_site_gen.details 
1 AC1 4 HIS A 17  ? HIS A 17  . ? 1_555 ? 
2 AC1 4 HIS A 19  ? HIS A 19  . ? 1_555 ? 
3 AC1 4 CYS A 102 ? CYS A 102 . ? 1_555 ? 
4 AC1 4 CL  C .   ? CL  A 302 . ? 1_555 ? 
5 AC2 3 HIS A 17  ? HIS A 17  . ? 1_555 ? 
6 AC2 3 ALA A 107 ? ALA A 107 . ? 1_555 ? 
7 AC2 3 ZN  B .   ? ZN  A 301 . ? 1_555 ? 
# 
loop_
_pdbx_validate_close_contact.id 
_pdbx_validate_close_contact.PDB_model_num 
_pdbx_validate_close_contact.auth_atom_id_1 
_pdbx_validate_close_contact.auth_asym_id_1 
_pdbx_validate_close_contact.auth_comp_id_1 
_pdbx_validate_close_contact.auth_seq_id_1 
_pdbx_validate_close_contact.PDB_ins_code_1 
_pdbx_validate_close_contact.label_alt_id_1 
_pdbx_validate_close_contact.auth_atom_id_2 
_pdbx_validate_close_contact.auth_asym_id_2 
_pdbx_validate_close_contact.auth_comp_id_2 
_pdbx_validate_close_contact.auth_seq_id_2 
_pdbx_validate_close_contact.PDB_ins_code_2 
_pdbx_validate_close_contact.label_alt_id_2 
_pdbx_validate_close_contact.dist 
1 1 OE1 A GLU 33  ? ? O A HOH 453 ? ? 1.89 
2 1 O   A HOH 479 ? ? O A HOH 481 ? ? 1.96 
3 1 O   A HOH 484 ? ? O A HOH 493 ? ? 2.13 
4 1 O   A HOH 433 ? ? O A HOH 476 ? ? 2.14 
5 1 NE  A ARG 173 ? ? O A HOH 401 ? ? 2.16 
# 
loop_
_pdbx_validate_torsion.id 
_pdbx_validate_torsion.PDB_model_num 
_pdbx_validate_torsion.auth_comp_id 
_pdbx_validate_torsion.auth_asym_id 
_pdbx_validate_torsion.auth_seq_id 
_pdbx_validate_torsion.PDB_ins_code 
_pdbx_validate_torsion.label_alt_id 
_pdbx_validate_torsion.phi 
_pdbx_validate_torsion.psi 
1  1 TYR A 35  ? ? 68.78   -52.49  
2  1 HIS A 44  ? ? 64.86   -0.52   
3  1 LEU A 115 ? ? -100.35 -127.67 
4  1 TYR A 131 ? ? 73.31   -21.19  
5  1 ASP A 139 ? ? -79.53  23.96   
6  1 LEU A 142 ? ? -46.97  -81.05  
7  1 GLN A 143 ? ? -152.40 32.82   
8  1 GLU A 144 ? ? -157.11 2.66    
9  1 SER A 145 ? ? -64.36  29.82   
10 1 GLU A 146 ? ? -73.26  -114.15 
# 
loop_
_pdbx_unobs_or_zero_occ_residues.id 
_pdbx_unobs_or_zero_occ_residues.PDB_model_num 
_pdbx_unobs_or_zero_occ_residues.polymer_flag 
_pdbx_unobs_or_zero_occ_residues.occupancy_flag 
_pdbx_unobs_or_zero_occ_residues.auth_asym_id 
_pdbx_unobs_or_zero_occ_residues.auth_comp_id 
_pdbx_unobs_or_zero_occ_residues.auth_seq_id 
_pdbx_unobs_or_zero_occ_residues.PDB_ins_code 
_pdbx_unobs_or_zero_occ_residues.label_asym_id 
_pdbx_unobs_or_zero_occ_residues.label_comp_id 
_pdbx_unobs_or_zero_occ_residues.label_seq_id 
1  1 Y 1 A MET 1  ? A MET 1  
2  1 Y 1 A GLY 2  ? A GLY 2  
3  1 Y 1 A LEU 3  ? A LEU 3  
4  1 Y 1 A GLY 4  ? A GLY 4  
5  1 Y 1 A ALA 5  ? A ALA 5  
6  1 Y 1 A SER 6  ? A SER 6  
7  1 Y 1 A SER 7  ? A SER 7  
8  1 Y 1 A GLU 8  ? A GLU 8  
9  1 Y 1 A GLN 9  ? A GLN 9  
10 1 Y 1 A PRO 10 ? A PRO 10 
11 1 Y 1 A ALA 11 ? A ALA 11 
# 
loop_
_chem_comp_atom.comp_id 
_chem_comp_atom.atom_id 
_chem_comp_atom.type_symbol 
_chem_comp_atom.pdbx_aromatic_flag 
_chem_comp_atom.pdbx_stereo_config 
_chem_comp_atom.pdbx_ordinal 
ALA N    N  N N 1   
ALA CA   C  N S 2   
ALA C    C  N N 3   
ALA O    O  N N 4   
ALA CB   C  N N 5   
ALA OXT  O  N N 6   
ALA H    H  N N 7   
ALA H2   H  N N 8   
ALA HA   H  N N 9   
ALA HB1  H  N N 10  
ALA HB2  H  N N 11  
ALA HB3  H  N N 12  
ALA HXT  H  N N 13  
ARG N    N  N N 14  
ARG CA   C  N S 15  
ARG C    C  N N 16  
ARG O    O  N N 17  
ARG CB   C  N N 18  
ARG CG   C  N N 19  
ARG CD   C  N N 20  
ARG NE   N  N N 21  
ARG CZ   C  N N 22  
ARG NH1  N  N N 23  
ARG NH2  N  N N 24  
ARG OXT  O  N N 25  
ARG H    H  N N 26  
ARG H2   H  N N 27  
ARG HA   H  N N 28  
ARG HB2  H  N N 29  
ARG HB3  H  N N 30  
ARG HG2  H  N N 31  
ARG HG3  H  N N 32  
ARG HD2  H  N N 33  
ARG HD3  H  N N 34  
ARG HE   H  N N 35  
ARG HH11 H  N N 36  
ARG HH12 H  N N 37  
ARG HH21 H  N N 38  
ARG HH22 H  N N 39  
ARG HXT  H  N N 40  
ASN N    N  N N 41  
ASN CA   C  N S 42  
ASN C    C  N N 43  
ASN O    O  N N 44  
ASN CB   C  N N 45  
ASN CG   C  N N 46  
ASN OD1  O  N N 47  
ASN ND2  N  N N 48  
ASN OXT  O  N N 49  
ASN H    H  N N 50  
ASN H2   H  N N 51  
ASN HA   H  N N 52  
ASN HB2  H  N N 53  
ASN HB3  H  N N 54  
ASN HD21 H  N N 55  
ASN HD22 H  N N 56  
ASN HXT  H  N N 57  
ASP N    N  N N 58  
ASP CA   C  N S 59  
ASP C    C  N N 60  
ASP O    O  N N 61  
ASP CB   C  N N 62  
ASP CG   C  N N 63  
ASP OD1  O  N N 64  
ASP OD2  O  N N 65  
ASP OXT  O  N N 66  
ASP H    H  N N 67  
ASP H2   H  N N 68  
ASP HA   H  N N 69  
ASP HB2  H  N N 70  
ASP HB3  H  N N 71  
ASP HD2  H  N N 72  
ASP HXT  H  N N 73  
CL  CL   CL N N 74  
CYS N    N  N N 75  
CYS CA   C  N R 76  
CYS C    C  N N 77  
CYS O    O  N N 78  
CYS CB   C  N N 79  
CYS SG   S  N N 80  
CYS OXT  O  N N 81  
CYS H    H  N N 82  
CYS H2   H  N N 83  
CYS HA   H  N N 84  
CYS HB2  H  N N 85  
CYS HB3  H  N N 86  
CYS HG   H  N N 87  
CYS HXT  H  N N 88  
GLN N    N  N N 89  
GLN CA   C  N S 90  
GLN C    C  N N 91  
GLN O    O  N N 92  
GLN CB   C  N N 93  
GLN CG   C  N N 94  
GLN CD   C  N N 95  
GLN OE1  O  N N 96  
GLN NE2  N  N N 97  
GLN OXT  O  N N 98  
GLN H    H  N N 99  
GLN H2   H  N N 100 
GLN HA   H  N N 101 
GLN HB2  H  N N 102 
GLN HB3  H  N N 103 
GLN HG2  H  N N 104 
GLN HG3  H  N N 105 
GLN HE21 H  N N 106 
GLN HE22 H  N N 107 
GLN HXT  H  N N 108 
GLU N    N  N N 109 
GLU CA   C  N S 110 
GLU C    C  N N 111 
GLU O    O  N N 112 
GLU CB   C  N N 113 
GLU CG   C  N N 114 
GLU CD   C  N N 115 
GLU OE1  O  N N 116 
GLU OE2  O  N N 117 
GLU OXT  O  N N 118 
GLU H    H  N N 119 
GLU H2   H  N N 120 
GLU HA   H  N N 121 
GLU HB2  H  N N 122 
GLU HB3  H  N N 123 
GLU HG2  H  N N 124 
GLU HG3  H  N N 125 
GLU HE2  H  N N 126 
GLU HXT  H  N N 127 
GLY N    N  N N 128 
GLY CA   C  N N 129 
GLY C    C  N N 130 
GLY O    O  N N 131 
GLY OXT  O  N N 132 
GLY H    H  N N 133 
GLY H2   H  N N 134 
GLY HA2  H  N N 135 
GLY HA3  H  N N 136 
GLY HXT  H  N N 137 
HIS N    N  N N 138 
HIS CA   C  N S 139 
HIS C    C  N N 140 
HIS O    O  N N 141 
HIS CB   C  N N 142 
HIS CG   C  Y N 143 
HIS ND1  N  Y N 144 
HIS CD2  C  Y N 145 
HIS CE1  C  Y N 146 
HIS NE2  N  Y N 147 
HIS OXT  O  N N 148 
HIS H    H  N N 149 
HIS H2   H  N N 150 
HIS HA   H  N N 151 
HIS HB2  H  N N 152 
HIS HB3  H  N N 153 
HIS HD1  H  N N 154 
HIS HD2  H  N N 155 
HIS HE1  H  N N 156 
HIS HE2  H  N N 157 
HIS HXT  H  N N 158 
HOH O    O  N N 159 
HOH H1   H  N N 160 
HOH H2   H  N N 161 
ILE N    N  N N 162 
ILE CA   C  N S 163 
ILE C    C  N N 164 
ILE O    O  N N 165 
ILE CB   C  N S 166 
ILE CG1  C  N N 167 
ILE CG2  C  N N 168 
ILE CD1  C  N N 169 
ILE OXT  O  N N 170 
ILE H    H  N N 171 
ILE H2   H  N N 172 
ILE HA   H  N N 173 
ILE HB   H  N N 174 
ILE HG12 H  N N 175 
ILE HG13 H  N N 176 
ILE HG21 H  N N 177 
ILE HG22 H  N N 178 
ILE HG23 H  N N 179 
ILE HD11 H  N N 180 
ILE HD12 H  N N 181 
ILE HD13 H  N N 182 
ILE HXT  H  N N 183 
LEU N    N  N N 184 
LEU CA   C  N S 185 
LEU C    C  N N 186 
LEU O    O  N N 187 
LEU CB   C  N N 188 
LEU CG   C  N N 189 
LEU CD1  C  N N 190 
LEU CD2  C  N N 191 
LEU OXT  O  N N 192 
LEU H    H  N N 193 
LEU H2   H  N N 194 
LEU HA   H  N N 195 
LEU HB2  H  N N 196 
LEU HB3  H  N N 197 
LEU HG   H  N N 198 
LEU HD11 H  N N 199 
LEU HD12 H  N N 200 
LEU HD13 H  N N 201 
LEU HD21 H  N N 202 
LEU HD22 H  N N 203 
LEU HD23 H  N N 204 
LEU HXT  H  N N 205 
LYS N    N  N N 206 
LYS CA   C  N S 207 
LYS C    C  N N 208 
LYS O    O  N N 209 
LYS CB   C  N N 210 
LYS CG   C  N N 211 
LYS CD   C  N N 212 
LYS CE   C  N N 213 
LYS NZ   N  N N 214 
LYS OXT  O  N N 215 
LYS H    H  N N 216 
LYS H2   H  N N 217 
LYS HA   H  N N 218 
LYS HB2  H  N N 219 
LYS HB3  H  N N 220 
LYS HG2  H  N N 221 
LYS HG3  H  N N 222 
LYS HD2  H  N N 223 
LYS HD3  H  N N 224 
LYS HE2  H  N N 225 
LYS HE3  H  N N 226 
LYS HZ1  H  N N 227 
LYS HZ2  H  N N 228 
LYS HZ3  H  N N 229 
LYS HXT  H  N N 230 
MET N    N  N N 231 
MET CA   C  N S 232 
MET C    C  N N 233 
MET O    O  N N 234 
MET CB   C  N N 235 
MET CG   C  N N 236 
MET SD   S  N N 237 
MET CE   C  N N 238 
MET OXT  O  N N 239 
MET H    H  N N 240 
MET H2   H  N N 241 
MET HA   H  N N 242 
MET HB2  H  N N 243 
MET HB3  H  N N 244 
MET HG2  H  N N 245 
MET HG3  H  N N 246 
MET HE1  H  N N 247 
MET HE2  H  N N 248 
MET HE3  H  N N 249 
MET HXT  H  N N 250 
PHE N    N  N N 251 
PHE CA   C  N S 252 
PHE C    C  N N 253 
PHE O    O  N N 254 
PHE CB   C  N N 255 
PHE CG   C  Y N 256 
PHE CD1  C  Y N 257 
PHE CD2  C  Y N 258 
PHE CE1  C  Y N 259 
PHE CE2  C  Y N 260 
PHE CZ   C  Y N 261 
PHE OXT  O  N N 262 
PHE H    H  N N 263 
PHE H2   H  N N 264 
PHE HA   H  N N 265 
PHE HB2  H  N N 266 
PHE HB3  H  N N 267 
PHE HD1  H  N N 268 
PHE HD2  H  N N 269 
PHE HE1  H  N N 270 
PHE HE2  H  N N 271 
PHE HZ   H  N N 272 
PHE HXT  H  N N 273 
PRO N    N  N N 274 
PRO CA   C  N S 275 
PRO C    C  N N 276 
PRO O    O  N N 277 
PRO CB   C  N N 278 
PRO CG   C  N N 279 
PRO CD   C  N N 280 
PRO OXT  O  N N 281 
PRO H    H  N N 282 
PRO HA   H  N N 283 
PRO HB2  H  N N 284 
PRO HB3  H  N N 285 
PRO HG2  H  N N 286 
PRO HG3  H  N N 287 
PRO HD2  H  N N 288 
PRO HD3  H  N N 289 
PRO HXT  H  N N 290 
SER N    N  N N 291 
SER CA   C  N S 292 
SER C    C  N N 293 
SER O    O  N N 294 
SER CB   C  N N 295 
SER OG   O  N N 296 
SER OXT  O  N N 297 
SER H    H  N N 298 
SER H2   H  N N 299 
SER HA   H  N N 300 
SER HB2  H  N N 301 
SER HB3  H  N N 302 
SER HG   H  N N 303 
SER HXT  H  N N 304 
THR N    N  N N 305 
THR CA   C  N S 306 
THR C    C  N N 307 
THR O    O  N N 308 
THR CB   C  N R 309 
THR OG1  O  N N 310 
THR CG2  C  N N 311 
THR OXT  O  N N 312 
THR H    H  N N 313 
THR H2   H  N N 314 
THR HA   H  N N 315 
THR HB   H  N N 316 
THR HG1  H  N N 317 
THR HG21 H  N N 318 
THR HG22 H  N N 319 
THR HG23 H  N N 320 
THR HXT  H  N N 321 
TRP N    N  N N 322 
TRP CA   C  N S 323 
TRP C    C  N N 324 
TRP O    O  N N 325 
TRP CB   C  N N 326 
TRP CG   C  Y N 327 
TRP CD1  C  Y N 328 
TRP CD2  C  Y N 329 
TRP NE1  N  Y N 330 
TRP CE2  C  Y N 331 
TRP CE3  C  Y N 332 
TRP CZ2  C  Y N 333 
TRP CZ3  C  Y N 334 
TRP CH2  C  Y N 335 
TRP OXT  O  N N 336 
TRP H    H  N N 337 
TRP H2   H  N N 338 
TRP HA   H  N N 339 
TRP HB2  H  N N 340 
TRP HB3  H  N N 341 
TRP HD1  H  N N 342 
TRP HE1  H  N N 343 
TRP HE3  H  N N 344 
TRP HZ2  H  N N 345 
TRP HZ3  H  N N 346 
TRP HH2  H  N N 347 
TRP HXT  H  N N 348 
TYR N    N  N N 349 
TYR CA   C  N S 350 
TYR C    C  N N 351 
TYR O    O  N N 352 
TYR CB   C  N N 353 
TYR CG   C  Y N 354 
TYR CD1  C  Y N 355 
TYR CD2  C  Y N 356 
TYR CE1  C  Y N 357 
TYR CE2  C  Y N 358 
TYR CZ   C  Y N 359 
TYR OH   O  N N 360 
TYR OXT  O  N N 361 
TYR H    H  N N 362 
TYR H2   H  N N 363 
TYR HA   H  N N 364 
TYR HB2  H  N N 365 
TYR HB3  H  N N 366 
TYR HD1  H  N N 367 
TYR HD2  H  N N 368 
TYR HE1  H  N N 369 
TYR HE2  H  N N 370 
TYR HH   H  N N 371 
TYR HXT  H  N N 372 
VAL N    N  N N 373 
VAL CA   C  N S 374 
VAL C    C  N N 375 
VAL O    O  N N 376 
VAL CB   C  N N 377 
VAL CG1  C  N N 378 
VAL CG2  C  N N 379 
VAL OXT  O  N N 380 
VAL H    H  N N 381 
VAL H2   H  N N 382 
VAL HA   H  N N 383 
VAL HB   H  N N 384 
VAL HG11 H  N N 385 
VAL HG12 H  N N 386 
VAL HG13 H  N N 387 
VAL HG21 H  N N 388 
VAL HG22 H  N N 389 
VAL HG23 H  N N 390 
VAL HXT  H  N N 391 
ZN  ZN   ZN N N 392 
# 
loop_
_chem_comp_bond.comp_id 
_chem_comp_bond.atom_id_1 
_chem_comp_bond.atom_id_2 
_chem_comp_bond.value_order 
_chem_comp_bond.pdbx_aromatic_flag 
_chem_comp_bond.pdbx_stereo_config 
_chem_comp_bond.pdbx_ordinal 
ALA N   CA   sing N N 1   
ALA N   H    sing N N 2   
ALA N   H2   sing N N 3   
ALA CA  C    sing N N 4   
ALA CA  CB   sing N N 5   
ALA CA  HA   sing N N 6   
ALA C   O    doub N N 7   
ALA C   OXT  sing N N 8   
ALA CB  HB1  sing N N 9   
ALA CB  HB2  sing N N 10  
ALA CB  HB3  sing N N 11  
ALA OXT HXT  sing N N 12  
ARG N   CA   sing N N 13  
ARG N   H    sing N N 14  
ARG N   H2   sing N N 15  
ARG CA  C    sing N N 16  
ARG CA  CB   sing N N 17  
ARG CA  HA   sing N N 18  
ARG C   O    doub N N 19  
ARG C   OXT  sing N N 20  
ARG CB  CG   sing N N 21  
ARG CB  HB2  sing N N 22  
ARG CB  HB3  sing N N 23  
ARG CG  CD   sing N N 24  
ARG CG  HG2  sing N N 25  
ARG CG  HG3  sing N N 26  
ARG CD  NE   sing N N 27  
ARG CD  HD2  sing N N 28  
ARG CD  HD3  sing N N 29  
ARG NE  CZ   sing N N 30  
ARG NE  HE   sing N N 31  
ARG CZ  NH1  sing N N 32  
ARG CZ  NH2  doub N N 33  
ARG NH1 HH11 sing N N 34  
ARG NH1 HH12 sing N N 35  
ARG NH2 HH21 sing N N 36  
ARG NH2 HH22 sing N N 37  
ARG OXT HXT  sing N N 38  
ASN N   CA   sing N N 39  
ASN N   H    sing N N 40  
ASN N   H2   sing N N 41  
ASN CA  C    sing N N 42  
ASN CA  CB   sing N N 43  
ASN CA  HA   sing N N 44  
ASN C   O    doub N N 45  
ASN C   OXT  sing N N 46  
ASN CB  CG   sing N N 47  
ASN CB  HB2  sing N N 48  
ASN CB  HB3  sing N N 49  
ASN CG  OD1  doub N N 50  
ASN CG  ND2  sing N N 51  
ASN ND2 HD21 sing N N 52  
ASN ND2 HD22 sing N N 53  
ASN OXT HXT  sing N N 54  
ASP N   CA   sing N N 55  
ASP N   H    sing N N 56  
ASP N   H2   sing N N 57  
ASP CA  C    sing N N 58  
ASP CA  CB   sing N N 59  
ASP CA  HA   sing N N 60  
ASP C   O    doub N N 61  
ASP C   OXT  sing N N 62  
ASP CB  CG   sing N N 63  
ASP CB  HB2  sing N N 64  
ASP CB  HB3  sing N N 65  
ASP CG  OD1  doub N N 66  
ASP CG  OD2  sing N N 67  
ASP OD2 HD2  sing N N 68  
ASP OXT HXT  sing N N 69  
CYS N   CA   sing N N 70  
CYS N   H    sing N N 71  
CYS N   H2   sing N N 72  
CYS CA  C    sing N N 73  
CYS CA  CB   sing N N 74  
CYS CA  HA   sing N N 75  
CYS C   O    doub N N 76  
CYS C   OXT  sing N N 77  
CYS CB  SG   sing N N 78  
CYS CB  HB2  sing N N 79  
CYS CB  HB3  sing N N 80  
CYS SG  HG   sing N N 81  
CYS OXT HXT  sing N N 82  
GLN N   CA   sing N N 83  
GLN N   H    sing N N 84  
GLN N   H2   sing N N 85  
GLN CA  C    sing N N 86  
GLN CA  CB   sing N N 87  
GLN CA  HA   sing N N 88  
GLN C   O    doub N N 89  
GLN C   OXT  sing N N 90  
GLN CB  CG   sing N N 91  
GLN CB  HB2  sing N N 92  
GLN CB  HB3  sing N N 93  
GLN CG  CD   sing N N 94  
GLN CG  HG2  sing N N 95  
GLN CG  HG3  sing N N 96  
GLN CD  OE1  doub N N 97  
GLN CD  NE2  sing N N 98  
GLN NE2 HE21 sing N N 99  
GLN NE2 HE22 sing N N 100 
GLN OXT HXT  sing N N 101 
GLU N   CA   sing N N 102 
GLU N   H    sing N N 103 
GLU N   H2   sing N N 104 
GLU CA  C    sing N N 105 
GLU CA  CB   sing N N 106 
GLU CA  HA   sing N N 107 
GLU C   O    doub N N 108 
GLU C   OXT  sing N N 109 
GLU CB  CG   sing N N 110 
GLU CB  HB2  sing N N 111 
GLU CB  HB3  sing N N 112 
GLU CG  CD   sing N N 113 
GLU CG  HG2  sing N N 114 
GLU CG  HG3  sing N N 115 
GLU CD  OE1  doub N N 116 
GLU CD  OE2  sing N N 117 
GLU OE2 HE2  sing N N 118 
GLU OXT HXT  sing N N 119 
GLY N   CA   sing N N 120 
GLY N   H    sing N N 121 
GLY N   H2   sing N N 122 
GLY CA  C    sing N N 123 
GLY CA  HA2  sing N N 124 
GLY CA  HA3  sing N N 125 
GLY C   O    doub N N 126 
GLY C   OXT  sing N N 127 
GLY OXT HXT  sing N N 128 
HIS N   CA   sing N N 129 
HIS N   H    sing N N 130 
HIS N   H2   sing N N 131 
HIS CA  C    sing N N 132 
HIS CA  CB   sing N N 133 
HIS CA  HA   sing N N 134 
HIS C   O    doub N N 135 
HIS C   OXT  sing N N 136 
HIS CB  CG   sing N N 137 
HIS CB  HB2  sing N N 138 
HIS CB  HB3  sing N N 139 
HIS CG  ND1  sing Y N 140 
HIS CG  CD2  doub Y N 141 
HIS ND1 CE1  doub Y N 142 
HIS ND1 HD1  sing N N 143 
HIS CD2 NE2  sing Y N 144 
HIS CD2 HD2  sing N N 145 
HIS CE1 NE2  sing Y N 146 
HIS CE1 HE1  sing N N 147 
HIS NE2 HE2  sing N N 148 
HIS OXT HXT  sing N N 149 
HOH O   H1   sing N N 150 
HOH O   H2   sing N N 151 
ILE N   CA   sing N N 152 
ILE N   H    sing N N 153 
ILE N   H2   sing N N 154 
ILE CA  C    sing N N 155 
ILE CA  CB   sing N N 156 
ILE CA  HA   sing N N 157 
ILE C   O    doub N N 158 
ILE C   OXT  sing N N 159 
ILE CB  CG1  sing N N 160 
ILE CB  CG2  sing N N 161 
ILE CB  HB   sing N N 162 
ILE CG1 CD1  sing N N 163 
ILE CG1 HG12 sing N N 164 
ILE CG1 HG13 sing N N 165 
ILE CG2 HG21 sing N N 166 
ILE CG2 HG22 sing N N 167 
ILE CG2 HG23 sing N N 168 
ILE CD1 HD11 sing N N 169 
ILE CD1 HD12 sing N N 170 
ILE CD1 HD13 sing N N 171 
ILE OXT HXT  sing N N 172 
LEU N   CA   sing N N 173 
LEU N   H    sing N N 174 
LEU N   H2   sing N N 175 
LEU CA  C    sing N N 176 
LEU CA  CB   sing N N 177 
LEU CA  HA   sing N N 178 
LEU C   O    doub N N 179 
LEU C   OXT  sing N N 180 
LEU CB  CG   sing N N 181 
LEU CB  HB2  sing N N 182 
LEU CB  HB3  sing N N 183 
LEU CG  CD1  sing N N 184 
LEU CG  CD2  sing N N 185 
LEU CG  HG   sing N N 186 
LEU CD1 HD11 sing N N 187 
LEU CD1 HD12 sing N N 188 
LEU CD1 HD13 sing N N 189 
LEU CD2 HD21 sing N N 190 
LEU CD2 HD22 sing N N 191 
LEU CD2 HD23 sing N N 192 
LEU OXT HXT  sing N N 193 
LYS N   CA   sing N N 194 
LYS N   H    sing N N 195 
LYS N   H2   sing N N 196 
LYS CA  C    sing N N 197 
LYS CA  CB   sing N N 198 
LYS CA  HA   sing N N 199 
LYS C   O    doub N N 200 
LYS C   OXT  sing N N 201 
LYS CB  CG   sing N N 202 
LYS CB  HB2  sing N N 203 
LYS CB  HB3  sing N N 204 
LYS CG  CD   sing N N 205 
LYS CG  HG2  sing N N 206 
LYS CG  HG3  sing N N 207 
LYS CD  CE   sing N N 208 
LYS CD  HD2  sing N N 209 
LYS CD  HD3  sing N N 210 
LYS CE  NZ   sing N N 211 
LYS CE  HE2  sing N N 212 
LYS CE  HE3  sing N N 213 
LYS NZ  HZ1  sing N N 214 
LYS NZ  HZ2  sing N N 215 
LYS NZ  HZ3  sing N N 216 
LYS OXT HXT  sing N N 217 
MET N   CA   sing N N 218 
MET N   H    sing N N 219 
MET N   H2   sing N N 220 
MET CA  C    sing N N 221 
MET CA  CB   sing N N 222 
MET CA  HA   sing N N 223 
MET C   O    doub N N 224 
MET C   OXT  sing N N 225 
MET CB  CG   sing N N 226 
MET CB  HB2  sing N N 227 
MET CB  HB3  sing N N 228 
MET CG  SD   sing N N 229 
MET CG  HG2  sing N N 230 
MET CG  HG3  sing N N 231 
MET SD  CE   sing N N 232 
MET CE  HE1  sing N N 233 
MET CE  HE2  sing N N 234 
MET CE  HE3  sing N N 235 
MET OXT HXT  sing N N 236 
PHE N   CA   sing N N 237 
PHE N   H    sing N N 238 
PHE N   H2   sing N N 239 
PHE CA  C    sing N N 240 
PHE CA  CB   sing N N 241 
PHE CA  HA   sing N N 242 
PHE C   O    doub N N 243 
PHE C   OXT  sing N N 244 
PHE CB  CG   sing N N 245 
PHE CB  HB2  sing N N 246 
PHE CB  HB3  sing N N 247 
PHE CG  CD1  doub Y N 248 
PHE CG  CD2  sing Y N 249 
PHE CD1 CE1  sing Y N 250 
PHE CD1 HD1  sing N N 251 
PHE CD2 CE2  doub Y N 252 
PHE CD2 HD2  sing N N 253 
PHE CE1 CZ   doub Y N 254 
PHE CE1 HE1  sing N N 255 
PHE CE2 CZ   sing Y N 256 
PHE CE2 HE2  sing N N 257 
PHE CZ  HZ   sing N N 258 
PHE OXT HXT  sing N N 259 
PRO N   CA   sing N N 260 
PRO N   CD   sing N N 261 
PRO N   H    sing N N 262 
PRO CA  C    sing N N 263 
PRO CA  CB   sing N N 264 
PRO CA  HA   sing N N 265 
PRO C   O    doub N N 266 
PRO C   OXT  sing N N 267 
PRO CB  CG   sing N N 268 
PRO CB  HB2  sing N N 269 
PRO CB  HB3  sing N N 270 
PRO CG  CD   sing N N 271 
PRO CG  HG2  sing N N 272 
PRO CG  HG3  sing N N 273 
PRO CD  HD2  sing N N 274 
PRO CD  HD3  sing N N 275 
PRO OXT HXT  sing N N 276 
SER N   CA   sing N N 277 
SER N   H    sing N N 278 
SER N   H2   sing N N 279 
SER CA  C    sing N N 280 
SER CA  CB   sing N N 281 
SER CA  HA   sing N N 282 
SER C   O    doub N N 283 
SER C   OXT  sing N N 284 
SER CB  OG   sing N N 285 
SER CB  HB2  sing N N 286 
SER CB  HB3  sing N N 287 
SER OG  HG   sing N N 288 
SER OXT HXT  sing N N 289 
THR N   CA   sing N N 290 
THR N   H    sing N N 291 
THR N   H2   sing N N 292 
THR CA  C    sing N N 293 
THR CA  CB   sing N N 294 
THR CA  HA   sing N N 295 
THR C   O    doub N N 296 
THR C   OXT  sing N N 297 
THR CB  OG1  sing N N 298 
THR CB  CG2  sing N N 299 
THR CB  HB   sing N N 300 
THR OG1 HG1  sing N N 301 
THR CG2 HG21 sing N N 302 
THR CG2 HG22 sing N N 303 
THR CG2 HG23 sing N N 304 
THR OXT HXT  sing N N 305 
TRP N   CA   sing N N 306 
TRP N   H    sing N N 307 
TRP N   H2   sing N N 308 
TRP CA  C    sing N N 309 
TRP CA  CB   sing N N 310 
TRP CA  HA   sing N N 311 
TRP C   O    doub N N 312 
TRP C   OXT  sing N N 313 
TRP CB  CG   sing N N 314 
TRP CB  HB2  sing N N 315 
TRP CB  HB3  sing N N 316 
TRP CG  CD1  doub Y N 317 
TRP CG  CD2  sing Y N 318 
TRP CD1 NE1  sing Y N 319 
TRP CD1 HD1  sing N N 320 
TRP CD2 CE2  doub Y N 321 
TRP CD2 CE3  sing Y N 322 
TRP NE1 CE2  sing Y N 323 
TRP NE1 HE1  sing N N 324 
TRP CE2 CZ2  sing Y N 325 
TRP CE3 CZ3  doub Y N 326 
TRP CE3 HE3  sing N N 327 
TRP CZ2 CH2  doub Y N 328 
TRP CZ2 HZ2  sing N N 329 
TRP CZ3 CH2  sing Y N 330 
TRP CZ3 HZ3  sing N N 331 
TRP CH2 HH2  sing N N 332 
TRP OXT HXT  sing N N 333 
TYR N   CA   sing N N 334 
TYR N   H    sing N N 335 
TYR N   H2   sing N N 336 
TYR CA  C    sing N N 337 
TYR CA  CB   sing N N 338 
TYR CA  HA   sing N N 339 
TYR C   O    doub N N 340 
TYR C   OXT  sing N N 341 
TYR CB  CG   sing N N 342 
TYR CB  HB2  sing N N 343 
TYR CB  HB3  sing N N 344 
TYR CG  CD1  doub Y N 345 
TYR CG  CD2  sing Y N 346 
TYR CD1 CE1  sing Y N 347 
TYR CD1 HD1  sing N N 348 
TYR CD2 CE2  doub Y N 349 
TYR CD2 HD2  sing N N 350 
TYR CE1 CZ   doub Y N 351 
TYR CE1 HE1  sing N N 352 
TYR CE2 CZ   sing Y N 353 
TYR CE2 HE2  sing N N 354 
TYR CZ  OH   sing N N 355 
TYR OH  HH   sing N N 356 
TYR OXT HXT  sing N N 357 
VAL N   CA   sing N N 358 
VAL N   H    sing N N 359 
VAL N   H2   sing N N 360 
VAL CA  C    sing N N 361 
VAL CA  CB   sing N N 362 
VAL CA  HA   sing N N 363 
VAL C   O    doub N N 364 
VAL C   OXT  sing N N 365 
VAL CB  CG1  sing N N 366 
VAL CB  CG2  sing N N 367 
VAL CB  HB   sing N N 368 
VAL CG1 HG11 sing N N 369 
VAL CG1 HG12 sing N N 370 
VAL CG1 HG13 sing N N 371 
VAL CG2 HG21 sing N N 372 
VAL CG2 HG22 sing N N 373 
VAL CG2 HG23 sing N N 374 
VAL OXT HXT  sing N N 375 
# 
_atom_sites.entry_id                    4KFV 
_atom_sites.fract_transf_matrix[1][1]   -0.02162770 
_atom_sites.fract_transf_matrix[1][2]   -0.00464698 
_atom_sites.fract_transf_matrix[1][3]   -0.00217536 
_atom_sites.fract_transf_matrix[2][1]   0.00038409 
_atom_sites.fract_transf_matrix[2][2]   0.00253745 
_atom_sites.fract_transf_matrix[2][3]   -0.00923919 
_atom_sites.fract_transf_matrix[3][1]   0.00599312 
_atom_sites.fract_transf_matrix[3][2]   -0.02481863 
_atom_sites.fract_transf_matrix[3][3]   -0.00656705 
_atom_sites.fract_transf_vector[1]      -0.178563 
_atom_sites.fract_transf_vector[2]      0.138779 
_atom_sites.fract_transf_vector[3]      -0.098492 
# 
loop_
_atom_type.symbol 
C  
CL 
N  
O  
S  
ZN 
# 
loop_
_atom_site.group_PDB 
_atom_site.id 
_atom_site.type_symbol 
_atom_site.label_atom_id 
_atom_site.label_alt_id 
_atom_site.label_comp_id 
_atom_site.label_asym_id 
_atom_site.label_entity_id 
_atom_site.label_seq_id 
_atom_site.pdbx_PDB_ins_code 
_atom_site.Cartn_x 
_atom_site.Cartn_y 
_atom_site.Cartn_z 
_atom_site.occupancy 
_atom_site.B_iso_or_equiv 
_atom_site.pdbx_formal_charge 
_atom_site.auth_seq_id 
_atom_site.auth_comp_id 
_atom_site.auth_asym_id 
_atom_site.auth_atom_id 
_atom_site.pdbx_PDB_model_num 
ATOM   1    N  N   . GLY A 1 12  ? 13.282  0.860   14.030  1.00 89.95  ? 12  GLY A N   1 
ATOM   2    C  CA  . GLY A 1 12  ? 13.209  2.126   13.321  1.00 95.46  ? 12  GLY A CA  1 
ATOM   3    C  C   . GLY A 1 12  ? 12.519  2.004   11.974  1.00 87.15  ? 12  GLY A C   1 
ATOM   4    O  O   . GLY A 1 12  ? 12.942  1.225   11.125  1.00 89.99  ? 12  GLY A O   1 
ATOM   5    N  N   . GLY A 1 13  ? 11.465  2.788   11.769  1.00 46.72  ? 13  GLY A N   1 
ATOM   6    C  CA  . GLY A 1 13  ? 11.046  3.788   12.739  1.00 52.12  ? 13  GLY A CA  1 
ATOM   7    C  C   . GLY A 1 13  ? 11.071  5.156   12.094  1.00 54.02  ? 13  GLY A C   1 
ATOM   8    O  O   . GLY A 1 13  ? 10.532  6.137   12.624  1.00 50.47  ? 13  GLY A O   1 
ATOM   9    N  N   . GLU A 1 14  ? 11.703  5.200   10.922  1.00 64.07  ? 14  GLU A N   1 
ATOM   10   C  CA  . GLU A 1 14  ? 12.070  6.449   10.282  1.00 63.41  ? 14  GLU A CA  1 
ATOM   11   C  C   . GLU A 1 14  ? 11.855  6.390   8.779   1.00 64.77  ? 14  GLU A C   1 
ATOM   12   O  O   . GLU A 1 14  ? 12.735  5.974   8.025   1.00 62.17  ? 14  GLU A O   1 
ATOM   13   C  CB  . GLU A 1 14  ? 13.551  6.764   10.535  1.00 68.98  ? 14  GLU A CB  1 
ATOM   14   C  CG  . GLU A 1 14  ? 14.125  6.237   11.845  1.00 66.05  ? 14  GLU A CG  1 
ATOM   15   C  CD  . GLU A 1 14  ? 15.632  6.058   11.781  1.00 70.48  ? 14  GLU A CD  1 
ATOM   16   O  OE1 . GLU A 1 14  ? 16.186  6.110   10.659  1.00 70.02  ? 14  GLU A OE1 1 
ATOM   17   O  OE2 . GLU A 1 14  ? 16.260  5.868   12.847  1.00 78.53  ? 14  GLU A OE2 1 
ATOM   18   N  N   . GLY A 1 15  ? 10.687  6.831   8.341   1.00 35.33  ? 15  GLY A N   1 
ATOM   19   C  CA  . GLY A 1 15  ? 10.475  7.041   6.928   1.00 29.79  ? 15  GLY A CA  1 
ATOM   20   C  C   . GLY A 1 15  ? 9.127   7.646   6.649   1.00 28.98  ? 15  GLY A C   1 
ATOM   21   O  O   . GLY A 1 15  ? 8.174   7.480   7.410   1.00 25.45  ? 15  GLY A O   1 
ATOM   22   N  N   . PHE A 1 16  ? 9.048   8.368   5.547   1.00 27.70  ? 16  PHE A N   1 
ATOM   23   C  CA  . PHE A 1 16  ? 7.753   8.730   5.030   1.00 22.85  ? 16  PHE A CA  1 
ATOM   24   C  C   . PHE A 1 16  ? 7.264   7.591   4.146   1.00 21.95  ? 16  PHE A C   1 
ATOM   25   O  O   . PHE A 1 16  ? 7.703   7.428   3.004   1.00 16.55  ? 16  PHE A O   1 
ATOM   26   C  CB  . PHE A 1 16  ? 7.807   10.084  4.337   1.00 19.56  ? 16  PHE A CB  1 
ATOM   27   C  CG  . PHE A 1 16  ? 7.854   11.243  5.311   1.00 20.37  ? 16  PHE A CG  1 
ATOM   28   C  CD1 . PHE A 1 16  ? 6.681   11.755  5.860   1.00 22.86  ? 16  PHE A CD1 1 
ATOM   29   C  CD2 . PHE A 1 16  ? 9.054   11.778  5.713   1.00 21.82  ? 16  PHE A CD2 1 
ATOM   30   C  CE1 . PHE A 1 16  ? 6.705   12.802  6.761   1.00 20.83  ? 16  PHE A CE1 1 
ATOM   31   C  CE2 . PHE A 1 16  ? 9.094   12.833  6.615   1.00 27.64  ? 16  PHE A CE2 1 
ATOM   32   C  CZ  . PHE A 1 16  ? 7.911   13.348  7.134   1.00 31.68  ? 16  PHE A CZ  1 
ATOM   33   N  N   . HIS A 1 17  ? 6.378   6.783   4.731   1.00 19.67  ? 17  HIS A N   1 
ATOM   34   C  CA  . HIS A 1 17  ? 5.831   5.596   4.096   1.00 18.67  ? 17  HIS A CA  1 
ATOM   35   C  C   . HIS A 1 17  ? 4.766   5.971   3.073   1.00 21.31  ? 17  HIS A C   1 
ATOM   36   O  O   . HIS A 1 17  ? 3.883   6.791   3.350   1.00 20.43  ? 17  HIS A O   1 
ATOM   37   C  CB  . HIS A 1 17  ? 5.210   4.680   5.153   1.00 19.73  ? 17  HIS A CB  1 
ATOM   38   C  CG  . HIS A 1 17  ? 4.850   3.313   4.634   1.00 21.02  ? 17  HIS A CG  1 
ATOM   39   N  ND1 . HIS A 1 17  ? 3.878   2.531   5.216   1.00 22.14  ? 17  HIS A ND1 1 
ATOM   40   C  CD2 . HIS A 1 17  ? 5.350   2.587   3.613   1.00 18.63  ? 17  HIS A CD2 1 
ATOM   41   C  CE1 . HIS A 1 17  ? 3.775   1.386   4.562   1.00 21.11  ? 17  HIS A CE1 1 
ATOM   42   N  NE2 . HIS A 1 17  ? 4.669   1.395   3.589   1.00 23.04  ? 17  HIS A NE2 1 
ATOM   43   N  N   . LEU A 1 18  ? 4.847   5.373   1.888   1.00 22.28  ? 18  LEU A N   1 
ATOM   44   C  CA  . LEU A 1 18  ? 3.810   5.584   0.880   1.00 21.31  ? 18  LEU A CA  1 
ATOM   45   C  C   . LEU A 1 18  ? 2.578   4.730   1.186   1.00 22.23  ? 18  LEU A C   1 
ATOM   46   O  O   . LEU A 1 18  ? 2.674   3.505   1.261   1.00 19.08  ? 18  LEU A O   1 
ATOM   47   C  CB  . LEU A 1 18  ? 4.324   5.296   -0.533  1.00 19.93  ? 18  LEU A CB  1 
ATOM   48   C  CG  . LEU A 1 18  ? 5.229   6.378   -1.139  1.00 21.83  ? 18  LEU A CG  1 
ATOM   49   C  CD1 . LEU A 1 18  ? 6.638   6.260   -0.637  1.00 21.11  ? 18  LEU A CD1 1 
ATOM   50   C  CD2 . LEU A 1 18  ? 5.218   6.315   -2.635  1.00 24.86  ? 18  LEU A CD2 1 
ATOM   51   N  N   . HIS A 1 19  ? 1.438   5.400   1.367   1.00 22.34  ? 19  HIS A N   1 
ATOM   52   C  CA  . HIS A 1 19  ? 0.134   4.753   1.497   1.00 27.29  ? 19  HIS A CA  1 
ATOM   53   C  C   . HIS A 1 19  ? -0.697  4.795   0.206   1.00 27.70  ? 19  HIS A C   1 
ATOM   54   O  O   . HIS A 1 19  ? -1.746  4.173   0.122   1.00 24.85  ? 19  HIS A O   1 
ATOM   55   C  CB  . HIS A 1 19  ? -0.670  5.428   2.607   1.00 28.90  ? 19  HIS A CB  1 
ATOM   56   C  CG  . HIS A 1 19  ? -0.315  4.948   3.974   1.00 31.96  ? 19  HIS A CG  1 
ATOM   57   N  ND1 . HIS A 1 19  ? -1.261  4.706   4.947   1.00 34.92  ? 19  HIS A ND1 1 
ATOM   58   C  CD2 . HIS A 1 19  ? 0.881   4.639   4.529   1.00 30.13  ? 19  HIS A CD2 1 
ATOM   59   C  CE1 . HIS A 1 19  ? -0.665  4.278   6.039   1.00 33.61  ? 19  HIS A CE1 1 
ATOM   60   N  NE2 . HIS A 1 19  ? 0.633   4.229   5.813   1.00 31.92  ? 19  HIS A NE2 1 
ATOM   61   N  N   . GLY A 1 20  ? -0.242  5.558   -0.783  1.00 27.44  ? 20  GLY A N   1 
ATOM   62   C  CA  . GLY A 1 20  ? -0.964  5.662   -2.040  1.00 23.12  ? 20  GLY A CA  1 
ATOM   63   C  C   . GLY A 1 20  ? -0.184  6.457   -3.064  1.00 26.34  ? 20  GLY A C   1 
ATOM   64   O  O   . GLY A 1 20  ? 0.636   7.311   -2.716  1.00 25.89  ? 20  GLY A O   1 
ATOM   65   N  N   . VAL A 1 21  ? -0.428  6.165   -4.335  1.00 19.22  ? 21  VAL A N   1 
ATOM   66   C  CA  . VAL A 1 21  ? 0.245   6.840   -5.427  1.00 16.65  ? 21  VAL A CA  1 
ATOM   67   C  C   . VAL A 1 21  ? -0.794  7.153   -6.484  1.00 20.55  ? 21  VAL A C   1 
ATOM   68   O  O   . VAL A 1 21  ? -1.529  6.265   -6.930  1.00 22.96  ? 21  VAL A O   1 
ATOM   69   C  CB  . VAL A 1 21  ? 1.372   5.957   -6.023  1.00 20.15  ? 21  VAL A CB  1 
ATOM   70   C  CG1 . VAL A 1 21  ? 1.751   6.411   -7.415  1.00 18.85  ? 21  VAL A CG1 1 
ATOM   71   C  CG2 . VAL A 1 21  ? 2.587   5.966   -5.112  1.00 17.62  ? 21  VAL A CG2 1 
ATOM   72   N  N   . GLN A 1 22  ? -0.865  8.417   -6.882  1.00 21.36  ? 22  GLN A N   1 
ATOM   73   C  CA  . GLN A 1 22  ? -1.842  8.849   -7.870  1.00 18.09  ? 22  GLN A CA  1 
ATOM   74   C  C   . GLN A 1 22  ? -1.437  8.528   -9.297  1.00 21.27  ? 22  GLN A C   1 
ATOM   75   O  O   . GLN A 1 22  ? -0.250  8.481   -9.650  1.00 19.26  ? 22  GLN A O   1 
ATOM   76   C  CB  . GLN A 1 22  ? -2.126  10.341  -7.724  1.00 20.52  ? 22  GLN A CB  1 
ATOM   77   C  CG  . GLN A 1 22  ? -3.086  10.655  -6.603  1.00 23.73  ? 22  GLN A CG  1 
ATOM   78   C  CD  . GLN A 1 22  ? -3.138  12.138  -6.299  1.00 26.93  ? 22  GLN A CD  1 
ATOM   79   O  OE1 . GLN A 1 22  ? -3.825  12.907  -6.985  1.00 25.04  ? 22  GLN A OE1 1 
ATOM   80   N  NE2 . GLN A 1 22  ? -2.406  12.550  -5.267  1.00 26.61  ? 22  GLN A NE2 1 
ATOM   81   N  N   . GLU A 1 23  ? -2.450  8.281   -10.112 1.00 25.95  ? 23  GLU A N   1 
ATOM   82   C  CA  . GLU A 1 23  ? -2.242  7.960   -11.507 1.00 30.72  ? 23  GLU A CA  1 
ATOM   83   C  C   . GLU A 1 23  ? -1.515  9.118   -12.208 1.00 27.18  ? 23  GLU A C   1 
ATOM   84   O  O   . GLU A 1 23  ? -1.867  10.285  -12.032 1.00 24.94  ? 23  GLU A O   1 
ATOM   85   C  CB  . GLU A 1 23  ? -3.593  7.637   -12.167 1.00 28.66  ? 23  GLU A CB  1 
ATOM   86   C  CG  . GLU A 1 23  ? -3.508  6.660   -13.329 1.00 40.32  ? 23  GLU A CG  1 
ATOM   87   C  CD  . GLU A 1 23  ? -2.915  5.305   -12.944 1.00 37.77  ? 23  GLU A CD  1 
ATOM   88   O  OE1 . GLU A 1 23  ? -3.065  4.872   -11.777 1.00 33.90  ? 23  GLU A OE1 1 
ATOM   89   O  OE2 . GLU A 1 23  ? -2.295  4.670   -13.824 1.00 37.91  ? 23  GLU A OE2 1 
ATOM   90   N  N   . ASN A 1 24  ? -0.476  8.780   -12.967 1.00 31.54  ? 24  ASN A N   1 
ATOM   91   C  CA  . ASN A 1 24  ? 0.319   9.755   -13.722 1.00 29.43  ? 24  ASN A CA  1 
ATOM   92   C  C   . ASN A 1 24  ? 1.096   10.767  -12.867 1.00 28.73  ? 24  ASN A C   1 
ATOM   93   O  O   . ASN A 1 24  ? 1.576   11.771  -13.378 1.00 24.96  ? 24  ASN A O   1 
ATOM   94   C  CB  . ASN A 1 24  ? -0.545  10.466  -14.782 1.00 28.67  ? 24  ASN A CB  1 
ATOM   95   C  CG  . ASN A 1 24  ? -1.211  9.482   -15.739 1.00 38.06  ? 24  ASN A CG  1 
ATOM   96   O  OD1 . ASN A 1 24  ? -0.595  8.491   -16.150 1.00 38.88  ? 24  ASN A OD1 1 
ATOM   97   N  ND2 . ASN A 1 24  ? -2.485  9.725   -16.063 1.00 37.15  ? 24  ASN A ND2 1 
ATOM   98   N  N   . SER A 1 25  ? 1.227   10.493  -11.571 1.00 24.42  ? 25  SER A N   1 
ATOM   99   C  CA  . SER A 1 25  ? 1.968   11.377  -10.683 1.00 21.74  ? 25  SER A CA  1 
ATOM   100  C  C   . SER A 1 25  ? 3.479   11.299  -10.924 1.00 22.49  ? 25  SER A C   1 
ATOM   101  O  O   . SER A 1 25  ? 3.965   10.349  -11.531 1.00 22.57  ? 25  SER A O   1 
ATOM   102  C  CB  . SER A 1 25  ? 1.673   11.034  -9.235  1.00 21.90  ? 25  SER A CB  1 
ATOM   103  O  OG  . SER A 1 25  ? 2.117   9.724   -8.960  1.00 23.70  ? 25  SER A OG  1 
ATOM   104  N  N   . PRO A 1 26  ? 4.225   12.315  -10.454 1.00 21.52  ? 26  PRO A N   1 
ATOM   105  C  CA  . PRO A 1 26  ? 5.688   12.201  -10.469 1.00 24.34  ? 26  PRO A CA  1 
ATOM   106  C  C   . PRO A 1 26  ? 6.154   10.998  -9.658  1.00 25.17  ? 26  PRO A C   1 
ATOM   107  O  O   . PRO A 1 26  ? 7.140   10.346  -10.037 1.00 20.43  ? 26  PRO A O   1 
ATOM   108  C  CB  . PRO A 1 26  ? 6.142   13.485  -9.793  1.00 22.45  ? 26  PRO A CB  1 
ATOM   109  C  CG  . PRO A 1 26  ? 5.054   14.463  -10.087 1.00 23.09  ? 26  PRO A CG  1 
ATOM   110  C  CD  . PRO A 1 26  ? 3.779   13.673  -10.095 1.00 20.59  ? 26  PRO A CD  1 
ATOM   111  N  N   . ALA A 1 27  ? 5.459   10.709  -8.557  1.00 23.60  ? 27  ALA A N   1 
ATOM   112  C  CA  . ALA A 1 27  ? 5.799   9.539   -7.754  1.00 23.47  ? 27  ALA A CA  1 
ATOM   113  C  C   . ALA A 1 27  ? 5.691   8.299   -8.626  1.00 24.29  ? 27  ALA A C   1 
ATOM   114  O  O   . ALA A 1 27  ? 6.628   7.513   -8.698  1.00 21.42  ? 27  ALA A O   1 
ATOM   115  C  CB  . ALA A 1 27  ? 4.894   9.417   -6.546  1.00 22.13  ? 27  ALA A CB  1 
ATOM   116  N  N   . GLN A 1 28  ? 4.555   8.158   -9.313  1.00 23.63  ? 28  GLN A N   1 
ATOM   117  C  CA  . GLN A 1 28  ? 4.304   6.979   -10.127 1.00 25.13  ? 28  GLN A CA  1 
ATOM   118  C  C   . GLN A 1 28  ? 5.325   6.833   -11.240 1.00 28.78  ? 28  GLN A C   1 
ATOM   119  O  O   . GLN A 1 28  ? 5.795   5.734   -11.517 1.00 30.26  ? 28  GLN A O   1 
ATOM   120  C  CB  . GLN A 1 28  ? 2.904   6.991   -10.752 1.00 23.48  ? 28  GLN A CB  1 
ATOM   121  C  CG  . GLN A 1 28  ? 2.623   5.663   -11.486 1.00 28.40  ? 28  GLN A CG  1 
ATOM   122  C  CD  . GLN A 1 28  ? 1.198   5.530   -11.991 1.00 30.46  ? 28  GLN A CD  1 
ATOM   123  O  OE1 . GLN A 1 28  ? 0.820   6.135   -13.001 1.00 29.44  ? 28  GLN A OE1 1 
ATOM   124  N  NE2 . GLN A 1 28  ? 0.405   4.738   -11.295 1.00 26.16  ? 28  GLN A NE2 1 
ATOM   125  N  N   . GLN A 1 29  ? 5.660   7.953   -11.869 1.00 29.68  ? 29  GLN A N   1 
ATOM   126  C  CA  . GLN A 1 29  ? 6.554   7.947   -13.009 1.00 31.88  ? 29  GLN A CA  1 
ATOM   127  C  C   . GLN A 1 29  ? 7.974   7.581   -12.593 1.00 34.22  ? 29  GLN A C   1 
ATOM   128  O  O   . GLN A 1 29  ? 8.745   7.067   -13.404 1.00 37.03  ? 29  GLN A O   1 
ATOM   129  C  CB  . GLN A 1 29  ? 6.514   9.296   -13.737 1.00 29.32  ? 29  GLN A CB  1 
ATOM   130  C  CG  . GLN A 1 29  ? 5.156   9.591   -14.353 1.00 31.09  ? 29  GLN A CG  1 
ATOM   131  C  CD  . GLN A 1 29  ? 5.094   10.913  -15.094 1.00 31.84  ? 29  GLN A CD  1 
ATOM   132  O  OE1 . GLN A 1 29  ? 5.625   11.927  -14.641 1.00 30.98  ? 29  GLN A OE1 1 
ATOM   133  N  NE2 . GLN A 1 29  ? 4.429   10.905  -16.250 1.00 35.63  ? 29  GLN A NE2 1 
ATOM   134  N  N   . ALA A 1 30  ? 8.312   7.820   -11.329 1.00 29.58  ? 30  ALA A N   1 
ATOM   135  C  CA  . ALA A 1 30  ? 9.662   7.500   -10.848 1.00 33.55  ? 30  ALA A CA  1 
ATOM   136  C  C   . ALA A 1 30  ? 9.752   6.082   -10.274 1.00 31.81  ? 30  ALA A C   1 
ATOM   137  O  O   . ALA A 1 30  ? 10.804  5.651   -9.828  1.00 31.65  ? 30  ALA A O   1 
ATOM   138  C  CB  . ALA A 1 30  ? 10.139  8.545   -9.815  1.00 27.15  ? 30  ALA A CB  1 
ATOM   139  N  N   . GLY A 1 31  ? 8.637   5.363   -10.268 1.00 33.57  ? 31  GLY A N   1 
ATOM   140  C  CA  . GLY A 1 31  ? 8.615   4.011   -9.731  1.00 24.94  ? 31  GLY A CA  1 
ATOM   141  C  C   . GLY A 1 31  ? 8.386   3.887   -8.233  1.00 27.66  ? 31  GLY A C   1 
ATOM   142  O  O   . GLY A 1 31  ? 8.599   2.823   -7.666  1.00 28.81  ? 31  GLY A O   1 
ATOM   143  N  N   . LEU A 1 32  ? 7.964   4.962   -7.578  1.00 27.23  ? 32  LEU A N   1 
ATOM   144  C  CA  . LEU A 1 32  ? 7.594   4.864   -6.170  1.00 25.18  ? 32  LEU A CA  1 
ATOM   145  C  C   . LEU A 1 32  ? 6.342   3.985   -6.052  1.00 26.88  ? 32  LEU A C   1 
ATOM   146  O  O   . LEU A 1 32  ? 5.385   4.142   -6.807  1.00 28.32  ? 32  LEU A O   1 
ATOM   147  C  CB  . LEU A 1 32  ? 7.358   6.252   -5.553  1.00 23.13  ? 32  LEU A CB  1 
ATOM   148  C  CG  . LEU A 1 32  ? 8.569   7.184   -5.437  1.00 25.17  ? 32  LEU A CG  1 
ATOM   149  C  CD1 . LEU A 1 32  ? 8.239   8.416   -4.607  1.00 22.42  ? 32  LEU A CD1 1 
ATOM   150  C  CD2 . LEU A 1 32  ? 9.790   6.457   -4.859  1.00 24.52  ? 32  LEU A CD2 1 
ATOM   151  N  N   . GLU A 1 33  ? 6.365   3.049   -5.116  1.00 21.81  ? 33  GLU A N   1 
ATOM   152  C  CA  . GLU A 1 33  ? 5.324   2.042   -5.023  1.00 21.32  ? 33  GLU A CA  1 
ATOM   153  C  C   . GLU A 1 33  ? 4.631   2.108   -3.679  1.00 21.40  ? 33  GLU A C   1 
ATOM   154  O  O   . GLU A 1 33  ? 5.288   2.180   -2.646  1.00 19.51  ? 33  GLU A O   1 
ATOM   155  C  CB  . GLU A 1 33  ? 5.940   0.660   -5.235  1.00 24.90  ? 33  GLU A CB  1 
ATOM   156  C  CG  . GLU A 1 33  ? 5.179   -0.494  -4.622  1.00 26.17  ? 33  GLU A CG  1 
ATOM   157  C  CD  . GLU A 1 33  ? 5.719   -1.829  -5.113  1.00 31.09  ? 33  GLU A CD  1 
ATOM   158  O  OE1 . GLU A 1 33  ? 6.912   -2.117  -4.847  1.00 32.50  ? 33  GLU A OE1 1 
ATOM   159  O  OE2 . GLU A 1 33  ? 4.957   -2.567  -5.783  1.00 25.30  ? 33  GLU A OE2 1 
ATOM   160  N  N   . PRO A 1 34  ? 3.291   2.089   -3.693  1.00 24.69  ? 34  PRO A N   1 
ATOM   161  C  CA  . PRO A 1 34  ? 2.510   2.128   -2.457  1.00 24.76  ? 34  PRO A CA  1 
ATOM   162  C  C   . PRO A 1 34  ? 2.808   0.943   -1.545  1.00 20.42  ? 34  PRO A C   1 
ATOM   163  O  O   . PRO A 1 34  ? 3.050   -0.166  -2.013  1.00 19.61  ? 34  PRO A O   1 
ATOM   164  C  CB  . PRO A 1 34  ? 1.065   2.071   -2.955  1.00 22.47  ? 34  PRO A CB  1 
ATOM   165  C  CG  . PRO A 1 34  ? 1.115   2.577   -4.345  1.00 26.59  ? 34  PRO A CG  1 
ATOM   166  C  CD  . PRO A 1 34  ? 2.424   2.079   -4.888  1.00 26.61  ? 34  PRO A CD  1 
ATOM   167  N  N   . TYR A 1 35  ? 2.773   1.210   -0.245  1.00 21.40  ? 35  TYR A N   1 
ATOM   168  C  CA  . TYR A 1 35  ? 3.059   0.239   0.810   1.00 23.72  ? 35  TYR A CA  1 
ATOM   169  C  C   . TYR A 1 35  ? 4.514   -0.228  0.915   1.00 24.07  ? 35  TYR A C   1 
ATOM   170  O  O   . TYR A 1 35  ? 5.107   -0.200  1.991   1.00 26.90  ? 35  TYR A O   1 
ATOM   171  C  CB  . TYR A 1 35  ? 2.133   -0.984  0.772   1.00 24.60  ? 35  TYR A CB  1 
ATOM   172  C  CG  . TYR A 1 35  ? 2.552   -1.996  1.818   1.00 26.65  ? 35  TYR A CG  1 
ATOM   173  C  CD1 . TYR A 1 35  ? 2.254   -1.799  3.166   1.00 29.15  ? 35  TYR A CD1 1 
ATOM   174  C  CD2 . TYR A 1 35  ? 3.288   -3.121  1.470   1.00 26.79  ? 35  TYR A CD2 1 
ATOM   175  C  CE1 . TYR A 1 35  ? 2.666   -2.714  4.126   1.00 33.76  ? 35  TYR A CE1 1 
ATOM   176  C  CE2 . TYR A 1 35  ? 3.702   -4.026  2.422   1.00 26.10  ? 35  TYR A CE2 1 
ATOM   177  C  CZ  . TYR A 1 35  ? 3.388   -3.828  3.741   1.00 25.39  ? 35  TYR A CZ  1 
ATOM   178  O  OH  . TYR A 1 35  ? 3.816   -4.745  4.675   1.00 31.00  ? 35  TYR A OH  1 
ATOM   179  N  N   . PHE A 1 36  ? 5.078   -0.686  -0.191  1.00 23.33  ? 36  PHE A N   1 
ATOM   180  C  CA  . PHE A 1 36  ? 6.386   -1.310  -0.130  1.00 25.53  ? 36  PHE A CA  1 
ATOM   181  C  C   . PHE A 1 36  ? 7.517   -0.293  0.017   1.00 26.45  ? 36  PHE A C   1 
ATOM   182  O  O   . PHE A 1 36  ? 8.572   -0.635  0.535   1.00 26.78  ? 36  PHE A O   1 
ATOM   183  C  CB  . PHE A 1 36  ? 6.600   -2.233  -1.328  1.00 21.98  ? 36  PHE A CB  1 
ATOM   184  C  CG  . PHE A 1 36  ? 5.728   -3.472  -1.300  1.00 24.43  ? 36  PHE A CG  1 
ATOM   185  C  CD1 . PHE A 1 36  ? 6.021   -4.524  -0.447  1.00 27.64  ? 36  PHE A CD1 1 
ATOM   186  C  CD2 . PHE A 1 36  ? 4.625   -3.585  -2.130  1.00 27.85  ? 36  PHE A CD2 1 
ATOM   187  C  CE1 . PHE A 1 36  ? 5.223   -5.662  -0.417  1.00 29.64  ? 36  PHE A CE1 1 
ATOM   188  C  CE2 . PHE A 1 36  ? 3.816   -4.722  -2.108  1.00 28.58  ? 36  PHE A CE2 1 
ATOM   189  C  CZ  . PHE A 1 36  ? 4.111   -5.756  -1.250  1.00 25.28  ? 36  PHE A CZ  1 
ATOM   190  N  N   . ASP A 1 37  ? 7.293   0.952   -0.416  1.00 23.58  ? 37  ASP A N   1 
ATOM   191  C  CA  . ASP A 1 37  ? 8.362   1.968   -0.425  1.00 22.44  ? 37  ASP A CA  1 
ATOM   192  C  C   . ASP A 1 37  ? 8.257   3.017   0.681   1.00 21.81  ? 37  ASP A C   1 
ATOM   193  O  O   . ASP A 1 37  ? 7.163   3.509   0.968   1.00 22.40  ? 37  ASP A O   1 
ATOM   194  C  CB  . ASP A 1 37  ? 8.415   2.695   -1.775  1.00 21.36  ? 37  ASP A CB  1 
ATOM   195  C  CG  . ASP A 1 37  ? 9.164   1.911   -2.844  1.00 24.92  ? 37  ASP A CG  1 
ATOM   196  O  OD1 . ASP A 1 37  ? 10.070  1.120   -2.489  1.00 20.43  ? 37  ASP A OD1 1 
ATOM   197  O  OD2 . ASP A 1 37  ? 8.844   2.103   -4.045  1.00 23.22  ? 37  ASP A OD2 1 
ATOM   198  N  N   . PHE A 1 38  ? 9.410   3.353   1.275   1.00 19.30  ? 38  PHE A N   1 
ATOM   199  C  CA  . PHE A 1 38  ? 9.571   4.504   2.164   1.00 19.66  ? 38  PHE A CA  1 
ATOM   200  C  C   . PHE A 1 38  ? 10.525  5.533   1.553   1.00 19.27  ? 38  PHE A C   1 
ATOM   201  O  O   . PHE A 1 38  ? 11.577  5.179   1.020   1.00 17.64  ? 38  PHE A O   1 
ATOM   202  C  CB  . PHE A 1 38  ? 10.198  4.096   3.494   1.00 19.99  ? 38  PHE A CB  1 
ATOM   203  C  CG  . PHE A 1 38  ? 9.298   3.346   4.402   1.00 17.47  ? 38  PHE A CG  1 
ATOM   204  C  CD1 . PHE A 1 38  ? 8.792   3.954   5.541   1.00 22.48  ? 38  PHE A CD1 1 
ATOM   205  C  CD2 . PHE A 1 38  ? 9.001   2.020   4.168   1.00 19.81  ? 38  PHE A CD2 1 
ATOM   206  C  CE1 . PHE A 1 38  ? 7.978   3.263   6.396   1.00 21.07  ? 38  PHE A CE1 1 
ATOM   207  C  CE2 . PHE A 1 38  ? 8.193   1.320   5.042   1.00 18.68  ? 38  PHE A CE2 1 
ATOM   208  C  CZ  . PHE A 1 38  ? 7.685   1.944   6.145   1.00 21.22  ? 38  PHE A CZ  1 
ATOM   209  N  N   . ILE A 1 39  ? 10.167  6.808   1.659   1.00 21.94  ? 39  ILE A N   1 
ATOM   210  C  CA  . ILE A 1 39  ? 11.056  7.880   1.266   1.00 23.59  ? 39  ILE A CA  1 
ATOM   211  C  C   . ILE A 1 39  ? 11.806  8.255   2.519   1.00 22.68  ? 39  ILE A C   1 
ATOM   212  O  O   . ILE A 1 39  ? 11.239  8.852   3.425   1.00 25.38  ? 39  ILE A O   1 
ATOM   213  C  CB  . ILE A 1 39  ? 10.304  9.122   0.745   1.00 23.37  ? 39  ILE A CB  1 
ATOM   214  C  CG1 . ILE A 1 39  ? 9.500   8.799   -0.522  1.00 24.66  ? 39  ILE A CG1 1 
ATOM   215  C  CG2 . ILE A 1 39  ? 11.276  10.215  0.433   1.00 22.75  ? 39  ILE A CG2 1 
ATOM   216  C  CD1 . ILE A 1 39  ? 8.746   10.030  -1.095  1.00 21.26  ? 39  ILE A CD1 1 
ATOM   217  N  N   . ILE A 1 40  ? 13.080  7.890   2.568   1.00 18.21  ? 40  ILE A N   1 
ATOM   218  C  CA  . ILE A 1 40  ? 13.889  8.079   3.763   1.00 25.01  ? 40  ILE A CA  1 
ATOM   219  C  C   . ILE A 1 40  ? 14.846  9.265   3.675   1.00 21.10  ? 40  ILE A C   1 
ATOM   220  O  O   . ILE A 1 40  ? 15.294  9.767   4.696   1.00 24.13  ? 40  ILE A O   1 
ATOM   221  C  CB  . ILE A 1 40  ? 14.664  6.787   4.131   1.00 22.62  ? 40  ILE A CB  1 
ATOM   222  C  CG1 . ILE A 1 40  ? 15.721  6.457   3.088   1.00 26.13  ? 40  ILE A CG1 1 
ATOM   223  C  CG2 . ILE A 1 40  ? 13.705  5.615   4.304   1.00 24.54  ? 40  ILE A CG2 1 
ATOM   224  C  CD1 . ILE A 1 40  ? 16.730  5.401   3.584   1.00 26.15  ? 40  ILE A CD1 1 
ATOM   225  N  N   . THR A 1 41  ? 15.158  9.700   2.455   1.00 17.96  ? 41  THR A N   1 
ATOM   226  C  CA  . THR A 1 41  ? 16.065  10.819  2.221   1.00 20.22  ? 41  THR A CA  1 
ATOM   227  C  C   . THR A 1 41  ? 15.651  11.604  0.982   1.00 22.44  ? 41  THR A C   1 
ATOM   228  O  O   . THR A 1 41  ? 15.257  11.011  -0.026  1.00 24.22  ? 41  THR A O   1 
ATOM   229  C  CB  . THR A 1 41  ? 17.520  10.319  1.998   1.00 27.44  ? 41  THR A CB  1 
ATOM   230  O  OG1 . THR A 1 41  ? 17.940  9.501   3.105   1.00 26.88  ? 41  THR A OG1 1 
ATOM   231  C  CG2 . THR A 1 41  ? 18.490  11.481  1.837   1.00 25.76  ? 41  THR A CG2 1 
ATOM   232  N  N   . ILE A 1 42  ? 15.712  12.932  1.073   1.00 21.98  ? 42  ILE A N   1 
ATOM   233  C  CA  . ILE A 1 42  ? 15.653  13.826  -0.085  1.00 22.41  ? 42  ILE A CA  1 
ATOM   234  C  C   . ILE A 1 42  ? 16.862  14.775  -0.014  1.00 25.71  ? 42  ILE A C   1 
ATOM   235  O  O   . ILE A 1 42  ? 17.098  15.393  1.023   1.00 24.20  ? 42  ILE A O   1 
ATOM   236  C  CB  . ILE A 1 42  ? 14.317  14.635  -0.141  1.00 21.06  ? 42  ILE A CB  1 
ATOM   237  C  CG1 . ILE A 1 42  ? 14.276  15.557  -1.367  1.00 24.78  ? 42  ILE A CG1 1 
ATOM   238  C  CG2 . ILE A 1 42  ? 14.106  15.442  1.120   1.00 19.01  ? 42  ILE A CG2 1 
ATOM   239  C  CD1 . ILE A 1 42  ? 12.920  16.265  -1.581  1.00 19.94  ? 42  ILE A CD1 1 
ATOM   240  N  N   . GLY A 1 43  ? 17.629  14.857  -1.105  1.00 34.37  ? 43  GLY A N   1 
ATOM   241  C  CA  . GLY A 1 43  ? 18.816  15.697  -1.205  1.00 34.02  ? 43  GLY A CA  1 
ATOM   242  C  C   . GLY A 1 43  ? 19.620  15.989  0.057   1.00 43.36  ? 43  GLY A C   1 
ATOM   243  O  O   . GLY A 1 43  ? 19.500  17.068  0.647   1.00 52.39  ? 43  GLY A O   1 
ATOM   244  N  N   . HIS A 1 44  ? 20.421  15.019  0.485   1.00 35.70  ? 44  HIS A N   1 
ATOM   245  C  CA  . HIS A 1 44  ? 21.288  15.162  1.659   1.00 32.81  ? 44  HIS A CA  1 
ATOM   246  C  C   . HIS A 1 44  ? 20.557  15.339  2.991   1.00 34.27  ? 44  HIS A C   1 
ATOM   247  O  O   . HIS A 1 44  ? 21.187  15.442  4.038   1.00 34.95  ? 44  HIS A O   1 
ATOM   248  C  CB  . HIS A 1 44  ? 22.322  16.278  1.452   1.00 37.90  ? 44  HIS A CB  1 
ATOM   249  C  CG  . HIS A 1 44  ? 23.236  16.038  0.290   1.00 35.19  ? 44  HIS A CG  1 
ATOM   250  N  ND1 . HIS A 1 44  ? 24.548  15.633  0.440   1.00 33.85  ? 44  HIS A ND1 1 
ATOM   251  C  CD2 . HIS A 1 44  ? 23.026  16.138  -1.045  1.00 32.80  ? 44  HIS A CD2 1 
ATOM   252  C  CE1 . HIS A 1 44  ? 25.102  15.492  -0.751  1.00 33.03  ? 44  HIS A CE1 1 
ATOM   253  N  NE2 . HIS A 1 44  ? 24.199  15.786  -1.671  1.00 36.79  ? 44  HIS A NE2 1 
ATOM   254  N  N   . SER A 1 45  ? 19.232  15.356  2.960   1.00 28.91  ? 45  SER A N   1 
ATOM   255  C  CA  . SER A 1 45  ? 18.460  15.457  4.195   1.00 33.97  ? 45  SER A CA  1 
ATOM   256  C  C   . SER A 1 45  ? 17.797  14.121  4.533   1.00 29.93  ? 45  SER A C   1 
ATOM   257  O  O   . SER A 1 45  ? 16.944  13.629  3.783   1.00 27.26  ? 45  SER A O   1 
ATOM   258  C  CB  . SER A 1 45  ? 17.396  16.561  4.089   1.00 28.79  ? 45  SER A CB  1 
ATOM   259  O  OG  . SER A 1 45  ? 17.951  17.774  3.605   1.00 33.25  ? 45  SER A OG  1 
ATOM   260  N  N   . ARG A 1 46  ? 18.189  13.553  5.667   1.00 28.81  ? 46  ARG A N   1 
ATOM   261  C  CA  . ARG A 1 46  ? 17.617  12.300  6.148   1.00 30.71  ? 46  ARG A CA  1 
ATOM   262  C  C   . ARG A 1 46  ? 16.299  12.530  6.854   1.00 30.26  ? 46  ARG A C   1 
ATOM   263  O  O   . ARG A 1 46  ? 16.236  13.291  7.824   1.00 29.11  ? 46  ARG A O   1 
ATOM   264  C  CB  . ARG A 1 46  ? 18.571  11.613  7.119   1.00 29.39  ? 46  ARG A CB  1 
ATOM   265  C  CG  . ARG A 1 46  ? 18.903  10.200  6.731   1.00 34.90  ? 46  ARG A CG  1 
ATOM   266  C  CD  . ARG A 1 46  ? 18.177  9.165   7.559   1.00 31.09  ? 46  ARG A CD  1 
ATOM   267  N  NE  . ARG A 1 46  ? 16.777  9.032   7.195   1.00 38.82  ? 46  ARG A NE  1 
ATOM   268  C  CZ  . ARG A 1 46  ? 16.058  7.929   7.374   1.00 34.36  ? 46  ARG A CZ  1 
ATOM   269  N  NH1 . ARG A 1 46  ? 16.611  6.843   7.896   1.00 34.13  ? 46  ARG A NH1 1 
ATOM   270  N  NH2 . ARG A 1 46  ? 14.779  7.920   7.034   1.00 34.91  ? 46  ARG A NH2 1 
ATOM   271  N  N   . LEU A 1 47  ? 15.257  11.848  6.390   1.00 23.49  ? 47  LEU A N   1 
ATOM   272  C  CA  . LEU A 1 47  ? 13.914  12.053  6.938   1.00 26.26  ? 47  LEU A CA  1 
ATOM   273  C  C   . LEU A 1 47  ? 13.599  11.099  8.060   1.00 27.31  ? 47  LEU A C   1 
ATOM   274  O  O   . LEU A 1 47  ? 12.714  10.254  7.928   1.00 28.52  ? 47  LEU A O   1 
ATOM   275  C  CB  . LEU A 1 47  ? 12.865  11.881  5.844   1.00 25.41  ? 47  LEU A CB  1 
ATOM   276  C  CG  . LEU A 1 47  ? 13.226  12.620  4.566   1.00 22.56  ? 47  LEU A CG  1 
ATOM   277  C  CD1 . LEU A 1 47  ? 12.202  12.278  3.514   1.00 20.96  ? 47  LEU A CD1 1 
ATOM   278  C  CD2 . LEU A 1 47  ? 13.309  14.134  4.849   1.00 20.76  ? 47  LEU A CD2 1 
ATOM   279  N  N   . ASN A 1 48  ? 14.306  11.250  9.169   1.00 29.33  ? 48  ASN A N   1 
ATOM   280  C  CA  . ASN A 1 48  ? 14.179  10.328  10.279  1.00 31.70  ? 48  ASN A CA  1 
ATOM   281  C  C   . ASN A 1 48  ? 13.374  10.895  11.443  1.00 37.39  ? 48  ASN A C   1 
ATOM   282  O  O   . ASN A 1 48  ? 13.422  10.370  12.553  1.00 39.06  ? 48  ASN A O   1 
ATOM   283  C  CB  . ASN A 1 48  ? 15.565  9.858   10.741  1.00 34.80  ? 48  ASN A CB  1 
ATOM   284  C  CG  . ASN A 1 48  ? 16.504  11.014  11.072  1.00 33.35  ? 48  ASN A CG  1 
ATOM   285  O  OD1 . ASN A 1 48  ? 16.079  12.154  11.234  1.00 35.65  ? 48  ASN A OD1 1 
ATOM   286  N  ND2 . ASN A 1 48  ? 17.796  10.711  11.185  1.00 33.39  ? 48  ASN A ND2 1 
ATOM   287  N  N   . LYS A 1 49  ? 12.635  11.968  11.179  1.00 44.74  ? 49  LYS A N   1 
ATOM   288  C  CA  . LYS A 1 49  ? 11.823  12.634  12.198  1.00 46.59  ? 49  LYS A CA  1 
ATOM   289  C  C   . LYS A 1 49  ? 10.504  13.123  11.597  1.00 41.23  ? 49  LYS A C   1 
ATOM   290  O  O   . LYS A 1 49  ? 10.443  13.481  10.420  1.00 42.39  ? 49  LYS A O   1 
ATOM   291  C  CB  . LYS A 1 49  ? 12.591  13.818  12.808  1.00 42.88  ? 49  LYS A CB  1 
ATOM   292  C  CG  . LYS A 1 49  ? 11.865  14.536  13.943  1.00 50.65  ? 49  LYS A CG  1 
ATOM   293  C  CD  . LYS A 1 49  ? 11.905  16.061  13.758  1.00 48.90  ? 49  LYS A CD  1 
ATOM   294  C  CE  . LYS A 1 49  ? 11.283  16.812  14.932  1.00 46.20  ? 49  LYS A CE  1 
ATOM   295  N  NZ  . LYS A 1 49  ? 9.882   16.367  15.194  1.00 46.81  ? 49  LYS A NZ  1 
ATOM   296  N  N   . GLU A 1 50  ? 9.457   13.128  12.413  1.00 33.62  ? 50  GLU A N   1 
ATOM   297  C  CA  . GLU A 1 50  ? 8.152   13.665  12.026  1.00 36.23  ? 50  GLU A CA  1 
ATOM   298  C  C   . GLU A 1 50  ? 8.160   15.190  11.925  1.00 30.35  ? 50  GLU A C   1 
ATOM   299  O  O   . GLU A 1 50  ? 7.835   15.871  12.882  1.00 36.98  ? 50  GLU A O   1 
ATOM   300  C  CB  . GLU A 1 50  ? 7.099   13.262  13.065  1.00 39.16  ? 50  GLU A CB  1 
ATOM   301  C  CG  . GLU A 1 50  ? 6.177   12.136  12.669  1.00 42.25  ? 50  GLU A CG  1 
ATOM   302  C  CD  . GLU A 1 50  ? 5.075   12.583  11.730  1.00 47.00  ? 50  GLU A CD  1 
ATOM   303  O  OE1 . GLU A 1 50  ? 3.894   12.270  12.004  1.00 44.69  ? 50  GLU A OE1 1 
ATOM   304  O  OE2 . GLU A 1 50  ? 5.393   13.236  10.708  1.00 45.25  ? 50  GLU A OE2 1 
ATOM   305  N  N   . ASN A 1 51  ? 8.516   15.729  10.768  1.00 31.63  ? 51  ASN A N   1 
ATOM   306  C  CA  . ASN A 1 51  ? 8.500   17.176  10.577  1.00 26.05  ? 51  ASN A CA  1 
ATOM   307  C  C   . ASN A 1 51  ? 8.132   17.559  9.141   1.00 25.93  ? 51  ASN A C   1 
ATOM   308  O  O   . ASN A 1 51  ? 7.698   16.703  8.368   1.00 26.93  ? 51  ASN A O   1 
ATOM   309  C  CB  . ASN A 1 51  ? 9.824   17.799  11.042  1.00 26.93  ? 51  ASN A CB  1 
ATOM   310  C  CG  . ASN A 1 51  ? 11.022  17.287  10.261  1.00 29.07  ? 51  ASN A CG  1 
ATOM   311  O  OD1 . ASN A 1 51  ? 10.913  16.963  9.075   1.00 27.86  ? 51  ASN A OD1 1 
ATOM   312  N  ND2 . ASN A 1 51  ? 12.183  17.231  10.918  1.00 27.32  ? 51  ASN A ND2 1 
ATOM   313  N  N   . ASP A 1 52  ? 8.278   18.831  8.769   1.00 32.65  ? 52  ASP A N   1 
ATOM   314  C  CA  . ASP A 1 52  ? 7.843   19.244  7.437   1.00 33.05  ? 52  ASP A CA  1 
ATOM   315  C  C   . ASP A 1 52  ? 8.950   19.238  6.368   1.00 32.63  ? 52  ASP A C   1 
ATOM   316  O  O   . ASP A 1 52  ? 8.738   19.721  5.255   1.00 35.26  ? 52  ASP A O   1 
ATOM   317  C  CB  . ASP A 1 52  ? 7.125   20.605  7.483   1.00 37.30  ? 52  ASP A CB  1 
ATOM   318  C  CG  . ASP A 1 52  ? 8.086   21.793  7.566   1.00 41.74  ? 52  ASP A CG  1 
ATOM   319  O  OD1 . ASP A 1 52  ? 9.261   21.625  7.968   1.00 41.12  ? 52  ASP A OD1 1 
ATOM   320  O  OD2 . ASP A 1 52  ? 7.649   22.917  7.222   1.00 50.60  ? 52  ASP A OD2 1 
ATOM   321  N  N   . THR A 1 53  ? 10.115  18.680  6.696   1.00 24.45  ? 53  THR A N   1 
ATOM   322  C  CA  . THR A 1 53  ? 11.256  18.719  5.780   1.00 23.24  ? 53  THR A CA  1 
ATOM   323  C  C   . THR A 1 53  ? 10.985  18.152  4.372   1.00 24.33  ? 53  THR A C   1 
ATOM   324  O  O   . THR A 1 53  ? 11.380  18.771  3.381   1.00 23.95  ? 53  THR A O   1 
ATOM   325  C  CB  . THR A 1 53  ? 12.507  18.078  6.391   1.00 27.01  ? 53  THR A CB  1 
ATOM   326  O  OG1 . THR A 1 53  ? 12.975  18.905  7.463   1.00 32.87  ? 53  THR A OG1 1 
ATOM   327  C  CG2 . THR A 1 53  ? 13.618  17.933  5.344   1.00 20.20  ? 53  THR A CG2 1 
ATOM   328  N  N   . LEU A 1 54  ? 10.313  16.998  4.281   1.00 25.56  ? 54  LEU A N   1 
ATOM   329  C  CA  . LEU A 1 54  ? 9.997   16.403  2.977   1.00 21.41  ? 54  LEU A CA  1 
ATOM   330  C  C   . LEU A 1 54  ? 9.105   17.332  2.160   1.00 25.03  ? 54  LEU A C   1 
ATOM   331  O  O   . LEU A 1 54  ? 9.401   17.635  1.005   1.00 27.38  ? 54  LEU A O   1 
ATOM   332  C  CB  . LEU A 1 54  ? 9.332   15.032  3.119   1.00 18.98  ? 54  LEU A CB  1 
ATOM   333  C  CG  . LEU A 1 54  ? 8.938   14.349  1.796   1.00 20.85  ? 54  LEU A CG  1 
ATOM   334  C  CD1 . LEU A 1 54  ? 10.132  14.238  0.828   1.00 21.88  ? 54  LEU A CD1 1 
ATOM   335  C  CD2 . LEU A 1 54  ? 8.304   12.978  2.014   1.00 18.02  ? 54  LEU A CD2 1 
ATOM   336  N  N   . LYS A 1 55  ? 8.021   17.786  2.788   1.00 28.17  ? 55  LYS A N   1 
ATOM   337  C  CA  . LYS A 1 55  ? 7.073   18.714  2.194   1.00 25.99  ? 55  LYS A CA  1 
ATOM   338  C  C   . LYS A 1 55  ? 7.761   19.980  1.707   1.00 22.06  ? 55  LYS A C   1 
ATOM   339  O  O   . LYS A 1 55  ? 7.486   20.475  0.620   1.00 23.91  ? 55  LYS A O   1 
ATOM   340  C  CB  . LYS A 1 55  ? 6.045   19.102  3.254   1.00 29.17  ? 55  LYS A CB  1 
ATOM   341  C  CG  . LYS A 1 55  ? 4.917   19.988  2.764   1.00 27.75  ? 55  LYS A CG  1 
ATOM   342  C  CD  . LYS A 1 55  ? 3.805   19.130  2.238   1.00 27.14  ? 55  LYS A CD  1 
ATOM   343  C  CE  . LYS A 1 55  ? 2.541   19.906  2.034   1.00 38.75  ? 55  LYS A CE  1 
ATOM   344  N  NZ  . LYS A 1 55  ? 2.313   20.224  0.619   1.00 33.95  ? 55  LYS A NZ  1 
ATOM   345  N  N   . ALA A 1 56  ? 8.645   20.513  2.535   1.00 21.88  ? 56  ALA A N   1 
ATOM   346  C  CA  . ALA A 1 56  ? 9.327   21.758  2.211   1.00 26.46  ? 56  ALA A CA  1 
ATOM   347  C  C   . ALA A 1 56  ? 10.334  21.567  1.078   1.00 24.83  ? 56  ALA A C   1 
ATOM   348  O  O   . ALA A 1 56  ? 10.414  22.394  0.173   1.00 27.05  ? 56  ALA A O   1 
ATOM   349  C  CB  . ALA A 1 56  ? 10.005  22.348  3.458   1.00 23.47  ? 56  ALA A CB  1 
ATOM   350  N  N   . LEU A 1 57  ? 11.092  20.473  1.114   1.00 24.30  ? 57  LEU A N   1 
ATOM   351  C  CA  . LEU A 1 57  ? 12.123  20.267  0.098   1.00 23.81  ? 57  LEU A CA  1 
ATOM   352  C  C   . LEU A 1 57  ? 11.521  19.851  -1.228  1.00 25.64  ? 57  LEU A C   1 
ATOM   353  O  O   . LEU A 1 57  ? 12.114  20.087  -2.284  1.00 26.90  ? 57  LEU A O   1 
ATOM   354  C  CB  . LEU A 1 57  ? 13.174  19.258  0.564   1.00 23.00  ? 57  LEU A CB  1 
ATOM   355  C  CG  . LEU A 1 57  ? 14.064  19.797  1.683   1.00 24.09  ? 57  LEU A CG  1 
ATOM   356  C  CD1 . LEU A 1 57  ? 15.243  18.875  1.927   1.00 26.14  ? 57  LEU A CD1 1 
ATOM   357  C  CD2 . LEU A 1 57  ? 14.532  21.203  1.340   1.00 26.42  ? 57  LEU A CD2 1 
ATOM   358  N  N   . LEU A 1 58  ? 10.343  19.231  -1.184  1.00 23.33  ? 58  LEU A N   1 
ATOM   359  C  CA  . LEU A 1 58  ? 9.637   18.959  -2.427  1.00 23.80  ? 58  LEU A CA  1 
ATOM   360  C  C   . LEU A 1 58  ? 9.310   20.302  -3.051  1.00 23.70  ? 58  LEU A C   1 
ATOM   361  O  O   . LEU A 1 58  ? 9.489   20.488  -4.256  1.00 24.64  ? 58  LEU A O   1 
ATOM   362  C  CB  . LEU A 1 58  ? 8.366   18.135  -2.199  1.00 24.64  ? 58  LEU A CB  1 
ATOM   363  C  CG  . LEU A 1 58  ? 8.602   16.630  -1.997  1.00 27.67  ? 58  LEU A CG  1 
ATOM   364  C  CD1 . LEU A 1 58  ? 7.377   15.936  -1.430  1.00 24.46  ? 58  LEU A CD1 1 
ATOM   365  C  CD2 . LEU A 1 58  ? 9.040   15.956  -3.303  1.00 18.88  ? 58  LEU A CD2 1 
ATOM   366  N  N   . LYS A 1 59  ? 8.865   21.248  -2.224  1.00 25.30  ? 59  LYS A N   1 
ATOM   367  C  CA  . LYS A 1 59  ? 8.426   22.545  -2.734  1.00 25.80  ? 59  LYS A CA  1 
ATOM   368  C  C   . LYS A 1 59  ? 9.600   23.364  -3.227  1.00 28.48  ? 59  LYS A C   1 
ATOM   369  O  O   . LYS A 1 59  ? 9.509   24.041  -4.253  1.00 30.03  ? 59  LYS A O   1 
ATOM   370  C  CB  . LYS A 1 59  ? 7.627   23.323  -1.695  1.00 31.97  ? 59  LYS A CB  1 
ATOM   371  C  CG  . LYS A 1 59  ? 7.195   24.692  -2.189  1.00 31.22  ? 59  LYS A CG  1 
ATOM   372  C  CD  . LYS A 1 59  ? 6.167   25.298  -1.292  1.00 35.35  ? 59  LYS A CD  1 
ATOM   373  C  CE  . LYS A 1 59  ? 5.993   26.783  -1.609  1.00 46.14  ? 59  LYS A CE  1 
ATOM   374  N  NZ  . LYS A 1 59  ? 6.901   27.634  -0.780  1.00 40.78  ? 59  LYS A NZ  1 
ATOM   375  N  N   . ALA A 1 60  ? 10.714  23.268  -2.509  1.00 19.57  ? 60  ALA A N   1 
ATOM   376  C  CA  . ALA A 1 60  ? 11.947  23.936  -2.913  1.00 21.71  ? 60  ALA A CA  1 
ATOM   377  C  C   . ALA A 1 60  ? 12.437  23.458  -4.281  1.00 21.50  ? 60  ALA A C   1 
ATOM   378  O  O   . ALA A 1 60  ? 13.069  24.212  -5.020  1.00 21.04  ? 60  ALA A O   1 
ATOM   379  C  CB  . ALA A 1 60  ? 13.048  23.773  -1.831  1.00 18.56  ? 60  ALA A CB  1 
ATOM   380  N  N   . ASN A 1 61  ? 12.109  22.220  -4.638  1.00 23.40  ? 61  ASN A N   1 
ATOM   381  C  CA  . ASN A 1 61  ? 12.531  21.669  -5.917  1.00 22.23  ? 61  ASN A CA  1 
ATOM   382  C  C   . ASN A 1 61  ? 11.392  21.508  -6.928  1.00 22.96  ? 61  ASN A C   1 
ATOM   383  O  O   . ASN A 1 61  ? 11.470  20.662  -7.816  1.00 21.41  ? 61  ASN A O   1 
ATOM   384  C  CB  . ASN A 1 61  ? 13.241  20.329  -5.704  1.00 26.70  ? 61  ASN A CB  1 
ATOM   385  C  CG  . ASN A 1 61  ? 14.455  20.455  -4.800  1.00 26.84  ? 61  ASN A CG  1 
ATOM   386  O  OD1 . ASN A 1 61  ? 15.534  20.794  -5.261  1.00 28.69  ? 61  ASN A OD1 1 
ATOM   387  N  ND2 . ASN A 1 61  ? 14.275  20.203  -3.505  1.00 23.07  ? 61  ASN A ND2 1 
ATOM   388  N  N   . VAL A 1 62  ? 10.339  22.311  -6.801  1.00 25.53  ? 62  VAL A N   1 
ATOM   389  C  CA  . VAL A 1 62  ? 9.223   22.204  -7.731  1.00 25.49  ? 62  VAL A CA  1 
ATOM   390  C  C   . VAL A 1 62  ? 9.689   22.396  -9.180  1.00 29.41  ? 62  VAL A C   1 
ATOM   391  O  O   . VAL A 1 62  ? 10.465  23.309  -9.482  1.00 30.41  ? 62  VAL A O   1 
ATOM   392  C  CB  . VAL A 1 62  ? 8.093   23.178  -7.406  1.00 31.43  ? 62  VAL A CB  1 
ATOM   393  C  CG1 . VAL A 1 62  ? 8.564   24.621  -7.533  1.00 30.18  ? 62  VAL A CG1 1 
ATOM   394  C  CG2 . VAL A 1 62  ? 6.907   22.917  -8.327  1.00 32.22  ? 62  VAL A CG2 1 
ATOM   395  N  N   . GLU A 1 63  ? 9.224   21.515  -10.064 1.00 22.39  ? 63  GLU A N   1 
ATOM   396  C  CA  . GLU A 1 63  ? 9.640   21.522  -11.470 1.00 28.56  ? 63  GLU A CA  1 
ATOM   397  C  C   . GLU A 1 63  ? 11.152  21.283  -11.685 1.00 26.87  ? 63  GLU A C   1 
ATOM   398  O  O   . GLU A 1 63  ? 11.688  21.599  -12.741 1.00 26.23  ? 63  GLU A O   1 
ATOM   399  C  CB  . GLU A 1 63  ? 9.206   22.805  -12.188 1.00 24.75  ? 63  GLU A CB  1 
ATOM   400  C  CG  . GLU A 1 63  ? 7.807   23.316  -11.864 1.00 28.90  ? 63  GLU A CG  1 
ATOM   401  C  CD  . GLU A 1 63  ? 6.684   22.315  -12.119 1.00 28.39  ? 63  GLU A CD  1 
ATOM   402  O  OE1 . GLU A 1 63  ? 6.890   21.283  -12.795 1.00 26.62  ? 63  GLU A OE1 1 
ATOM   403  O  OE2 . GLU A 1 63  ? 5.571   22.577  -11.618 1.00 30.45  ? 63  GLU A OE2 1 
ATOM   404  N  N   . LYS A 1 64  ? 11.825  20.726  -10.685 1.00 25.64  ? 64  LYS A N   1 
ATOM   405  C  CA  . LYS A 1 64  ? 13.236  20.411  -10.802 1.00 30.19  ? 64  LYS A CA  1 
ATOM   406  C  C   . LYS A 1 64  ? 13.492  19.001  -10.299 1.00 33.77  ? 64  LYS A C   1 
ATOM   407  O  O   . LYS A 1 64  ? 12.817  18.535  -9.378  1.00 29.58  ? 64  LYS A O   1 
ATOM   408  C  CB  . LYS A 1 64  ? 14.099  21.414  -10.025 1.00 34.13  ? 64  LYS A CB  1 
ATOM   409  C  CG  . LYS A 1 64  ? 14.053  22.846  -10.549 1.00 33.26  ? 64  LYS A CG  1 
ATOM   410  C  CD  . LYS A 1 64  ? 15.382  23.565  -10.335 1.00 42.55  ? 64  LYS A CD  1 
ATOM   411  C  CE  . LYS A 1 64  ? 15.174  24.963  -9.772  1.00 44.15  ? 64  LYS A CE  1 
ATOM   412  N  NZ  . LYS A 1 64  ? 14.143  25.704  -10.563 1.00 50.23  ? 64  LYS A NZ  1 
ATOM   413  N  N   . PRO A 1 65  ? 14.453  18.304  -10.925 1.00 33.20  ? 65  PRO A N   1 
ATOM   414  C  CA  . PRO A 1 65  ? 14.775  16.933  -10.535 1.00 29.23  ? 65  PRO A CA  1 
ATOM   415  C  C   . PRO A 1 65  ? 15.534  16.924  -9.224  1.00 28.28  ? 65  PRO A C   1 
ATOM   416  O  O   . PRO A 1 65  ? 16.530  17.618  -9.063  1.00 28.39  ? 65  PRO A O   1 
ATOM   417  C  CB  . PRO A 1 65  ? 15.689  16.443  -11.669 1.00 30.02  ? 65  PRO A CB  1 
ATOM   418  C  CG  . PRO A 1 65  ? 15.460  17.386  -12.796 1.00 36.16  ? 65  PRO A CG  1 
ATOM   419  C  CD  . PRO A 1 65  ? 15.175  18.707  -12.143 1.00 35.98  ? 65  PRO A CD  1 
ATOM   420  N  N   . VAL A 1 66  ? 15.048  16.143  -8.279  1.00 24.76  ? 66  VAL A N   1 
ATOM   421  C  CA  . VAL A 1 66  ? 15.754  15.957  -7.033  1.00 27.74  ? 66  VAL A CA  1 
ATOM   422  C  C   . VAL A 1 66  ? 15.833  14.462  -6.793  1.00 23.82  ? 66  VAL A C   1 
ATOM   423  O  O   . VAL A 1 66  ? 14.966  13.710  -7.252  1.00 20.67  ? 66  VAL A O   1 
ATOM   424  C  CB  . VAL A 1 66  ? 15.076  16.728  -5.860  1.00 27.49  ? 66  VAL A CB  1 
ATOM   425  C  CG1 . VAL A 1 66  ? 13.691  16.198  -5.574  1.00 21.19  ? 66  VAL A CG1 1 
ATOM   426  C  CG2 . VAL A 1 66  ? 15.954  16.687  -4.603  1.00 26.41  ? 66  VAL A CG2 1 
ATOM   427  N  N   . LYS A 1 67  ? 16.886  14.019  -6.112  1.00 29.53  ? 67  LYS A N   1 
ATOM   428  C  CA  . LYS A 1 67  ? 17.050  12.597  -5.852  1.00 31.27  ? 67  LYS A CA  1 
ATOM   429  C  C   . LYS A 1 67  ? 16.532  12.199  -4.474  1.00 29.57  ? 67  LYS A C   1 
ATOM   430  O  O   . LYS A 1 67  ? 16.759  12.902  -3.484  1.00 27.39  ? 67  LYS A O   1 
ATOM   431  C  CB  . LYS A 1 67  ? 18.513  12.179  -6.008  1.00 40.67  ? 67  LYS A CB  1 
ATOM   432  C  CG  . LYS A 1 67  ? 19.433  12.723  -4.939  1.00 42.66  ? 67  LYS A CG  1 
ATOM   433  C  CD  . LYS A 1 67  ? 20.676  11.866  -4.827  1.00 51.71  ? 67  LYS A CD  1 
ATOM   434  C  CE  . LYS A 1 67  ? 21.450  11.838  -6.136  1.00 50.43  ? 67  LYS A CE  1 
ATOM   435  N  NZ  . LYS A 1 67  ? 22.673  10.992  -6.005  1.00 53.45  ? 67  LYS A NZ  1 
ATOM   436  N  N   . LEU A 1 68  ? 15.820  11.074  -4.426  1.00 23.02  ? 68  LEU A N   1 
ATOM   437  C  CA  . LEU A 1 68  ? 15.372  10.496  -3.158  1.00 21.11  ? 68  LEU A CA  1 
ATOM   438  C  C   . LEU A 1 68  ? 16.141  9.220   -2.864  1.00 23.46  ? 68  LEU A C   1 
ATOM   439  O  O   . LEU A 1 68  ? 16.574  8.525   -3.789  1.00 22.77  ? 68  LEU A O   1 
ATOM   440  C  CB  . LEU A 1 68  ? 13.883  10.157  -3.210  1.00 17.09  ? 68  LEU A CB  1 
ATOM   441  C  CG  . LEU A 1 68  ? 12.947  11.264  -3.697  1.00 20.09  ? 68  LEU A CG  1 
ATOM   442  C  CD1 . LEU A 1 68  ? 11.559  10.704  -3.922  1.00 16.65  ? 68  LEU A CD1 1 
ATOM   443  C  CD2 . LEU A 1 68  ? 12.915  12.440  -2.712  1.00 17.62  ? 68  LEU A CD2 1 
ATOM   444  N  N   . GLU A 1 69  ? 16.322  8.918   -1.581  1.00 20.03  ? 69  GLU A N   1 
ATOM   445  C  CA  . GLU A 1 69  ? 16.727  7.579   -1.184  1.00 20.81  ? 69  GLU A CA  1 
ATOM   446  C  C   . GLU A 1 69  ? 15.458  6.880   -0.707  1.00 23.21  ? 69  GLU A C   1 
ATOM   447  O  O   . GLU A 1 69  ? 14.684  7.434   0.081   1.00 23.28  ? 69  GLU A O   1 
ATOM   448  C  CB  . GLU A 1 69  ? 17.799  7.602   -0.097  1.00 22.51  ? 69  GLU A CB  1 
ATOM   449  C  CG  . GLU A 1 69  ? 19.112  8.262   -0.522  1.00 29.38  ? 69  GLU A CG  1 
ATOM   450  C  CD  . GLU A 1 69  ? 19.863  7.474   -1.585  1.00 29.73  ? 69  GLU A CD  1 
ATOM   451  O  OE1 . GLU A 1 69  ? 20.033  6.253   -1.414  1.00 33.11  ? 69  GLU A OE1 1 
ATOM   452  O  OE2 . GLU A 1 69  ? 20.280  8.069   -2.600  1.00 36.97  ? 69  GLU A OE2 1 
ATOM   453  N  N   . VAL A 1 70  ? 15.234  5.679   -1.225  1.00 23.04  ? 70  VAL A N   1 
ATOM   454  C  CA  . VAL A 1 70  ? 13.991  4.964   -1.006  1.00 23.24  ? 70  VAL A CA  1 
ATOM   455  C  C   . VAL A 1 70  ? 14.277  3.581   -0.448  1.00 20.27  ? 70  VAL A C   1 
ATOM   456  O  O   . VAL A 1 70  ? 15.087  2.843   -0.999  1.00 23.47  ? 70  VAL A O   1 
ATOM   457  C  CB  . VAL A 1 70  ? 13.189  4.785   -2.321  1.00 21.17  ? 70  VAL A CB  1 
ATOM   458  C  CG1 . VAL A 1 70  ? 11.848  4.082   -2.047  1.00 19.93  ? 70  VAL A CG1 1 
ATOM   459  C  CG2 . VAL A 1 70  ? 12.981  6.113   -3.014  1.00 21.72  ? 70  VAL A CG2 1 
ATOM   460  N  N   . PHE A 1 71  ? 13.595  3.233   0.638   1.00 14.36  ? 71  PHE A N   1 
ATOM   461  C  CA  . PHE A 1 71  ? 13.716  1.918   1.218   1.00 17.73  ? 71  PHE A CA  1 
ATOM   462  C  C   . PHE A 1 71  ? 12.495  1.078   0.880   1.00 18.67  ? 71  PHE A C   1 
ATOM   463  O  O   . PHE A 1 71  ? 11.365  1.549   0.989   1.00 20.21  ? 71  PHE A O   1 
ATOM   464  C  CB  . PHE A 1 71  ? 13.867  2.015   2.743   1.00 21.70  ? 71  PHE A CB  1 
ATOM   465  C  CG  . PHE A 1 71  ? 13.814  0.690   3.425   1.00 19.80  ? 71  PHE A CG  1 
ATOM   466  C  CD1 . PHE A 1 71  ? 14.975  -0.052  3.606   1.00 21.18  ? 71  PHE A CD1 1 
ATOM   467  C  CD2 . PHE A 1 71  ? 12.607  0.158   3.846   1.00 22.07  ? 71  PHE A CD2 1 
ATOM   468  C  CE1 . PHE A 1 71  ? 14.936  -1.280  4.226   1.00 21.99  ? 71  PHE A CE1 1 
ATOM   469  C  CE2 . PHE A 1 71  ? 12.557  -1.071  4.467   1.00 26.12  ? 71  PHE A CE2 1 
ATOM   470  C  CZ  . PHE A 1 71  ? 13.724  -1.797  4.659   1.00 26.20  ? 71  PHE A CZ  1 
ATOM   471  N  N   . ASN A 1 72  ? 12.728  -0.177  0.514   1.00 20.73  ? 72  ASN A N   1 
ATOM   472  C  CA  . ASN A 1 72  ? 11.674  -1.075  0.057   1.00 23.06  ? 72  ASN A CA  1 
ATOM   473  C  C   . ASN A 1 72  ? 11.466  -2.244  1.009   1.00 24.92  ? 72  ASN A C   1 
ATOM   474  O  O   . ASN A 1 72  ? 12.406  -2.935  1.358   1.00 27.38  ? 72  ASN A O   1 
ATOM   475  C  CB  . ASN A 1 72  ? 11.992  -1.587  -1.352  1.00 23.68  ? 72  ASN A CB  1 
ATOM   476  C  CG  . ASN A 1 72  ? 10.817  -2.319  -1.990  1.00 28.03  ? 72  ASN A CG  1 
ATOM   477  O  OD1 . ASN A 1 72  ? 10.668  -3.533  -1.837  1.00 28.29  ? 72  ASN A OD1 1 
ATOM   478  N  ND2 . ASN A 1 72  ? 9.983   -1.578  -2.717  1.00 23.40  ? 72  ASN A ND2 1 
ATOM   479  N  N   . MET A 1 73  ? 10.225  -2.461  1.430   1.00 37.03  ? 73  MET A N   1 
ATOM   480  C  CA  . MET A 1 73  ? 9.913   -3.470  2.446   1.00 36.67  ? 73  MET A CA  1 
ATOM   481  C  C   . MET A 1 73  ? 10.239  -4.902  2.021   1.00 32.59  ? 73  MET A C   1 
ATOM   482  O  O   . MET A 1 73  ? 10.665  -5.714  2.833   1.00 34.27  ? 73  MET A O   1 
ATOM   483  C  CB  . MET A 1 73  ? 8.436   -3.382  2.824   1.00 32.93  ? 73  MET A CB  1 
ATOM   484  C  CG  . MET A 1 73  ? 8.058   -2.076  3.494   1.00 39.82  ? 73  MET A CG  1 
ATOM   485  S  SD  . MET A 1 73  ? 8.529   -2.020  5.230   1.00 47.54  ? 73  MET A SD  1 
ATOM   486  C  CE  . MET A 1 73  ? 7.316   -3.133  5.934   1.00 46.52  ? 73  MET A CE  1 
ATOM   487  N  N   . LYS A 1 74  ? 10.028  -5.205  0.745   1.00 27.58  ? 74  LYS A N   1 
ATOM   488  C  CA  . LYS A 1 74  ? 10.197  -6.563  0.242   1.00 31.40  ? 74  LYS A CA  1 
ATOM   489  C  C   . LYS A 1 74  ? 11.666  -6.890  -0.009  1.00 32.57  ? 74  LYS A C   1 
ATOM   490  O  O   . LYS A 1 74  ? 12.122  -7.982  0.303   1.00 30.70  ? 74  LYS A O   1 
ATOM   491  C  CB  . LYS A 1 74  ? 9.393   -6.751  -1.041  1.00 31.72  ? 74  LYS A CB  1 
ATOM   492  C  CG  . LYS A 1 74  ? 9.588   -8.095  -1.716  1.00 35.62  ? 74  LYS A CG  1 
ATOM   493  C  CD  . LYS A 1 74  ? 8.785   -9.196  -1.035  1.00 32.05  ? 74  LYS A CD  1 
ATOM   494  C  CE  . LYS A 1 74  ? 8.602   -10.404 -1.963  1.00 35.12  ? 74  LYS A CE  1 
ATOM   495  N  NZ  . LYS A 1 74  ? 9.893   -10.847 -2.606  1.00 41.00  ? 74  LYS A NZ  1 
ATOM   496  N  N   . THR A 1 75  ? 12.389  -5.925  -0.563  1.00 37.69  ? 75  THR A N   1 
ATOM   497  C  CA  . THR A 1 75  ? 13.799  -6.068  -0.902  1.00 40.31  ? 75  THR A CA  1 
ATOM   498  C  C   . THR A 1 75  ? 14.686  -5.744  0.290   1.00 39.35  ? 75  THR A C   1 
ATOM   499  O  O   . THR A 1 75  ? 15.796  -6.268  0.413   1.00 40.19  ? 75  THR A O   1 
ATOM   500  C  CB  . THR A 1 75  ? 14.170  -5.086  -2.037  1.00 38.23  ? 75  THR A CB  1 
ATOM   501  O  OG1 . THR A 1 75  ? 13.276  -5.283  -3.136  1.00 54.20  ? 75  THR A OG1 1 
ATOM   502  C  CG2 . THR A 1 75  ? 15.560  -5.328  -2.523  1.00 47.46  ? 75  THR A CG2 1 
ATOM   503  N  N   . MET A 1 76  ? 14.188  -4.860  1.153   1.00 28.04  ? 76  MET A N   1 
ATOM   504  C  CA  . MET A 1 76  ? 14.968  -4.295  2.257   1.00 26.27  ? 76  MET A CA  1 
ATOM   505  C  C   . MET A 1 76  ? 16.210  -3.519  1.804   1.00 25.83  ? 76  MET A C   1 
ATOM   506  O  O   . MET A 1 76  ? 17.116  -3.252  2.588   1.00 24.95  ? 76  MET A O   1 
ATOM   507  C  CB  . MET A 1 76  ? 15.277  -5.353  3.312   1.00 27.46  ? 76  MET A CB  1 
ATOM   508  C  CG  . MET A 1 76  ? 14.016  -5.792  4.079   1.00 30.36  ? 76  MET A CG  1 
ATOM   509  S  SD  . MET A 1 76  ? 14.308  -7.127  5.257   1.00 51.63  ? 76  MET A SD  1 
ATOM   510  C  CE  . MET A 1 76  ? 15.314  -8.234  4.263   1.00 34.15  ? 76  MET A CE  1 
ATOM   511  N  N   . ARG A 1 77  ? 16.219  -3.107  0.544   1.00 24.17  ? 77  ARG A N   1 
ATOM   512  C  CA  . ARG A 1 77  ? 17.318  -2.311  0.029   1.00 30.29  ? 77  ARG A CA  1 
ATOM   513  C  C   . ARG A 1 77  ? 16.943  -0.835  -0.128  1.00 28.35  ? 77  ARG A C   1 
ATOM   514  O  O   . ARG A 1 77  ? 15.791  -0.487  -0.384  1.00 23.73  ? 77  ARG A O   1 
ATOM   515  C  CB  . ARG A 1 77  ? 17.819  -2.875  -1.306  1.00 30.25  ? 77  ARG A CB  1 
ATOM   516  C  CG  . ARG A 1 77  ? 18.540  -4.223  -1.170  1.00 34.11  ? 77  ARG A CG  1 
ATOM   517  C  CD  . ARG A 1 77  ? 19.236  -4.605  -2.467  1.00 37.83  ? 77  ARG A CD  1 
ATOM   518  N  NE  . ARG A 1 77  ? 19.865  -5.922  -2.386  1.00 46.04  ? 77  ARG A NE  1 
ATOM   519  C  CZ  . ARG A 1 77  ? 20.683  -6.417  -3.312  1.00 45.39  ? 77  ARG A CZ  1 
ATOM   520  N  NH1 . ARG A 1 77  ? 20.971  -5.699  -4.391  1.00 40.87  ? 77  ARG A NH1 1 
ATOM   521  N  NH2 . ARG A 1 77  ? 21.213  -7.627  -3.159  1.00 44.40  ? 77  ARG A NH2 1 
ATOM   522  N  N   . VAL A 1 78  ? 17.940  0.025   0.036   1.00 26.87  ? 78  VAL A N   1 
ATOM   523  C  CA  . VAL A 1 78  ? 17.793  1.416   -0.331  1.00 25.44  ? 78  VAL A CA  1 
ATOM   524  C  C   . VAL A 1 78  ? 18.210  1.597   -1.784  1.00 25.35  ? 78  VAL A C   1 
ATOM   525  O  O   . VAL A 1 78  ? 19.257  1.108   -2.207  1.00 25.26  ? 78  VAL A O   1 
ATOM   526  C  CB  . VAL A 1 78  ? 18.585  2.339   0.606   1.00 23.50  ? 78  VAL A CB  1 
ATOM   527  C  CG1 . VAL A 1 78  ? 18.487  3.797   0.141   1.00 23.96  ? 78  VAL A CG1 1 
ATOM   528  C  CG2 . VAL A 1 78  ? 18.057  2.200   2.024   1.00 27.46  ? 78  VAL A CG2 1 
ATOM   529  N  N   . ARG A 1 79  ? 17.360  2.258   -2.562  1.00 24.45  ? 79  ARG A N   1 
ATOM   530  C  CA  . ARG A 1 79  ? 17.705  2.611   -3.936  1.00 19.77  ? 79  ARG A CA  1 
ATOM   531  C  C   . ARG A 1 79  ? 17.528  4.109   -4.046  1.00 24.89  ? 79  ARG A C   1 
ATOM   532  O  O   . ARG A 1 79  ? 16.734  4.712   -3.308  1.00 20.54  ? 79  ARG A O   1 
ATOM   533  C  CB  . ARG A 1 79  ? 16.810  1.895   -4.959  1.00 23.65  ? 79  ARG A CB  1 
ATOM   534  C  CG  . ARG A 1 79  ? 15.363  2.389   -4.994  1.00 17.78  ? 79  ARG A CG  1 
ATOM   535  C  CD  . ARG A 1 79  ? 14.469  1.702   -6.070  1.00 17.76  ? 79  ARG A CD  1 
ATOM   536  N  NE  . ARG A 1 79  ? 13.060  1.638   -5.634  1.00 19.94  ? 79  ARG A NE  1 
ATOM   537  C  CZ  . ARG A 1 79  ? 12.083  2.404   -6.100  1.00 24.74  ? 79  ARG A CZ  1 
ATOM   538  N  NH1 . ARG A 1 79  ? 12.329  3.294   -7.062  1.00 42.07  ? 79  ARG A NH1 1 
ATOM   539  N  NH2 . ARG A 1 79  ? 10.839  2.263   -5.647  1.00 22.30  ? 79  ARG A NH2 1 
ATOM   540  N  N   . GLU A 1 80  ? 18.279  4.709   -4.959  1.00 31.48  ? 80  GLU A N   1 
ATOM   541  C  CA  . GLU A 1 80  ? 18.186  6.133   -5.236  1.00 32.20  ? 80  GLU A CA  1 
ATOM   542  C  C   . GLU A 1 80  ? 17.232  6.348   -6.407  1.00 29.71  ? 80  GLU A C   1 
ATOM   543  O  O   . GLU A 1 80  ? 17.297  5.643   -7.411  1.00 31.25  ? 80  GLU A O   1 
ATOM   544  C  CB  . GLU A 1 80  ? 19.580  6.682   -5.565  1.00 33.36  ? 80  GLU A CB  1 
ATOM   545  C  CG  . GLU A 1 80  ? 19.632  8.155   -5.921  1.00 38.34  ? 80  GLU A CG  1 
ATOM   546  C  CD  . GLU A 1 80  ? 20.962  8.551   -6.555  1.00 43.66  ? 80  GLU A CD  1 
ATOM   547  O  OE1 . GLU A 1 80  ? 22.023  8.393   -5.900  1.00 47.30  ? 80  GLU A OE1 1 
ATOM   548  O  OE2 . GLU A 1 80  ? 20.946  9.012   -7.715  1.00 43.81  ? 80  GLU A OE2 1 
ATOM   549  N  N   . VAL A 1 81  ? 16.337  7.316   -6.287  1.00 24.99  ? 81  VAL A N   1 
ATOM   550  C  CA  . VAL A 1 81  ? 15.376  7.544   -7.356  1.00 27.77  ? 81  VAL A CA  1 
ATOM   551  C  C   . VAL A 1 81  ? 15.266  9.036   -7.655  1.00 32.15  ? 81  VAL A C   1 
ATOM   552  O  O   . VAL A 1 81  ? 15.407  9.872   -6.766  1.00 29.83  ? 81  VAL A O   1 
ATOM   553  C  CB  . VAL A 1 81  ? 13.980  6.950   -7.021  1.00 32.23  ? 81  VAL A CB  1 
ATOM   554  C  CG1 . VAL A 1 81  ? 13.182  7.885   -6.150  1.00 29.74  ? 81  VAL A CG1 1 
ATOM   555  C  CG2 . VAL A 1 81  ? 13.212  6.669   -8.289  1.00 36.44  ? 81  VAL A CG2 1 
ATOM   556  N  N   . GLU A 1 82  ? 15.035  9.368   -8.914  1.00 29.75  ? 82  GLU A N   1 
ATOM   557  C  CA  . GLU A 1 82  ? 14.964  10.761  -9.296  1.00 30.92  ? 82  GLU A CA  1 
ATOM   558  C  C   . GLU A 1 82  ? 13.515  11.141  -9.540  1.00 25.72  ? 82  GLU A C   1 
ATOM   559  O  O   . GLU A 1 82  ? 12.774  10.413  -10.187 1.00 28.32  ? 82  GLU A O   1 
ATOM   560  C  CB  . GLU A 1 82  ? 15.824  11.029  -10.534 1.00 31.17  ? 82  GLU A CB  1 
ATOM   561  C  CG  . GLU A 1 82  ? 16.086  12.508  -10.794 1.00 30.30  ? 82  GLU A CG  1 
ATOM   562  C  CD  . GLU A 1 82  ? 16.723  12.753  -12.160 1.00 32.46  ? 82  GLU A CD  1 
ATOM   563  O  OE1 . GLU A 1 82  ? 17.967  12.697  -12.248 1.00 29.33  ? 82  GLU A OE1 1 
ATOM   564  O  OE2 . GLU A 1 82  ? 15.978  12.990  -13.139 1.00 29.96  ? 82  GLU A OE2 1 
ATOM   565  N  N   . VAL A 1 83  ? 13.133  12.295  -9.012  1.00 28.40  ? 83  VAL A N   1 
ATOM   566  C  CA  . VAL A 1 83  ? 11.745  12.743  -8.975  1.00 27.05  ? 83  VAL A CA  1 
ATOM   567  C  C   . VAL A 1 83  ? 11.694  14.210  -9.364  1.00 28.22  ? 83  VAL A C   1 
ATOM   568  O  O   . VAL A 1 83  ? 12.581  14.979  -8.986  1.00 27.95  ? 83  VAL A O   1 
ATOM   569  C  CB  . VAL A 1 83  ? 11.174  12.559  -7.534  1.00 25.47  ? 83  VAL A CB  1 
ATOM   570  C  CG1 . VAL A 1 83  ? 10.224  13.682  -7.149  1.00 31.48  ? 83  VAL A CG1 1 
ATOM   571  C  CG2 . VAL A 1 83  ? 10.496  11.207  -7.401  1.00 31.54  ? 83  VAL A CG2 1 
ATOM   572  N  N   . VAL A 1 84  ? 10.685  14.601  -10.136 1.00 21.02  ? 84  VAL A N   1 
ATOM   573  C  CA  . VAL A 1 84  ? 10.452  16.024  -10.404 1.00 23.64  ? 84  VAL A CA  1 
ATOM   574  C  C   . VAL A 1 84  ? 9.125   16.469  -9.807  1.00 18.47  ? 84  VAL A C   1 
ATOM   575  O  O   . VAL A 1 84  ? 8.089   16.250  -10.406 1.00 18.11  ? 84  VAL A O   1 
ATOM   576  C  CB  . VAL A 1 84  ? 10.472  16.364  -11.930 1.00 21.03  ? 84  VAL A CB  1 
ATOM   577  C  CG1 . VAL A 1 84  ? 10.112  17.840  -12.165 1.00 18.92  ? 84  VAL A CG1 1 
ATOM   578  C  CG2 . VAL A 1 84  ? 11.850  16.067  -12.513 1.00 22.12  ? 84  VAL A CG2 1 
ATOM   579  N  N   . PRO A 1 85  ? 9.157   17.076  -8.609  1.00 22.66  ? 85  PRO A N   1 
ATOM   580  C  CA  . PRO A 1 85  ? 7.904   17.562  -8.010  1.00 20.49  ? 85  PRO A CA  1 
ATOM   581  C  C   . PRO A 1 85  ? 7.327   18.604  -8.952  1.00 20.58  ? 85  PRO A C   1 
ATOM   582  O  O   . PRO A 1 85  ? 8.092   19.330  -9.585  1.00 22.42  ? 85  PRO A O   1 
ATOM   583  C  CB  . PRO A 1 85  ? 8.359   18.210  -6.697  1.00 20.72  ? 85  PRO A CB  1 
ATOM   584  C  CG  . PRO A 1 85  ? 9.688   17.587  -6.389  1.00 22.60  ? 85  PRO A CG  1 
ATOM   585  C  CD  . PRO A 1 85  ? 10.320  17.311  -7.740  1.00 22.55  ? 85  PRO A CD  1 
ATOM   586  N  N   . SER A 1 86  ? 6.013   18.674  -9.061  1.00 19.56  ? 86  SER A N   1 
ATOM   587  C  CA  . SER A 1 86  ? 5.430   19.459  -10.133 1.00 22.97  ? 86  SER A CA  1 
ATOM   588  C  C   . SER A 1 86  ? 3.964   19.813  -9.914  1.00 24.14  ? 86  SER A C   1 
ATOM   589  O  O   . SER A 1 86  ? 3.200   19.017  -9.378  1.00 22.34  ? 86  SER A O   1 
ATOM   590  C  CB  . SER A 1 86  ? 5.576   18.690  -11.446 1.00 21.67  ? 86  SER A CB  1 
ATOM   591  O  OG  . SER A 1 86  ? 4.855   19.341  -12.461 1.00 25.49  ? 86  SER A OG  1 
ATOM   592  N  N   . ASN A 1 87  ? 3.576   21.007  -10.355 1.00 28.66  ? 87  ASN A N   1 
ATOM   593  C  CA  . ASN A 1 87  ? 2.176   21.430  -10.313 1.00 28.80  ? 87  ASN A CA  1 
ATOM   594  C  C   . ASN A 1 87  ? 1.446   21.169  -11.639 1.00 32.40  ? 87  ASN A C   1 
ATOM   595  O  O   . ASN A 1 87  ? 0.320   21.606  -11.826 1.00 32.84  ? 87  ASN A O   1 
ATOM   596  C  CB  . ASN A 1 87  ? 2.082   22.920  -9.971  1.00 30.89  ? 87  ASN A CB  1 
ATOM   597  C  CG  . ASN A 1 87  ? 2.302   23.197  -8.493  1.00 30.54  ? 87  ASN A CG  1 
ATOM   598  O  OD1 . ASN A 1 87  ? 1.541   22.727  -7.649  1.00 37.34  ? 87  ASN A OD1 1 
ATOM   599  N  ND2 . ASN A 1 87  ? 3.326   23.978  -8.175  1.00 28.33  ? 87  ASN A ND2 1 
ATOM   600  N  N   . MET A 1 88  ? 2.100   20.444  -12.543 1.00 35.48  ? 88  MET A N   1 
ATOM   601  C  CA  . MET A 1 88  ? 1.682   20.353  -13.944 1.00 37.88  ? 88  MET A CA  1 
ATOM   602  C  C   . MET A 1 88  ? 0.939   19.064  -14.313 1.00 37.16  ? 88  MET A C   1 
ATOM   603  O  O   . MET A 1 88  ? 0.266   19.005  -15.338 1.00 37.40  ? 88  MET A O   1 
ATOM   604  C  CB  . MET A 1 88  ? 2.914   20.499  -14.855 1.00 34.52  ? 88  MET A CB  1 
ATOM   605  C  CG  . MET A 1 88  ? 3.684   21.809  -14.635 1.00 37.82  ? 88  MET A CG  1 
ATOM   606  S  SD  . MET A 1 88  ? 2.586   23.247  -14.712 1.00 43.34  ? 88  MET A SD  1 
ATOM   607  C  CE  . MET A 1 88  ? 3.775   24.588  -14.886 1.00 46.32  ? 88  MET A CE  1 
ATOM   608  N  N   . TRP A 1 89  ? 1.049   18.044  -13.469 1.00 23.88  ? 89  TRP A N   1 
ATOM   609  C  CA  . TRP A 1 89  ? 0.616   16.711  -13.853 1.00 25.29  ? 89  TRP A CA  1 
ATOM   610  C  C   . TRP A 1 89  ? -0.882  16.474  -13.646 1.00 26.89  ? 89  TRP A C   1 
ATOM   611  O  O   . TRP A 1 89  ? -1.416  15.462  -14.094 1.00 30.59  ? 89  TRP A O   1 
ATOM   612  C  CB  . TRP A 1 89  ? 1.454   15.657  -13.125 1.00 24.99  ? 89  TRP A CB  1 
ATOM   613  C  CG  . TRP A 1 89  ? 1.256   15.698  -11.647 1.00 24.15  ? 89  TRP A CG  1 
ATOM   614  C  CD1 . TRP A 1 89  ? 1.841   16.557  -10.764 1.00 24.20  ? 89  TRP A CD1 1 
ATOM   615  C  CD2 . TRP A 1 89  ? 0.392   14.860  -10.879 1.00 23.26  ? 89  TRP A CD2 1 
ATOM   616  N  NE1 . TRP A 1 89  ? 1.407   16.296  -9.493  1.00 23.05  ? 89  TRP A NE1 1 
ATOM   617  C  CE2 . TRP A 1 89  ? 0.517   15.259  -9.531  1.00 19.70  ? 89  TRP A CE2 1 
ATOM   618  C  CE3 . TRP A 1 89  ? -0.464  13.801  -11.196 1.00 20.94  ? 89  TRP A CE3 1 
ATOM   619  C  CZ2 . TRP A 1 89  ? -0.180  14.640  -8.505  1.00 19.04  ? 89  TRP A CZ2 1 
ATOM   620  C  CZ3 . TRP A 1 89  ? -1.156  13.186  -10.168 1.00 21.98  ? 89  TRP A CZ3 1 
ATOM   621  C  CH2 . TRP A 1 89  ? -1.010  13.608  -8.839  1.00 21.92  ? 89  TRP A CH2 1 
ATOM   622  N  N   . GLY A 1 90  ? -1.555  17.403  -12.968 1.00 31.65  ? 90  GLY A N   1 
ATOM   623  C  CA  . GLY A 1 90  ? -3.007  17.413  -12.925 1.00 25.55  ? 90  GLY A CA  1 
ATOM   624  C  C   . GLY A 1 90  ? -3.700  16.910  -11.666 1.00 32.09  ? 90  GLY A C   1 
ATOM   625  O  O   . GLY A 1 90  ? -4.868  17.223  -11.441 1.00 29.56  ? 90  GLY A O   1 
ATOM   626  N  N   . GLY A 1 91  ? -3.005  16.124  -10.845 1.00 30.43  ? 91  GLY A N   1 
ATOM   627  C  CA  . GLY A 1 91  ? -3.606  15.624  -9.619  1.00 30.36  ? 91  GLY A CA  1 
ATOM   628  C  C   . GLY A 1 91  ? -3.325  16.493  -8.406  1.00 29.71  ? 91  GLY A C   1 
ATOM   629  O  O   . GLY A 1 91  ? -2.990  17.671  -8.534  1.00 30.97  ? 91  GLY A O   1 
ATOM   630  N  N   . GLN A 1 92  ? -3.460  15.916  -7.217  1.00 31.50  ? 92  GLN A N   1 
ATOM   631  C  CA  . GLN A 1 92  ? -3.209  16.663  -5.988  1.00 35.64  ? 92  GLN A CA  1 
ATOM   632  C  C   . GLN A 1 92  ? -1.793  16.448  -5.458  1.00 31.15  ? 92  GLN A C   1 
ATOM   633  O  O   . GLN A 1 92  ? -1.337  15.319  -5.332  1.00 29.01  ? 92  GLN A O   1 
ATOM   634  C  CB  . GLN A 1 92  ? -4.224  16.294  -4.900  1.00 36.20  ? 92  GLN A CB  1 
ATOM   635  C  CG  . GLN A 1 92  ? -5.562  16.993  -5.050  1.00 41.03  ? 92  GLN A CG  1 
ATOM   636  C  CD  . GLN A 1 92  ? -5.432  18.505  -5.163  1.00 44.97  ? 92  GLN A CD  1 
ATOM   637  O  OE1 . GLN A 1 92  ? -5.800  19.102  -6.183  1.00 43.63  ? 92  GLN A OE1 1 
ATOM   638  N  NE2 . GLN A 1 92  ? -4.911  19.134  -4.113  1.00 49.00  ? 92  GLN A NE2 1 
ATOM   639  N  N   . GLY A 1 93  ? -1.125  17.547  -5.121  1.00 20.50  ? 93  GLY A N   1 
ATOM   640  C  CA  . GLY A 1 93  ? 0.219   17.492  -4.562  1.00 20.91  ? 93  GLY A CA  1 
ATOM   641  C  C   . GLY A 1 93  ? 1.299   17.601  -5.626  1.00 19.22  ? 93  GLY A C   1 
ATOM   642  O  O   . GLY A 1 93  ? 1.032   17.442  -6.823  1.00 17.21  ? 93  GLY A O   1 
ATOM   643  N  N   . LEU A 1 94  ? 2.522   17.867  -5.183  1.00 23.16  ? 94  LEU A N   1 
ATOM   644  C  CA  . LEU A 1 94  ? 3.671   18.015  -6.065  1.00 23.55  ? 94  LEU A CA  1 
ATOM   645  C  C   . LEU A 1 94  ? 4.228   16.649  -6.416  1.00 20.96  ? 94  LEU A C   1 
ATOM   646  O  O   . LEU A 1 94  ? 4.719   16.429  -7.515  1.00 19.23  ? 94  LEU A O   1 
ATOM   647  C  CB  . LEU A 1 94  ? 4.758   18.846  -5.386  1.00 22.39  ? 94  LEU A CB  1 
ATOM   648  C  CG  . LEU A 1 94  ? 4.371   20.267  -4.976  1.00 26.19  ? 94  LEU A CG  1 
ATOM   649  C  CD1 . LEU A 1 94  ? 5.577   20.998  -4.399  1.00 22.74  ? 94  LEU A CD1 1 
ATOM   650  C  CD2 . LEU A 1 94  ? 3.765   21.025  -6.151  1.00 22.86  ? 94  LEU A CD2 1 
ATOM   651  N  N   . LEU A 1 95  ? 4.151   15.733  -5.462  1.00 22.75  ? 95  LEU A N   1 
ATOM   652  C  CA  . LEU A 1 95  ? 4.652   14.381  -5.660  1.00 23.77  ? 95  LEU A CA  1 
ATOM   653  C  C   . LEU A 1 95  ? 3.540   13.469  -6.156  1.00 21.66  ? 95  LEU A C   1 
ATOM   654  O  O   . LEU A 1 95  ? 3.749   12.646  -7.042  1.00 25.18  ? 95  LEU A O   1 
ATOM   655  C  CB  . LEU A 1 95  ? 5.248   13.846  -4.359  1.00 22.77  ? 95  LEU A CB  1 
ATOM   656  C  CG  . LEU A 1 95  ? 5.927   12.482  -4.407  1.00 21.06  ? 95  LEU A CG  1 
ATOM   657  C  CD1 . LEU A 1 95  ? 7.089   12.482  -5.386  1.00 20.83  ? 95  LEU A CD1 1 
ATOM   658  C  CD2 . LEU A 1 95  ? 6.385   12.122  -3.018  1.00 20.40  ? 95  LEU A CD2 1 
ATOM   659  N  N   . GLY A 1 96  ? 2.353   13.625  -5.577  1.00 23.43  ? 96  GLY A N   1 
ATOM   660  C  CA  . GLY A 1 96  ? 1.188   12.869  -5.991  1.00 18.69  ? 96  GLY A CA  1 
ATOM   661  C  C   . GLY A 1 96  ? 1.119   11.531  -5.297  1.00 22.46  ? 96  GLY A C   1 
ATOM   662  O  O   . GLY A 1 96  ? 0.612   10.558  -5.852  1.00 21.46  ? 96  GLY A O   1 
ATOM   663  N  N   . ALA A 1 97  ? 1.641   11.488  -4.075  1.00 17.20  ? 97  ALA A N   1 
ATOM   664  C  CA  . ALA A 1 97  ? 1.594   10.293  -3.266  1.00 16.75  ? 97  ALA A CA  1 
ATOM   665  C  C   . ALA A 1 97  ? 1.042   10.641  -1.904  1.00 22.73  ? 97  ALA A C   1 
ATOM   666  O  O   . ALA A 1 97  ? 1.298   11.723  -1.372  1.00 21.79  ? 97  ALA A O   1 
ATOM   667  C  CB  . ALA A 1 97  ? 2.969   9.701   -3.111  1.00 18.75  ? 97  ALA A CB  1 
ATOM   668  N  N   . SER A 1 98  ? 0.268   9.722   -1.348  1.00 25.40  ? 98  SER A N   1 
ATOM   669  C  CA  . SER A 1 98  ? -0.162  9.855   0.023   1.00 28.06  ? 98  SER A CA  1 
ATOM   670  C  C   . SER A 1 98  ? 0.923   9.246   0.911   1.00 24.68  ? 98  SER A C   1 
ATOM   671  O  O   . SER A 1 98  ? 1.359   8.113   0.695   1.00 24.11  ? 98  SER A O   1 
ATOM   672  C  CB  . SER A 1 98  ? -1.513  9.184   0.236   1.00 26.19  ? 98  SER A CB  1 
ATOM   673  O  OG  . SER A 1 98  ? -1.836  9.188   1.617   1.00 38.82  ? 98  SER A OG  1 
ATOM   674  N  N   . VAL A 1 99  ? 1.348   10.006  1.908   1.00 26.65  ? 99  VAL A N   1 
ATOM   675  C  CA  . VAL A 1 99  ? 2.516   9.665   2.698   1.00 26.03  ? 99  VAL A CA  1 
ATOM   676  C  C   . VAL A 1 99  ? 2.221   9.727   4.209   1.00 32.27  ? 99  VAL A C   1 
ATOM   677  O  O   . VAL A 1 99  ? 1.480   10.594  4.671   1.00 30.04  ? 99  VAL A O   1 
ATOM   678  C  CB  . VAL A 1 99  ? 3.681   10.593  2.270   1.00 26.86  ? 99  VAL A CB  1 
ATOM   679  C  CG1 . VAL A 1 99  ? 4.389   11.199  3.450   1.00 31.39  ? 99  VAL A CG1 1 
ATOM   680  C  CG2 . VAL A 1 99  ? 4.634   9.858   1.331   1.00 28.57  ? 99  VAL A CG2 1 
ATOM   681  N  N   . ARG A 1 100 ? 2.783   8.789   4.975   1.00 29.22  ? 100 ARG A N   1 
ATOM   682  C  CA  . ARG A 1 100 ? 2.648   8.809   6.425   1.00 28.84  ? 100 ARG A CA  1 
ATOM   683  C  C   . ARG A 1 100 ? 3.987   8.498   7.084   1.00 27.04  ? 100 ARG A C   1 
ATOM   684  O  O   . ARG A 1 100 ? 4.725   7.627   6.619   1.00 25.06  ? 100 ARG A O   1 
ATOM   685  C  CB  . ARG A 1 100 ? 1.578   7.808   6.880   1.00 31.29  ? 100 ARG A CB  1 
ATOM   686  C  CG  . ARG A 1 100 ? 1.206   7.898   8.347   1.00 33.10  ? 100 ARG A CG  1 
ATOM   687  C  CD  . ARG A 1 100 ? 0.236   6.780   8.757   1.00 38.68  ? 100 ARG A CD  1 
ATOM   688  N  NE  . ARG A 1 100 ? -0.128  6.864   10.172  1.00 50.97  ? 100 ARG A NE  1 
ATOM   689  C  CZ  . ARG A 1 100 ? 0.654   6.467   11.176  1.00 50.25  ? 100 ARG A CZ  1 
ATOM   690  N  NH1 . ARG A 1 100 ? 1.854   5.951   10.927  1.00 40.66  ? 100 ARG A NH1 1 
ATOM   691  N  NH2 . ARG A 1 100 ? 0.235   6.592   12.434  1.00 43.41  ? 100 ARG A NH2 1 
ATOM   692  N  N   . PHE A 1 101 ? 4.317   9.207   8.156   1.00 23.24  ? 101 PHE A N   1 
ATOM   693  C  CA  . PHE A 1 101 ? 5.533   8.871   8.891   1.00 24.59  ? 101 PHE A CA  1 
ATOM   694  C  C   . PHE A 1 101 ? 5.329   7.590   9.706   1.00 25.75  ? 101 PHE A C   1 
ATOM   695  O  O   . PHE A 1 101 ? 4.610   7.582   10.696  1.00 28.80  ? 101 PHE A O   1 
ATOM   696  C  CB  . PHE A 1 101 ? 5.993   10.012  9.790   1.00 29.47  ? 101 PHE A CB  1 
ATOM   697  C  CG  . PHE A 1 101 ? 7.417   9.851   10.289  1.00 27.37  ? 101 PHE A CG  1 
ATOM   698  C  CD1 . PHE A 1 101 ? 8.477   10.345  9.552   1.00 24.93  ? 101 PHE A CD1 1 
ATOM   699  C  CD2 . PHE A 1 101 ? 7.683   9.183   11.474  1.00 23.47  ? 101 PHE A CD2 1 
ATOM   700  C  CE1 . PHE A 1 101 ? 9.783   10.188  9.994   1.00 29.16  ? 101 PHE A CE1 1 
ATOM   701  C  CE2 . PHE A 1 101 ? 8.969   9.033   11.924  1.00 27.51  ? 101 PHE A CE2 1 
ATOM   702  C  CZ  . PHE A 1 101 ? 10.029  9.536   11.181  1.00 29.01  ? 101 PHE A CZ  1 
ATOM   703  N  N   . CYS A 1 102 ? 5.957   6.506   9.273   1.00 27.55  ? 102 CYS A N   1 
ATOM   704  C  CA  . CYS A 1 102 ? 5.722   5.210   9.891   1.00 29.32  ? 102 CYS A CA  1 
ATOM   705  C  C   . CYS A 1 102 ? 7.012   4.495   10.199  1.00 29.41  ? 102 CYS A C   1 
ATOM   706  O  O   . CYS A 1 102 ? 8.017   4.700   9.528   1.00 27.15  ? 102 CYS A O   1 
ATOM   707  C  CB  . CYS A 1 102 ? 4.888   4.329   8.963   1.00 27.21  ? 102 CYS A CB  1 
ATOM   708  S  SG  . CYS A 1 102 ? 3.361   5.111   8.526   1.00 29.30  ? 102 CYS A SG  1 
ATOM   709  N  N   . SER A 1 103 ? 6.958   3.630   11.203  1.00 33.26  ? 103 SER A N   1 
ATOM   710  C  CA  . SER A 1 103 ? 8.075   2.765   11.516  1.00 34.59  ? 103 SER A CA  1 
ATOM   711  C  C   . SER A 1 103 ? 8.018   1.621   10.546  1.00 31.68  ? 103 SER A C   1 
ATOM   712  O  O   . SER A 1 103 ? 6.947   1.272   10.065  1.00 27.00  ? 103 SER A O   1 
ATOM   713  C  CB  . SER A 1 103 ? 7.996   2.239   12.951  1.00 30.40  ? 103 SER A CB  1 
ATOM   714  O  OG  . SER A 1 103 ? 7.047   1.198   13.055  1.00 36.43  ? 103 SER A OG  1 
ATOM   715  N  N   . PHE A 1 104 ? 9.178   1.045   10.261  1.00 36.31  ? 104 PHE A N   1 
ATOM   716  C  CA  . PHE A 1 104 ? 9.266   -0.049  9.308   1.00 38.67  ? 104 PHE A CA  1 
ATOM   717  C  C   . PHE A 1 104 ? 8.517   -1.270  9.867   1.00 36.07  ? 104 PHE A C   1 
ATOM   718  O  O   . PHE A 1 104 ? 7.953   -2.070  9.121   1.00 37.46  ? 104 PHE A O   1 
ATOM   719  C  CB  . PHE A 1 104 ? 10.737  -0.361  8.965   1.00 39.87  ? 104 PHE A CB  1 
ATOM   720  C  CG  . PHE A 1 104 ? 11.515  0.826   8.375   1.00 39.72  ? 104 PHE A CG  1 
ATOM   721  C  CD1 . PHE A 1 104 ? 10.890  2.026   8.048   1.00 41.99  ? 104 PHE A CD1 1 
ATOM   722  C  CD2 . PHE A 1 104 ? 12.878  0.726   8.138   1.00 43.17  ? 104 PHE A CD2 1 
ATOM   723  C  CE1 . PHE A 1 104 ? 11.614  3.092   7.509   1.00 37.80  ? 104 PHE A CE1 1 
ATOM   724  C  CE2 . PHE A 1 104 ? 13.606  1.797   7.600   1.00 42.88  ? 104 PHE A CE2 1 
ATOM   725  C  CZ  . PHE A 1 104 ? 12.971  2.972   7.289   1.00 39.54  ? 104 PHE A CZ  1 
ATOM   726  N  N   . ARG A 1 105 ? 8.479   -1.366  11.191  1.00 36.60  ? 105 ARG A N   1 
ATOM   727  C  CA  . ARG A 1 105 ? 7.768   -2.427  11.904  1.00 41.30  ? 105 ARG A CA  1 
ATOM   728  C  C   . ARG A 1 105 ? 6.235   -2.313  11.817  1.00 40.29  ? 105 ARG A C   1 
ATOM   729  O  O   . ARG A 1 105 ? 5.542   -3.309  11.635  1.00 37.99  ? 105 ARG A O   1 
ATOM   730  C  CB  . ARG A 1 105 ? 8.240   -2.454  13.361  1.00 39.85  ? 105 ARG A CB  1 
ATOM   731  C  CG  . ARG A 1 105 ? 7.222   -2.937  14.378  1.00 47.36  ? 105 ARG A CG  1 
ATOM   732  C  CD  . ARG A 1 105 ? 7.925   -3.368  15.674  1.00 47.26  ? 105 ARG A CD  1 
ATOM   733  N  NE  . ARG A 1 105 ? 8.752   -4.555  15.453  1.00 46.62  ? 105 ARG A NE  1 
ATOM   734  C  CZ  . ARG A 1 105 ? 8.498   -5.757  15.965  1.00 45.91  ? 105 ARG A CZ  1 
ATOM   735  N  NH1 . ARG A 1 105 ? 7.442   -5.936  16.754  1.00 44.77  ? 105 ARG A NH1 1 
ATOM   736  N  NH2 . ARG A 1 105 ? 9.305   -6.780  15.696  1.00 40.40  ? 105 ARG A NH2 1 
ATOM   737  N  N   . ARG A 1 106 ? 5.717   -1.098  11.940  1.00 42.54  ? 106 ARG A N   1 
ATOM   738  C  CA  . ARG A 1 106 ? 4.281   -0.855  11.828  1.00 44.63  ? 106 ARG A CA  1 
ATOM   739  C  C   . ARG A 1 106 ? 3.773   -1.263  10.449  1.00 47.23  ? 106 ARG A C   1 
ATOM   740  O  O   . ARG A 1 106 ? 2.774   -1.980  10.327  1.00 42.28  ? 106 ARG A O   1 
ATOM   741  C  CB  . ARG A 1 106 ? 3.994   0.619   12.086  1.00 44.01  ? 106 ARG A CB  1 
ATOM   742  C  CG  . ARG A 1 106 ? 2.599   1.110   11.741  1.00 50.33  ? 106 ARG A CG  1 
ATOM   743  C  CD  . ARG A 1 106 ? 2.437   2.544   12.272  1.00 54.41  ? 106 ARG A CD  1 
ATOM   744  N  NE  . ARG A 1 106 ? 3.752   3.170   12.477  1.00 55.63  ? 106 ARG A NE  1 
ATOM   745  C  CZ  . ARG A 1 106 ? 3.972   4.314   13.126  1.00 50.79  ? 106 ARG A CZ  1 
ATOM   746  N  NH1 . ARG A 1 106 ? 2.964   4.999   13.657  1.00 56.99  ? 106 ARG A NH1 1 
ATOM   747  N  NH2 . ARG A 1 106 ? 5.209   4.773   13.249  1.00 48.83  ? 106 ARG A NH2 1 
ATOM   748  N  N   . ALA A 1 107 ? 4.480   -0.814  9.415   1.00 33.09  ? 107 ALA A N   1 
ATOM   749  C  CA  . ALA A 1 107 ? 4.169   -1.193  8.043   1.00 30.83  ? 107 ALA A CA  1 
ATOM   750  C  C   . ALA A 1 107 ? 4.176   -2.716  7.840   1.00 34.67  ? 107 ALA A C   1 
ATOM   751  O  O   . ALA A 1 107 ? 3.349   -3.250  7.097   1.00 32.83  ? 107 ALA A O   1 
ATOM   752  C  CB  . ALA A 1 107 ? 5.139   -0.520  7.089   1.00 30.05  ? 107 ALA A CB  1 
ATOM   753  N  N   . SER A 1 108 ? 5.103   -3.402  8.511   1.00 41.21  ? 108 SER A N   1 
ATOM   754  C  CA  . SER A 1 108 ? 5.238   -4.861  8.415   1.00 44.08  ? 108 SER A CA  1 
ATOM   755  C  C   . SER A 1 108 ? 3.992   -5.569  8.884   1.00 40.96  ? 108 SER A C   1 
ATOM   756  O  O   . SER A 1 108 ? 3.681   -6.672  8.445   1.00 47.43  ? 108 SER A O   1 
ATOM   757  C  CB  . SER A 1 108 ? 6.390   -5.352  9.295   1.00 40.28  ? 108 SER A CB  1 
ATOM   758  O  OG  . SER A 1 108 ? 7.620   -4.781  8.893   1.00 55.93  ? 108 SER A OG  1 
ATOM   759  N  N   . GLU A 1 109 ? 3.295   -4.923  9.803   1.00 42.10  ? 109 GLU A N   1 
ATOM   760  C  CA  . GLU A 1 109 ? 2.211   -5.549  10.521  1.00 41.96  ? 109 GLU A CA  1 
ATOM   761  C  C   . GLU A 1 109 ? 0.876   -5.190  9.914   1.00 39.30  ? 109 GLU A C   1 
ATOM   762  O  O   . GLU A 1 109 ? -0.121  -5.833  10.201  1.00 42.86  ? 109 GLU A O   1 
ATOM   763  C  CB  . GLU A 1 109 ? 2.261   -5.120  11.989  1.00 46.83  ? 109 GLU A CB  1 
ATOM   764  C  CG  . GLU A 1 109 ? 3.455   -5.685  12.739  1.00 46.16  ? 109 GLU A CG  1 
ATOM   765  C  CD  . GLU A 1 109 ? 3.598   -5.114  14.134  1.00 49.84  ? 109 GLU A CD  1 
ATOM   766  O  OE1 . GLU A 1 109 ? 2.567   -4.871  14.797  1.00 53.89  ? 109 GLU A OE1 1 
ATOM   767  O  OE2 . GLU A 1 109 ? 4.751   -4.902  14.565  1.00 52.15  ? 109 GLU A OE2 1 
ATOM   768  N  N   . HIS A 1 110 ? 0.857   -4.159  9.074   1.00 31.69  ? 110 HIS A N   1 
ATOM   769  C  CA  . HIS A 1 110 ? -0.390  -3.699  8.478   1.00 30.73  ? 110 HIS A CA  1 
ATOM   770  C  C   . HIS A 1 110 ? -0.652  -4.381  7.142   1.00 27.98  ? 110 HIS A C   1 
ATOM   771  O  O   . HIS A 1 110 ? -0.712  -3.732  6.098   1.00 23.08  ? 110 HIS A O   1 
ATOM   772  C  CB  . HIS A 1 110 ? -0.409  -2.174  8.346   1.00 33.67  ? 110 HIS A CB  1 
ATOM   773  C  CG  . HIS A 1 110 ? -0.866  -1.479  9.588   1.00 35.05  ? 110 HIS A CG  1 
ATOM   774  N  ND1 . HIS A 1 110 ? -0.186  -1.568  10.783  1.00 38.47  ? 110 HIS A ND1 1 
ATOM   775  C  CD2 . HIS A 1 110 ? -1.960  -0.716  9.830   1.00 34.61  ? 110 HIS A CD2 1 
ATOM   776  C  CE1 . HIS A 1 110 ? -0.832  -0.876  11.706  1.00 41.41  ? 110 HIS A CE1 1 
ATOM   777  N  NE2 . HIS A 1 110 ? -1.911  -0.353  11.156  1.00 34.64  ? 110 HIS A NE2 1 
ATOM   778  N  N   . VAL A 1 111 ? -0.806  -5.702  7.210   1.00 26.50  ? 111 VAL A N   1 
ATOM   779  C  CA  . VAL A 1 111 ? -1.051  -6.557  6.058   1.00 25.40  ? 111 VAL A CA  1 
ATOM   780  C  C   . VAL A 1 111 ? -2.043  -7.641  6.462   1.00 25.29  ? 111 VAL A C   1 
ATOM   781  O  O   . VAL A 1 111 ? -1.930  -8.221  7.549   1.00 25.54  ? 111 VAL A O   1 
ATOM   782  C  CB  . VAL A 1 111 ? 0.269   -7.219  5.550   1.00 29.10  ? 111 VAL A CB  1 
ATOM   783  C  CG1 . VAL A 1 111 ? 1.180   -7.556  6.706   1.00 31.58  ? 111 VAL A CG1 1 
ATOM   784  C  CG2 . VAL A 1 111 ? -0.021  -8.471  4.749   1.00 22.76  ? 111 VAL A CG2 1 
ATOM   785  N  N   . TRP A 1 112 ? -3.007  -7.922  5.586   1.00 24.40  ? 112 TRP A N   1 
ATOM   786  C  CA  . TRP A 1 112 ? -4.047  -8.906  5.883   1.00 26.62  ? 112 TRP A CA  1 
ATOM   787  C  C   . TRP A 1 112 ? -4.053  -10.102 4.933   1.00 23.03  ? 112 TRP A C   1 
ATOM   788  O  O   . TRP A 1 112 ? -4.366  -9.979  3.764   1.00 21.50  ? 112 TRP A O   1 
ATOM   789  C  CB  . TRP A 1 112 ? -5.408  -8.214  5.954   1.00 24.11  ? 112 TRP A CB  1 
ATOM   790  C  CG  . TRP A 1 112 ? -5.417  -7.238  7.088   1.00 31.15  ? 112 TRP A CG  1 
ATOM   791  C  CD1 . TRP A 1 112 ? -5.770  -7.488  8.389   1.00 33.46  ? 112 TRP A CD1 1 
ATOM   792  C  CD2 . TRP A 1 112 ? -5.001  -5.874  7.042   1.00 27.55  ? 112 TRP A CD2 1 
ATOM   793  N  NE1 . TRP A 1 112 ? -5.619  -6.354  9.146   1.00 38.53  ? 112 TRP A NE1 1 
ATOM   794  C  CE2 . TRP A 1 112 ? -5.148  -5.347  8.342   1.00 34.12  ? 112 TRP A CE2 1 
ATOM   795  C  CE3 . TRP A 1 112 ? -4.538  -5.041  6.027   1.00 29.11  ? 112 TRP A CE3 1 
ATOM   796  C  CZ2 . TRP A 1 112 ? -4.841  -4.028  8.649   1.00 38.47  ? 112 TRP A CZ2 1 
ATOM   797  C  CZ3 . TRP A 1 112 ? -4.233  -3.729  6.332   1.00 33.02  ? 112 TRP A CZ3 1 
ATOM   798  C  CH2 . TRP A 1 112 ? -4.383  -3.235  7.636   1.00 37.48  ? 112 TRP A CH2 1 
ATOM   799  N  N   . HIS A 1 113 ? -3.713  -11.268 5.465   1.00 18.36  ? 113 HIS A N   1 
ATOM   800  C  CA  . HIS A 1 113 ? -3.516  -12.468 4.655   1.00 18.10  ? 113 HIS A CA  1 
ATOM   801  C  C   . HIS A 1 113 ? -4.852  -13.187 4.375   1.00 20.21  ? 113 HIS A C   1 
ATOM   802  O  O   . HIS A 1 113 ? -5.553  -13.599 5.290   1.00 15.58  ? 113 HIS A O   1 
ATOM   803  C  CB  . HIS A 1 113 ? -2.549  -13.386 5.393   1.00 17.56  ? 113 HIS A CB  1 
ATOM   804  C  CG  . HIS A 1 113 ? -2.169  -14.618 4.635   1.00 22.37  ? 113 HIS A CG  1 
ATOM   805  N  ND1 . HIS A 1 113 ? -1.641  -15.731 5.254   1.00 19.44  ? 113 HIS A ND1 1 
ATOM   806  C  CD2 . HIS A 1 113 ? -2.223  -14.910 3.315   1.00 18.38  ? 113 HIS A CD2 1 
ATOM   807  C  CE1 . HIS A 1 113 ? -1.393  -16.661 4.346   1.00 20.05  ? 113 HIS A CE1 1 
ATOM   808  N  NE2 . HIS A 1 113 ? -1.735  -16.185 3.164   1.00 21.92  ? 113 HIS A NE2 1 
ATOM   809  N  N   . VAL A 1 114 ? -5.201  -13.322 3.102   1.00 18.79  ? 114 VAL A N   1 
ATOM   810  C  CA  . VAL A 1 114 ? -6.415  -14.024 2.718   1.00 17.52  ? 114 VAL A CA  1 
ATOM   811  C  C   . VAL A 1 114 ? -6.295  -15.503 3.022   1.00 19.99  ? 114 VAL A C   1 
ATOM   812  O  O   . VAL A 1 114 ? -5.380  -16.154 2.549   1.00 21.11  ? 114 VAL A O   1 
ATOM   813  C  CB  . VAL A 1 114 ? -6.746  -13.831 1.216   1.00 19.42  ? 114 VAL A CB  1 
ATOM   814  C  CG1 . VAL A 1 114 ? -7.881  -14.781 0.783   1.00 18.88  ? 114 VAL A CG1 1 
ATOM   815  C  CG2 . VAL A 1 114 ? -7.112  -12.373 0.934   1.00 18.00  ? 114 VAL A CG2 1 
ATOM   816  N  N   . LEU A 1 115 ? -7.224  -16.041 3.809   1.00 20.37  ? 115 LEU A N   1 
ATOM   817  C  CA  . LEU A 1 115 ? -7.125  -17.447 4.185   1.00 22.25  ? 115 LEU A CA  1 
ATOM   818  C  C   . LEU A 1 115 ? -8.056  -18.294 3.328   1.00 21.33  ? 115 LEU A C   1 
ATOM   819  O  O   . LEU A 1 115 ? -8.018  -18.221 2.108   1.00 22.72  ? 115 LEU A O   1 
ATOM   820  C  CB  . LEU A 1 115 ? -7.393  -17.637 5.682   1.00 19.87  ? 115 LEU A CB  1 
ATOM   821  C  CG  . LEU A 1 115 ? -6.497  -16.812 6.620   1.00 20.22  ? 115 LEU A CG  1 
ATOM   822  C  CD1 . LEU A 1 115 ? -6.520  -17.398 7.994   1.00 24.06  ? 115 LEU A CD1 1 
ATOM   823  C  CD2 . LEU A 1 115 ? -5.052  -16.713 6.139   1.00 19.98  ? 115 LEU A CD2 1 
ATOM   824  N  N   . ASP A 1 116 ? -8.894  -19.105 3.952   1.00 22.70  ? 116 ASP A N   1 
ATOM   825  C  CA  . ASP A 1 116 ? -9.862  -19.859 3.173   1.00 23.61  ? 116 ASP A CA  1 
ATOM   826  C  C   . ASP A 1 116 ? -10.920 -18.926 2.578   1.00 23.31  ? 116 ASP A C   1 
ATOM   827  O  O   . ASP A 1 116 ? -11.278 -17.909 3.169   1.00 21.70  ? 116 ASP A O   1 
ATOM   828  C  CB  . ASP A 1 116 ? -10.490 -20.950 4.020   1.00 22.83  ? 116 ASP A CB  1 
ATOM   829  C  CG  . ASP A 1 116 ? -9.456  -21.876 4.606   1.00 25.81  ? 116 ASP A CG  1 
ATOM   830  O  OD1 . ASP A 1 116 ? -8.969  -22.736 3.858   1.00 26.41  ? 116 ASP A OD1 1 
ATOM   831  O  OD2 . ASP A 1 116 ? -9.106  -21.726 5.802   1.00 28.78  ? 116 ASP A OD2 1 
ATOM   832  N  N   . VAL A 1 117 ? -11.393 -19.266 1.389   1.00 22.94  ? 117 VAL A N   1 
ATOM   833  C  CA  . VAL A 1 117 ? -12.415 -18.464 0.733   1.00 25.56  ? 117 VAL A CA  1 
ATOM   834  C  C   . VAL A 1 117 ? -13.643 -19.330 0.439   1.00 26.37  ? 117 VAL A C   1 
ATOM   835  O  O   . VAL A 1 117 ? -13.555 -20.336 -0.273  1.00 25.40  ? 117 VAL A O   1 
ATOM   836  C  CB  . VAL A 1 117 ? -11.872 -17.795 -0.566  1.00 23.78  ? 117 VAL A CB  1 
ATOM   837  C  CG1 . VAL A 1 117 ? -12.992 -17.061 -1.310  1.00 23.03  ? 117 VAL A CG1 1 
ATOM   838  C  CG2 . VAL A 1 117 ? -10.742 -16.838 -0.235  1.00 18.12  ? 117 VAL A CG2 1 
ATOM   839  N  N   . GLU A 1 118 ? -14.775 -18.915 0.994   1.00 24.00  ? 118 GLU A N   1 
ATOM   840  C  CA  . GLU A 1 118 ? -16.039 -19.628 0.871   1.00 27.16  ? 118 GLU A CA  1 
ATOM   841  C  C   . GLU A 1 118 ? -16.562 -19.542 -0.538  1.00 26.79  ? 118 GLU A C   1 
ATOM   842  O  O   . GLU A 1 118 ? -16.754 -18.443 -1.030  1.00 22.86  ? 118 GLU A O   1 
ATOM   843  C  CB  . GLU A 1 118 ? -17.082 -18.981 1.770   1.00 30.04  ? 118 GLU A CB  1 
ATOM   844  C  CG  . GLU A 1 118 ? -17.389 -19.720 3.013   1.00 33.00  ? 118 GLU A CG  1 
ATOM   845  C  CD  . GLU A 1 118 ? -18.794 -20.252 3.023   1.00 37.81  ? 118 GLU A CD  1 
ATOM   846  O  OE1 . GLU A 1 118 ? -19.253 -20.707 1.946   1.00 44.43  ? 118 GLU A OE1 1 
ATOM   847  O  OE2 . GLU A 1 118 ? -19.438 -20.198 4.095   1.00 31.47  ? 118 GLU A OE2 1 
ATOM   848  N  N   . PRO A 1 119 ? -16.857 -20.702 -1.151  1.00 33.88  ? 119 PRO A N   1 
ATOM   849  C  CA  . PRO A 1 119 ? -17.134 -20.929 -2.574  1.00 35.68  ? 119 PRO A CA  1 
ATOM   850  C  C   . PRO A 1 119 ? -17.875 -19.827 -3.316  1.00 36.86  ? 119 PRO A C   1 
ATOM   851  O  O   . PRO A 1 119 ? -17.454 -19.479 -4.418  1.00 46.10  ? 119 PRO A O   1 
ATOM   852  C  CB  . PRO A 1 119 ? -17.940 -22.226 -2.558  1.00 34.92  ? 119 PRO A CB  1 
ATOM   853  C  CG  . PRO A 1 119 ? -17.294 -22.999 -1.454  1.00 39.25  ? 119 PRO A CG  1 
ATOM   854  C  CD  . PRO A 1 119 ? -16.884 -21.972 -0.402  1.00 33.00  ? 119 PRO A CD  1 
ATOM   855  N  N   . SER A 1 120 ? -18.949 -19.288 -2.762  1.00 33.48  ? 120 SER A N   1 
ATOM   856  C  CA  . SER A 1 120 ? -19.688 -18.278 -3.518  1.00 35.75  ? 120 SER A CA  1 
ATOM   857  C  C   . SER A 1 120 ? -19.743 -16.952 -2.788  1.00 31.25  ? 120 SER A C   1 
ATOM   858  O  O   . SER A 1 120 ? -20.659 -16.162 -2.993  1.00 31.45  ? 120 SER A O   1 
ATOM   859  C  CB  . SER A 1 120 ? -21.109 -18.769 -3.829  1.00 42.42  ? 120 SER A CB  1 
ATOM   860  O  OG  . SER A 1 120 ? -21.088 -19.822 -4.787  1.00 47.04  ? 120 SER A OG  1 
ATOM   861  N  N   . SER A 1 121 ? -18.755 -16.710 -1.933  1.00 24.42  ? 121 SER A N   1 
ATOM   862  C  CA  . SER A 1 121 ? -18.761 -15.531 -1.070  1.00 24.93  ? 121 SER A CA  1 
ATOM   863  C  C   . SER A 1 121 ? -18.497 -14.262 -1.870  1.00 20.08  ? 121 SER A C   1 
ATOM   864  O  O   . SER A 1 121 ? -18.051 -14.335 -2.999  1.00 21.74  ? 121 SER A O   1 
ATOM   865  C  CB  . SER A 1 121 ? -17.683 -15.687 -0.005  1.00 20.95  ? 121 SER A CB  1 
ATOM   866  O  OG  . SER A 1 121 ? -16.416 -15.747 -0.638  1.00 21.71  ? 121 SER A OG  1 
ATOM   867  N  N   . PRO A 1 122 ? -18.773 -13.091 -1.281  1.00 20.74  ? 122 PRO A N   1 
ATOM   868  C  CA  . PRO A 1 122 ? -18.340 -11.839 -1.903  1.00 21.68  ? 122 PRO A CA  1 
ATOM   869  C  C   . PRO A 1 122 ? -16.848 -11.850 -2.203  1.00 25.29  ? 122 PRO A C   1 
ATOM   870  O  O   . PRO A 1 122 ? -16.429 -11.335 -3.246  1.00 21.62  ? 122 PRO A O   1 
ATOM   871  C  CB  . PRO A 1 122 ? -18.656 -10.805 -0.828  1.00 23.99  ? 122 PRO A CB  1 
ATOM   872  C  CG  . PRO A 1 122 ? -19.895 -11.367 -0.178  1.00 22.27  ? 122 PRO A CG  1 
ATOM   873  C  CD  . PRO A 1 122 ? -19.652 -12.851 -0.123  1.00 22.09  ? 122 PRO A CD  1 
ATOM   874  N  N   . ALA A 1 123 ? -16.057 -12.439 -1.310  1.00 23.55  ? 123 ALA A N   1 
ATOM   875  C  CA  . ALA A 1 123 ? -14.624 -12.555 -1.542  1.00 26.17  ? 123 ALA A CA  1 
ATOM   876  C  C   . ALA A 1 123 ? -14.338 -13.421 -2.772  1.00 27.79  ? 123 ALA A C   1 
ATOM   877  O  O   . ALA A 1 123 ? -13.479 -13.077 -3.582  1.00 25.79  ? 123 ALA A O   1 
ATOM   878  C  CB  . ALA A 1 123 ? -13.914 -13.106 -0.314  1.00 25.03  ? 123 ALA A CB  1 
ATOM   879  N  N   . ALA A 1 124 ? -15.073 -14.528 -2.910  1.00 20.06  ? 124 ALA A N   1 
ATOM   880  C  CA  . ALA A 1 124 ? -14.945 -15.408 -4.074  1.00 27.66  ? 124 ALA A CA  1 
ATOM   881  C  C   . ALA A 1 124 ? -15.349 -14.707 -5.376  1.00 25.55  ? 124 ALA A C   1 
ATOM   882  O  O   . ALA A 1 124 ? -14.694 -14.866 -6.403  1.00 23.95  ? 124 ALA A O   1 
ATOM   883  C  CB  . ALA A 1 124 ? -15.751 -16.689 -3.888  1.00 19.54  ? 124 ALA A CB  1 
ATOM   884  N  N   . LEU A 1 125 ? -16.427 -13.932 -5.320  1.00 32.64  ? 125 LEU A N   1 
ATOM   885  C  CA  . LEU A 1 125 ? -16.858 -13.131 -6.460  1.00 35.82  ? 125 LEU A CA  1 
ATOM   886  C  C   . LEU A 1 125 ? -15.830 -12.062 -6.843  1.00 30.74  ? 125 LEU A C   1 
ATOM   887  O  O   . LEU A 1 125 ? -15.689 -11.730 -8.016  1.00 35.81  ? 125 LEU A O   1 
ATOM   888  C  CB  . LEU A 1 125 ? -18.207 -12.462 -6.166  1.00 33.49  ? 125 LEU A CB  1 
ATOM   889  C  CG  . LEU A 1 125 ? -19.344 -13.397 -5.744  1.00 34.86  ? 125 LEU A CG  1 
ATOM   890  C  CD1 . LEU A 1 125 ? -20.656 -12.646 -5.614  1.00 32.37  ? 125 LEU A CD1 1 
ATOM   891  C  CD2 . LEU A 1 125 ? -19.475 -14.556 -6.719  1.00 40.42  ? 125 LEU A CD2 1 
ATOM   892  N  N   . ALA A 1 126 ? -15.136 -11.512 -5.851  1.00 25.74  ? 126 ALA A N   1 
ATOM   893  C  CA  . ALA A 1 126 ? -14.141 -10.460 -6.076  1.00 26.70  ? 126 ALA A CA  1 
ATOM   894  C  C   . ALA A 1 126 ? -12.812 -11.000 -6.617  1.00 29.39  ? 126 ALA A C   1 
ATOM   895  O  O   . ALA A 1 126 ? -11.937 -10.230 -7.009  1.00 34.11  ? 126 ALA A O   1 
ATOM   896  C  CB  . ALA A 1 126 ? -13.888 -9.689  -4.791  1.00 26.21  ? 126 ALA A CB  1 
ATOM   897  N  N   . GLY A 1 127 ? -12.652 -12.316 -6.602  1.00 26.18  ? 127 GLY A N   1 
ATOM   898  C  CA  . GLY A 1 127 ? -11.432 -12.942 -7.077  1.00 28.53  ? 127 GLY A CA  1 
ATOM   899  C  C   . GLY A 1 127 ? -10.296 -13.084 -6.078  1.00 24.49  ? 127 GLY A C   1 
ATOM   900  O  O   . GLY A 1 127 ? -9.168  -13.383 -6.459  1.00 29.77  ? 127 GLY A O   1 
ATOM   901  N  N   . LEU A 1 128 ? -10.570 -12.877 -4.798  1.00 21.33  ? 128 LEU A N   1 
ATOM   902  C  CA  . LEU A 1 128 ? -9.521  -13.025 -3.793  1.00 22.91  ? 128 LEU A CA  1 
ATOM   903  C  C   . LEU A 1 128 ? -9.019  -14.463 -3.761  1.00 20.92  ? 128 LEU A C   1 
ATOM   904  O  O   . LEU A 1 128 ? -9.809  -15.407 -3.783  1.00 25.48  ? 128 LEU A O   1 
ATOM   905  C  CB  . LEU A 1 128 ? -10.009 -12.562 -2.407  1.00 19.65  ? 128 LEU A CB  1 
ATOM   906  C  CG  . LEU A 1 128 ? -10.228 -11.046 -2.335  1.00 21.29  ? 128 LEU A CG  1 
ATOM   907  C  CD1 . LEU A 1 128 ? -10.694 -10.618 -0.959  1.00 21.88  ? 128 LEU A CD1 1 
ATOM   908  C  CD2 . LEU A 1 128 ? -8.950  -10.285 -2.718  1.00 16.99  ? 128 LEU A CD2 1 
ATOM   909  N  N   . ARG A 1 129 ? -7.698  -14.617 -3.718  1.00 21.38  ? 129 ARG A N   1 
ATOM   910  C  CA  . ARG A 1 129 ? -7.055  -15.918 -3.848  1.00 20.19  ? 129 ARG A CA  1 
ATOM   911  C  C   . ARG A 1 129 ? -6.617  -16.439 -2.485  1.00 19.80  ? 129 ARG A C   1 
ATOM   912  O  O   . ARG A 1 129 ? -5.840  -15.781 -1.792  1.00 17.23  ? 129 ARG A O   1 
ATOM   913  C  CB  . ARG A 1 129 ? -5.850  -15.812 -4.794  1.00 21.84  ? 129 ARG A CB  1 
ATOM   914  C  CG  . ARG A 1 129 ? -6.205  -15.428 -6.225  1.00 20.12  ? 129 ARG A CG  1 
ATOM   915  C  CD  . ARG A 1 129 ? -4.974  -14.947 -7.005  1.00 23.02  ? 129 ARG A CD  1 
ATOM   916  N  NE  . ARG A 1 129 ? -5.359  -14.038 -8.081  1.00 24.26  ? 129 ARG A NE  1 
ATOM   917  C  CZ  . ARG A 1 129 ? -4.513  -13.370 -8.864  1.00 26.32  ? 129 ARG A CZ  1 
ATOM   918  N  NH1 . ARG A 1 129 ? -3.194  -13.499 -8.719  1.00 26.62  ? 129 ARG A NH1 1 
ATOM   919  N  NH2 . ARG A 1 129 ? -4.995  -12.558 -9.798  1.00 27.26  ? 129 ARG A NH2 1 
ATOM   920  N  N   . PRO A 1 130 ? -7.136  -17.615 -2.092  1.00 23.16  ? 130 PRO A N   1 
ATOM   921  C  CA  . PRO A 1 130 ? -6.840  -18.221 -0.790  1.00 22.36  ? 130 PRO A CA  1 
ATOM   922  C  C   . PRO A 1 130 ? -5.337  -18.426 -0.558  1.00 26.27  ? 130 PRO A C   1 
ATOM   923  O  O   . PRO A 1 130 ? -4.665  -19.037 -1.393  1.00 27.83  ? 130 PRO A O   1 
ATOM   924  C  CB  . PRO A 1 130 ? -7.527  -19.586 -0.868  1.00 24.72  ? 130 PRO A CB  1 
ATOM   925  C  CG  . PRO A 1 130 ? -8.559  -19.461 -1.926  1.00 25.09  ? 130 PRO A CG  1 
ATOM   926  C  CD  . PRO A 1 130 ? -8.057  -18.441 -2.898  1.00 23.44  ? 130 PRO A CD  1 
ATOM   927  N  N   . TYR A 1 131 ? -4.839  -17.910 0.564   1.00 18.56  ? 131 TYR A N   1 
ATOM   928  C  CA  . TYR A 1 131 ? -3.458  -18.116 1.032   1.00 22.66  ? 131 TYR A CA  1 
ATOM   929  C  C   . TYR A 1 131 ? -2.347  -17.375 0.285   1.00 21.66  ? 131 TYR A C   1 
ATOM   930  O  O   . TYR A 1 131 ? -1.266  -17.158 0.840   1.00 19.23  ? 131 TYR A O   1 
ATOM   931  C  CB  . TYR A 1 131 ? -3.139  -19.619 1.244   1.00 24.92  ? 131 TYR A CB  1 
ATOM   932  C  CG  . TYR A 1 131 ? -4.004  -20.204 2.348   1.00 25.98  ? 131 TYR A CG  1 
ATOM   933  C  CD1 . TYR A 1 131 ? -3.713  -19.940 3.666   1.00 22.86  ? 131 TYR A CD1 1 
ATOM   934  C  CD2 . TYR A 1 131 ? -5.146  -20.972 2.062   1.00 26.82  ? 131 TYR A CD2 1 
ATOM   935  C  CE1 . TYR A 1 131 ? -4.503  -20.435 4.695   1.00 27.70  ? 131 TYR A CE1 1 
ATOM   936  C  CE2 . TYR A 1 131 ? -5.950  -21.476 3.085   1.00 24.51  ? 131 TYR A CE2 1 
ATOM   937  C  CZ  . TYR A 1 131 ? -5.623  -21.192 4.408   1.00 27.26  ? 131 TYR A CZ  1 
ATOM   938  O  OH  . TYR A 1 131 ? -6.372  -21.661 5.471   1.00 23.13  ? 131 TYR A OH  1 
ATOM   939  N  N   . THR A 1 132 ? -2.608  -16.960 -0.950  1.00 23.47  ? 132 THR A N   1 
ATOM   940  C  CA  . THR A 1 132 ? -1.584  -16.253 -1.720  1.00 19.74  ? 132 THR A CA  1 
ATOM   941  C  C   . THR A 1 132 ? -1.835  -14.742 -1.851  1.00 18.87  ? 132 THR A C   1 
ATOM   942  O  O   . THR A 1 132 ? -0.916  -13.979 -2.113  1.00 21.17  ? 132 THR A O   1 
ATOM   943  C  CB  . THR A 1 132 ? -1.392  -16.880 -3.105  1.00 22.73  ? 132 THR A CB  1 
ATOM   944  O  OG1 . THR A 1 132 ? -2.630  -16.848 -3.815  1.00 21.89  ? 132 THR A OG1 1 
ATOM   945  C  CG2 . THR A 1 132 ? -0.931  -18.331 -2.976  1.00 26.25  ? 132 THR A CG2 1 
ATOM   946  N  N   . ASP A 1 133 ? -3.080  -14.315 -1.689  1.00 18.55  ? 133 ASP A N   1 
ATOM   947  C  CA  . ASP A 1 133 ? -3.399  -12.886 -1.687  1.00 17.56  ? 133 ASP A CA  1 
ATOM   948  C  C   . ASP A 1 133 ? -3.162  -12.264 -0.304  1.00 19.06  ? 133 ASP A C   1 
ATOM   949  O  O   . ASP A 1 133 ? -3.503  -12.865 0.717   1.00 15.91  ? 133 ASP A O   1 
ATOM   950  C  CB  . ASP A 1 133 ? -4.854  -12.662 -2.079  1.00 17.11  ? 133 ASP A CB  1 
ATOM   951  C  CG  . ASP A 1 133 ? -5.032  -12.398 -3.556  1.00 17.24  ? 133 ASP A CG  1 
ATOM   952  O  OD1 . ASP A 1 133 ? -4.019  -12.256 -4.267  1.00 12.66  ? 133 ASP A OD1 1 
ATOM   953  O  OD2 . ASP A 1 133 ? -6.199  -12.301 -3.985  1.00 17.59  ? 133 ASP A OD2 1 
ATOM   954  N  N   . TYR A 1 134 ? -2.600  -11.058 -0.295  1.00 14.94  ? 134 TYR A N   1 
ATOM   955  C  CA  . TYR A 1 134 ? -2.340  -10.316 0.930   1.00 16.91  ? 134 TYR A CA  1 
ATOM   956  C  C   . TYR A 1 134 ? -2.805  -8.898  0.719   1.00 18.63  ? 134 TYR A C   1 
ATOM   957  O  O   . TYR A 1 134 ? -2.270  -8.199  -0.142  1.00 18.40  ? 134 TYR A O   1 
ATOM   958  C  CB  . TYR A 1 134 ? -0.835  -10.261 1.230   1.00 17.65  ? 134 TYR A CB  1 
ATOM   959  C  CG  . TYR A 1 134 ? -0.204  -11.578 1.591   1.00 18.16  ? 134 TYR A CG  1 
ATOM   960  C  CD1 . TYR A 1 134 ? 0.105   -11.877 2.916   1.00 18.21  ? 134 TYR A CD1 1 
ATOM   961  C  CD2 . TYR A 1 134 ? 0.102   -12.524 0.613   1.00 18.77  ? 134 TYR A CD2 1 
ATOM   962  C  CE1 . TYR A 1 134 ? 0.684   -13.081 3.258   1.00 18.18  ? 134 TYR A CE1 1 
ATOM   963  C  CE2 . TYR A 1 134 ? 0.697   -13.738 0.950   1.00 17.24  ? 134 TYR A CE2 1 
ATOM   964  C  CZ  . TYR A 1 134 ? 0.983   -14.005 2.274   1.00 18.42  ? 134 TYR A CZ  1 
ATOM   965  O  OH  . TYR A 1 134 ? 1.559   -15.200 2.631   1.00 16.82  ? 134 TYR A OH  1 
ATOM   966  N  N   . ILE A 1 135 ? -3.776  -8.461  1.513   1.00 18.73  ? 135 ILE A N   1 
ATOM   967  C  CA  . ILE A 1 135 ? -4.292  -7.107  1.393   1.00 16.80  ? 135 ILE A CA  1 
ATOM   968  C  C   . ILE A 1 135 ? -3.356  -6.125  2.067   1.00 20.56  ? 135 ILE A C   1 
ATOM   969  O  O   . ILE A 1 135 ? -2.971  -6.291  3.233   1.00 15.38  ? 135 ILE A O   1 
ATOM   970  C  CB  . ILE A 1 135 ? -5.704  -6.995  1.957   1.00 18.58  ? 135 ILE A CB  1 
ATOM   971  C  CG1 . ILE A 1 135 ? -6.607  -8.030  1.270   1.00 23.00  ? 135 ILE A CG1 1 
ATOM   972  C  CG2 . ILE A 1 135 ? -6.250  -5.601  1.723   1.00 16.29  ? 135 ILE A CG2 1 
ATOM   973  C  CD1 . ILE A 1 135 ? -7.641  -8.657  2.187   1.00 19.14  ? 135 ILE A CD1 1 
ATOM   974  N  N   . VAL A 1 136 ? -2.980  -5.090  1.326   1.00 26.81  ? 136 VAL A N   1 
ATOM   975  C  CA  . VAL A 1 136 ? -1.950  -4.185  1.807   1.00 27.12  ? 136 VAL A CA  1 
ATOM   976  C  C   . VAL A 1 136 ? -2.398  -2.731  1.805   1.00 29.81  ? 136 VAL A C   1 
ATOM   977  O  O   . VAL A 1 136 ? -1.738  -1.872  2.384   1.00 34.20  ? 136 VAL A O   1 
ATOM   978  C  CB  . VAL A 1 136 ? -0.651  -4.351  1.004   1.00 27.66  ? 136 VAL A CB  1 
ATOM   979  C  CG1 . VAL A 1 136 ? -0.096  -5.746  1.221   1.00 25.37  ? 136 VAL A CG1 1 
ATOM   980  C  CG2 . VAL A 1 136 ? -0.912  -4.116  -0.476  1.00 28.07  ? 136 VAL A CG2 1 
ATOM   981  N  N   . GLY A 1 137 ? -3.516  -2.445  1.150   1.00 25.39  ? 137 GLY A N   1 
ATOM   982  C  CA  . GLY A 1 137 ? -3.976  -1.076  1.111   1.00 29.85  ? 137 GLY A CA  1 
ATOM   983  C  C   . GLY A 1 137 ? -5.347  -0.886  0.511   1.00 37.92  ? 137 GLY A C   1 
ATOM   984  O  O   . GLY A 1 137 ? -5.988  -1.840  0.064   1.00 36.04  ? 137 GLY A O   1 
ATOM   985  N  N   . SER A 1 138 ? -5.780  0.372   0.505   1.00 41.75  ? 138 SER A N   1 
ATOM   986  C  CA  . SER A 1 138 ? -7.051  0.804   -0.056  1.00 52.59  ? 138 SER A CA  1 
ATOM   987  C  C   . SER A 1 138 ? -6.842  2.224   -0.544  1.00 59.29  ? 138 SER A C   1 
ATOM   988  O  O   . SER A 1 138 ? -6.228  3.029   0.156   1.00 67.97  ? 138 SER A O   1 
ATOM   989  C  CB  . SER A 1 138 ? -8.134  0.798   1.026   1.00 58.34  ? 138 SER A CB  1 
ATOM   990  O  OG  . SER A 1 138 ? -9.345  1.375   0.562   1.00 55.42  ? 138 SER A OG  1 
ATOM   991  N  N   . ASP A 1 139 ? -7.340  2.547   -1.731  1.00 109.07 ? 139 ASP A N   1 
ATOM   992  C  CA  . ASP A 1 139 ? -7.168  3.901   -2.253  1.00 114.20 ? 139 ASP A CA  1 
ATOM   993  C  C   . ASP A 1 139 ? -8.164  4.888   -1.644  1.00 119.29 ? 139 ASP A C   1 
ATOM   994  O  O   . ASP A 1 139 ? -8.480  5.917   -2.238  1.00 119.71 ? 139 ASP A O   1 
ATOM   995  C  CB  . ASP A 1 139 ? -7.214  3.933   -3.788  1.00 108.12 ? 139 ASP A CB  1 
ATOM   996  C  CG  . ASP A 1 139 ? -8.502  3.362   -4.357  1.00 108.65 ? 139 ASP A CG  1 
ATOM   997  O  OD1 . ASP A 1 139 ? -9.572  3.507   -3.723  1.00 111.73 ? 139 ASP A OD1 1 
ATOM   998  O  OD2 . ASP A 1 139 ? -8.443  2.769   -5.456  1.00 105.47 ? 139 ASP A OD2 1 
ATOM   999  N  N   . GLN A 1 140 ? -8.657  4.556   -0.458  1.00 78.72  ? 140 GLN A N   1 
ATOM   1000 C  CA  . GLN A 1 140 ? -9.541  5.441   0.273   1.00 89.14  ? 140 GLN A CA  1 
ATOM   1001 C  C   . GLN A 1 140 ? -8.902  5.763   1.610   1.00 98.87  ? 140 GLN A C   1 
ATOM   1002 O  O   . GLN A 1 140 ? -9.123  5.062   2.593   1.00 101.32 ? 140 GLN A O   1 
ATOM   1003 C  CB  . GLN A 1 140 ? -10.907 4.783   0.479   1.00 88.08  ? 140 GLN A CB  1 
ATOM   1004 C  CG  . GLN A 1 140 ? -11.905 5.647   1.239   1.00 92.40  ? 140 GLN A CG  1 
ATOM   1005 C  CD  . GLN A 1 140 ? -13.267 4.987   1.379   1.00 81.47  ? 140 GLN A CD  1 
ATOM   1006 O  OE1 . GLN A 1 140 ? -13.969 5.188   2.375   1.00 74.24  ? 140 GLN A OE1 1 
ATOM   1007 N  NE2 . GLN A 1 140 ? -13.651 4.201   0.374   1.00 69.43  ? 140 GLN A NE2 1 
ATOM   1008 N  N   . ILE A 1 141 ? -8.090  6.815   1.635   1.00 147.86 ? 141 ILE A N   1 
ATOM   1009 C  CA  . ILE A 1 141 ? -7.435  7.251   2.862   1.00 150.87 ? 141 ILE A CA  1 
ATOM   1010 C  C   . ILE A 1 141 ? -8.200  8.439   3.448   1.00 152.78 ? 141 ILE A C   1 
ATOM   1011 O  O   . ILE A 1 141 ? -7.696  9.171   4.303   1.00 158.15 ? 141 ILE A O   1 
ATOM   1012 C  CB  . ILE A 1 141 ? -5.935  7.592   2.620   1.00 152.26 ? 141 ILE A CB  1 
ATOM   1013 C  CG1 . ILE A 1 141 ? -5.146  7.567   3.937   1.00 148.78 ? 141 ILE A CG1 1 
ATOM   1014 C  CG2 . ILE A 1 141 ? -5.781  8.913   1.861   1.00 139.19 ? 141 ILE A CG2 1 
ATOM   1015 C  CD1 . ILE A 1 141 ? -3.678  7.886   3.788   1.00 133.33 ? 141 ILE A CD1 1 
ATOM   1016 N  N   . LEU A 1 142 ? -9.441  8.592   2.990   1.00 119.46 ? 142 LEU A N   1 
ATOM   1017 C  CA  . LEU A 1 142 ? -10.292 9.736   3.321   1.00 121.10 ? 142 LEU A CA  1 
ATOM   1018 C  C   . LEU A 1 142 ? -10.335 10.107  4.810   1.00 124.79 ? 142 LEU A C   1 
ATOM   1019 O  O   . LEU A 1 142 ? -9.637  11.025  5.239   1.00 121.85 ? 142 LEU A O   1 
ATOM   1020 C  CB  . LEU A 1 142 ? -11.701 9.517   2.760   1.00 109.60 ? 142 LEU A CB  1 
ATOM   1021 C  CG  . LEU A 1 142 ? -11.708 9.408   1.232   1.00 100.80 ? 142 LEU A CG  1 
ATOM   1022 C  CD1 . LEU A 1 142 ? -13.088 9.068   0.699   1.00 87.22  ? 142 LEU A CD1 1 
ATOM   1023 C  CD2 . LEU A 1 142 ? -11.198 10.702  0.616   1.00 92.69  ? 142 LEU A CD2 1 
ATOM   1024 N  N   . GLN A 1 143 ? -11.143 9.398   5.592   1.00 131.31 ? 143 GLN A N   1 
ATOM   1025 C  CA  . GLN A 1 143 ? -11.213 9.658   7.030   1.00 132.83 ? 143 GLN A CA  1 
ATOM   1026 C  C   . GLN A 1 143 ? -11.612 8.420   7.828   1.00 130.78 ? 143 GLN A C   1 
ATOM   1027 O  O   . GLN A 1 143 ? -12.273 8.531   8.861   1.00 128.73 ? 143 GLN A O   1 
ATOM   1028 C  CB  . GLN A 1 143 ? -12.176 10.813  7.335   1.00 131.46 ? 143 GLN A CB  1 
ATOM   1029 C  CG  . GLN A 1 143 ? -11.510 12.180  7.492   1.00 123.41 ? 143 GLN A CG  1 
ATOM   1030 C  CD  . GLN A 1 143 ? -10.605 12.263  8.710   1.00 118.63 ? 143 GLN A CD  1 
ATOM   1031 O  OE1 . GLN A 1 143 ? -11.063 12.527  9.822   1.00 101.94 ? 143 GLN A OE1 1 
ATOM   1032 N  NE2 . GLN A 1 143 ? -9.311  12.038  8.505   1.00 128.25 ? 143 GLN A NE2 1 
ATOM   1033 N  N   . GLU A 1 144 ? -11.206 7.246   7.356   1.00 143.64 ? 144 GLU A N   1 
ATOM   1034 C  CA  . GLU A 1 144 ? -11.529 6.004   8.050   1.00 137.15 ? 144 GLU A CA  1 
ATOM   1035 C  C   . GLU A 1 144 ? -10.557 4.873   7.709   1.00 132.75 ? 144 GLU A C   1 
ATOM   1036 O  O   . GLU A 1 144 ? -10.707 3.752   8.195   1.00 124.86 ? 144 GLU A O   1 
ATOM   1037 C  CB  . GLU A 1 144 ? -12.964 5.565   7.729   1.00 135.24 ? 144 GLU A CB  1 
ATOM   1038 C  CG  . GLU A 1 144 ? -13.599 4.667   8.791   1.00 128.51 ? 144 GLU A CG  1 
ATOM   1039 C  CD  . GLU A 1 144 ? -14.454 3.560   8.199   1.00 109.85 ? 144 GLU A CD  1 
ATOM   1040 O  OE1 . GLU A 1 144 ? -14.256 3.213   7.015   1.00 100.31 ? 144 GLU A OE1 1 
ATOM   1041 O  OE2 . GLU A 1 144 ? -15.325 3.035   8.926   1.00 113.62 ? 144 GLU A OE2 1 
ATOM   1042 N  N   . SER A 1 145 ? -9.546  5.172   6.897   1.00 135.38 ? 145 SER A N   1 
ATOM   1043 C  CA  . SER A 1 145 ? -8.653  4.139   6.362   1.00 132.15 ? 145 SER A CA  1 
ATOM   1044 C  C   . SER A 1 145 ? -7.812  3.398   7.405   1.00 126.44 ? 145 SER A C   1 
ATOM   1045 O  O   . SER A 1 145 ? -6.709  2.942   7.102   1.00 125.16 ? 145 SER A O   1 
ATOM   1046 C  CB  . SER A 1 145 ? -7.723  4.732   5.303   1.00 139.54 ? 145 SER A CB  1 
ATOM   1047 O  OG  . SER A 1 145 ? -7.198  3.719   4.458   1.00 139.22 ? 145 SER A OG  1 
ATOM   1048 N  N   . GLU A 1 146 ? -8.335  3.272   8.622   1.00 110.79 ? 146 GLU A N   1 
ATOM   1049 C  CA  . GLU A 1 146 ? -7.607  2.617   9.702   1.00 104.34 ? 146 GLU A CA  1 
ATOM   1050 C  C   . GLU A 1 146 ? -7.560  1.107   9.502   1.00 91.27  ? 146 GLU A C   1 
ATOM   1051 O  O   . GLU A 1 146 ? -6.942  0.612   8.558   1.00 89.16  ? 146 GLU A O   1 
ATOM   1052 C  CB  . GLU A 1 146 ? -8.212  2.972   11.071  1.00 103.12 ? 146 GLU A CB  1 
ATOM   1053 C  CG  . GLU A 1 146 ? -9.739  3.053   11.110  1.00 104.12 ? 146 GLU A CG  1 
ATOM   1054 C  CD  . GLU A 1 146 ? -10.255 4.483   11.215  1.00 115.50 ? 146 GLU A CD  1 
ATOM   1055 O  OE1 . GLU A 1 146 ? -9.437  5.424   11.144  1.00 120.69 ? 146 GLU A OE1 1 
ATOM   1056 O  OE2 . GLU A 1 146 ? -11.481 4.664   11.376  1.00 111.19 ? 146 GLU A OE2 1 
ATOM   1057 N  N   . ASP A 1 147 ? -8.213  0.387   10.402  1.00 84.98  ? 147 ASP A N   1 
ATOM   1058 C  CA  . ASP A 1 147 ? -8.254  -1.063  10.362  1.00 75.16  ? 147 ASP A CA  1 
ATOM   1059 C  C   . ASP A 1 147 ? -8.898  -1.547  9.059   1.00 71.90  ? 147 ASP A C   1 
ATOM   1060 O  O   . ASP A 1 147 ? -9.767  -0.879  8.497   1.00 68.46  ? 147 ASP A O   1 
ATOM   1061 C  CB  . ASP A 1 147 ? -9.037  -1.569  11.570  1.00 66.79  ? 147 ASP A CB  1 
ATOM   1062 C  CG  . ASP A 1 147 ? -8.852  -3.044  11.805  1.00 73.19  ? 147 ASP A CG  1 
ATOM   1063 O  OD1 . ASP A 1 147 ? -7.873  -3.618  11.277  1.00 75.86  ? 147 ASP A OD1 1 
ATOM   1064 O  OD2 . ASP A 1 147 ? -9.685  -3.628  12.532  1.00 73.99  ? 147 ASP A OD2 1 
ATOM   1065 N  N   . PHE A 1 148 ? -8.452  -2.698  8.568   1.00 41.24  ? 148 PHE A N   1 
ATOM   1066 C  CA  . PHE A 1 148 ? -9.078  -3.295  7.398   1.00 39.67  ? 148 PHE A CA  1 
ATOM   1067 C  C   . PHE A 1 148 ? -10.495 -3.751  7.734   1.00 38.05  ? 148 PHE A C   1 
ATOM   1068 O  O   . PHE A 1 148 ? -11.402 -3.660  6.907   1.00 31.36  ? 148 PHE A O   1 
ATOM   1069 C  CB  . PHE A 1 148 ? -8.253  -4.472  6.885   1.00 33.84  ? 148 PHE A CB  1 
ATOM   1070 C  CG  . PHE A 1 148 ? -8.969  -5.330  5.868   1.00 26.69  ? 148 PHE A CG  1 
ATOM   1071 C  CD1 . PHE A 1 148 ? -9.224  -4.852  4.588   1.00 26.36  ? 148 PHE A CD1 1 
ATOM   1072 C  CD2 . PHE A 1 148 ? -9.353  -6.623  6.183   1.00 25.14  ? 148 PHE A CD2 1 
ATOM   1073 C  CE1 . PHE A 1 148 ? -9.862  -5.644  3.642   1.00 24.15  ? 148 PHE A CE1 1 
ATOM   1074 C  CE2 . PHE A 1 148 ? -9.996  -7.429  5.245   1.00 25.27  ? 148 PHE A CE2 1 
ATOM   1075 C  CZ  . PHE A 1 148 ? -10.253 -6.936  3.970   1.00 24.38  ? 148 PHE A CZ  1 
ATOM   1076 N  N   . PHE A 1 149 ? -10.676 -4.226  8.960   1.00 43.91  ? 149 PHE A N   1 
ATOM   1077 C  CA  . PHE A 1 149 ? -11.979 -4.682  9.413   1.00 47.33  ? 149 PHE A CA  1 
ATOM   1078 C  C   . PHE A 1 149 ? -12.962 -3.521  9.539   1.00 50.65  ? 149 PHE A C   1 
ATOM   1079 O  O   . PHE A 1 149 ? -14.116 -3.624  9.109   1.00 48.31  ? 149 PHE A O   1 
ATOM   1080 C  CB  . PHE A 1 149 ? -11.811 -5.461  10.709  1.00 45.44  ? 149 PHE A CB  1 
ATOM   1081 C  CG  . PHE A 1 149 ? -10.763 -6.528  10.607  1.00 42.20  ? 149 PHE A CG  1 
ATOM   1082 C  CD1 . PHE A 1 149 ? -11.052 -7.740  10.006  1.00 41.57  ? 149 PHE A CD1 1 
ATOM   1083 C  CD2 . PHE A 1 149 ? -9.475  -6.297  11.048  1.00 45.68  ? 149 PHE A CD2 1 
ATOM   1084 C  CE1 . PHE A 1 149 ? -10.088 -8.718  9.878   1.00 37.29  ? 149 PHE A CE1 1 
ATOM   1085 C  CE2 . PHE A 1 149 ? -8.507  -7.266  10.929  1.00 46.86  ? 149 PHE A CE2 1 
ATOM   1086 C  CZ  . PHE A 1 149 ? -8.816  -8.484  10.341  1.00 43.20  ? 149 PHE A CZ  1 
ATOM   1087 N  N   . THR A 1 150 ? -12.484 -2.409  10.087  1.00 47.38  ? 150 THR A N   1 
ATOM   1088 C  CA  . THR A 1 150 ? -13.246 -1.167  10.127  1.00 48.33  ? 150 THR A CA  1 
ATOM   1089 C  C   . THR A 1 150 ? -13.728 -0.782  8.728   1.00 48.86  ? 150 THR A C   1 
ATOM   1090 O  O   . THR A 1 150 ? -14.897 -0.444  8.529   1.00 46.83  ? 150 THR A O   1 
ATOM   1091 C  CB  . THR A 1 150 ? -12.391 -0.015  10.692  1.00 60.03  ? 150 THR A CB  1 
ATOM   1092 O  OG1 . THR A 1 150 ? -12.027 -0.303  12.049  1.00 60.44  ? 150 THR A OG1 1 
ATOM   1093 C  CG2 . THR A 1 150 ? -13.158 1.295   10.644  1.00 66.84  ? 150 THR A CG2 1 
ATOM   1094 N  N   . LEU A 1 151 ? -12.811 -0.852  7.767   1.00 48.91  ? 151 LEU A N   1 
ATOM   1095 C  CA  . LEU A 1 151 ? -13.077 -0.539  6.365   1.00 46.40  ? 151 LEU A CA  1 
ATOM   1096 C  C   . LEU A 1 151 ? -14.182 -1.400  5.756   1.00 40.85  ? 151 LEU A C   1 
ATOM   1097 O  O   . LEU A 1 151 ? -15.045 -0.909  5.024   1.00 40.38  ? 151 LEU A O   1 
ATOM   1098 C  CB  . LEU A 1 151 ? -11.797 -0.749  5.555   1.00 46.77  ? 151 LEU A CB  1 
ATOM   1099 C  CG  . LEU A 1 151 ? -11.163 0.466   4.897   1.00 56.38  ? 151 LEU A CG  1 
ATOM   1100 C  CD1 . LEU A 1 151 ? -11.961 0.907   3.683   1.00 54.27  ? 151 LEU A CD1 1 
ATOM   1101 C  CD2 . LEU A 1 151 ? -11.075 1.575   5.918   1.00 75.19  ? 151 LEU A CD2 1 
ATOM   1102 N  N   . ILE A 1 152 ? -14.122 -2.695  6.040   1.00 31.39  ? 152 ILE A N   1 
ATOM   1103 C  CA  . ILE A 1 152 ? -15.122 -3.640  5.565   1.00 31.39  ? 152 ILE A CA  1 
ATOM   1104 C  C   . ILE A 1 152 ? -16.518 -3.350  6.123   1.00 30.89  ? 152 ILE A C   1 
ATOM   1105 O  O   . ILE A 1 152 ? -17.512 -3.403  5.386   1.00 29.44  ? 152 ILE A O   1 
ATOM   1106 C  CB  . ILE A 1 152 ? -14.706 -5.085  5.896   1.00 30.65  ? 152 ILE A CB  1 
ATOM   1107 C  CG1 . ILE A 1 152 ? -13.618 -5.542  4.928   1.00 32.45  ? 152 ILE A CG1 1 
ATOM   1108 C  CG2 . ILE A 1 152 ? -15.886 -6.046  5.800   1.00 27.37  ? 152 ILE A CG2 1 
ATOM   1109 C  CD1 . ILE A 1 152 ? -13.373 -7.016  5.037   1.00 36.38  ? 152 ILE A CD1 1 
ATOM   1110 N  N   . GLU A 1 153 ? -16.599 -3.025  7.411   1.00 62.09  ? 153 GLU A N   1 
ATOM   1111 C  CA  . GLU A 1 153 ? -17.898 -2.768  8.043   1.00 67.56  ? 153 GLU A CA  1 
ATOM   1112 C  C   . GLU A 1 153 ? -18.602 -1.526  7.480   1.00 66.00  ? 153 GLU A C   1 
ATOM   1113 O  O   . GLU A 1 153 ? -19.826 -1.462  7.483   1.00 68.60  ? 153 GLU A O   1 
ATOM   1114 C  CB  . GLU A 1 153 ? -17.746 -2.689  9.576   1.00 64.86  ? 153 GLU A CB  1 
ATOM   1115 C  CG  . GLU A 1 153 ? -17.493 -4.047  10.234  1.00 62.42  ? 153 GLU A CG  1 
ATOM   1116 C  CD  . GLU A 1 153 ? -17.639 -4.035  11.760  1.00 73.76  ? 153 GLU A CD  1 
ATOM   1117 O  OE1 . GLU A 1 153 ? -17.720 -5.137  12.357  1.00 68.63  ? 153 GLU A OE1 1 
ATOM   1118 O  OE2 . GLU A 1 153 ? -17.673 -2.934  12.359  1.00 74.17  ? 153 GLU A OE2 1 
ATOM   1119 N  N   . SER A 1 154 ? -17.825 -0.569  6.974   1.00 39.93  ? 154 SER A N   1 
ATOM   1120 C  CA  . SER A 1 154 ? -18.402 0.674   6.497   1.00 32.89  ? 154 SER A CA  1 
ATOM   1121 C  C   . SER A 1 154 ? -18.839 0.566   5.040   1.00 34.66  ? 154 SER A C   1 
ATOM   1122 O  O   . SER A 1 154 ? -19.528 1.457   4.528   1.00 32.78  ? 154 SER A O   1 
ATOM   1123 C  CB  . SER A 1 154 ? -17.412 1.830   6.612   1.00 37.66  ? 154 SER A CB  1 
ATOM   1124 O  OG  . SER A 1 154 ? -16.291 1.675   5.746   1.00 37.75  ? 154 SER A OG  1 
ATOM   1125 N  N   . HIS A 1 155 ? -18.382 -0.479  4.352   1.00 36.47  ? 155 HIS A N   1 
ATOM   1126 C  CA  . HIS A 1 155 ? -18.718 -0.693  2.950   1.00 36.92  ? 155 HIS A CA  1 
ATOM   1127 C  C   . HIS A 1 155 ? -19.664 -1.880  2.764   1.00 36.03  ? 155 HIS A C   1 
ATOM   1128 O  O   . HIS A 1 155 ? -19.708 -2.509  1.690   1.00 34.48  ? 155 HIS A O   1 
ATOM   1129 C  CB  . HIS A 1 155 ? -17.450 -0.843  2.107   1.00 39.11  ? 155 HIS A CB  1 
ATOM   1130 C  CG  . HIS A 1 155 ? -16.710 0.442   1.917   1.00 38.85  ? 155 HIS A CG  1 
ATOM   1131 N  ND1 . HIS A 1 155 ? -16.088 1.100   2.955   1.00 43.60  ? 155 HIS A ND1 1 
ATOM   1132 C  CD2 . HIS A 1 155 ? -16.518 1.205   0.815   1.00 39.75  ? 155 HIS A CD2 1 
ATOM   1133 C  CE1 . HIS A 1 155 ? -15.533 2.210   2.498   1.00 49.49  ? 155 HIS A CE1 1 
ATOM   1134 N  NE2 . HIS A 1 155 ? -15.783 2.298   1.204   1.00 44.35  ? 155 HIS A NE2 1 
ATOM   1135 N  N   . GLU A 1 156 ? -20.416 -2.176  3.823   1.00 29.80  ? 156 GLU A N   1 
ATOM   1136 C  CA  . GLU A 1 156 ? -21.516 -3.123  3.732   1.00 32.16  ? 156 GLU A CA  1 
ATOM   1137 C  C   . GLU A 1 156 ? -22.445 -2.653  2.625   1.00 31.13  ? 156 GLU A C   1 
ATOM   1138 O  O   . GLU A 1 156 ? -22.900 -1.522  2.657   1.00 31.76  ? 156 GLU A O   1 
ATOM   1139 C  CB  . GLU A 1 156 ? -22.276 -3.189  5.056   1.00 36.58  ? 156 GLU A CB  1 
ATOM   1140 C  CG  . GLU A 1 156 ? -23.655 -3.841  4.942   1.00 40.51  ? 156 GLU A CG  1 
ATOM   1141 C  CD  . GLU A 1 156 ? -23.553 -5.282  4.507   1.00 41.73  ? 156 GLU A CD  1 
ATOM   1142 O  OE1 . GLU A 1 156 ? -24.492 -5.785  3.850   1.00 34.03  ? 156 GLU A OE1 1 
ATOM   1143 O  OE2 . GLU A 1 156 ? -22.517 -5.910  4.825   1.00 40.89  ? 156 GLU A OE2 1 
ATOM   1144 N  N   . GLY A 1 157 ? -22.673 -3.507  1.630   1.00 27.10  ? 157 GLY A N   1 
ATOM   1145 C  CA  . GLY A 1 157 ? -23.502 -3.177  0.482   1.00 28.20  ? 157 GLY A CA  1 
ATOM   1146 C  C   . GLY A 1 157 ? -22.886 -2.185  -0.501  1.00 31.08  ? 157 GLY A C   1 
ATOM   1147 O  O   . GLY A 1 157 ? -23.534 -1.808  -1.482  1.00 29.81  ? 157 GLY A O   1 
ATOM   1148 N  N   . LYS A 1 158 ? -21.642 -1.777  -0.249  1.00 37.94  ? 158 LYS A N   1 
ATOM   1149 C  CA  . LYS A 1 158 ? -20.927 -0.811  -1.100  1.00 40.84  ? 158 LYS A CA  1 
ATOM   1150 C  C   . LYS A 1 158 ? -19.609 -1.361  -1.651  1.00 39.09  ? 158 LYS A C   1 
ATOM   1151 O  O   . LYS A 1 158 ? -18.773 -1.837  -0.889  1.00 36.33  ? 158 LYS A O   1 
ATOM   1152 C  CB  . LYS A 1 158 ? -20.598 0.463   -0.314  1.00 40.30  ? 158 LYS A CB  1 
ATOM   1153 C  CG  . LYS A 1 158 ? -21.773 1.143   0.343   1.00 39.13  ? 158 LYS A CG  1 
ATOM   1154 C  CD  . LYS A 1 158 ? -21.298 2.244   1.279   1.00 42.94  ? 158 LYS A CD  1 
ATOM   1155 C  CE  . LYS A 1 158 ? -20.539 3.312   0.509   1.00 45.87  ? 158 LYS A CE  1 
ATOM   1156 N  NZ  . LYS A 1 158 ? -20.193 4.485   1.357   1.00 46.01  ? 158 LYS A NZ  1 
ATOM   1157 N  N   . PRO A 1 159 ? -19.406 -1.265  -2.977  1.00 40.81  ? 159 PRO A N   1 
ATOM   1158 C  CA  . PRO A 1 159 ? -18.135 -1.670  -3.597  1.00 40.66  ? 159 PRO A CA  1 
ATOM   1159 C  C   . PRO A 1 159 ? -16.934 -0.987  -2.943  1.00 42.35  ? 159 PRO A C   1 
ATOM   1160 O  O   . PRO A 1 159 ? -17.016 0.192   -2.592  1.00 45.07  ? 159 PRO A O   1 
ATOM   1161 C  CB  . PRO A 1 159 ? -18.286 -1.210  -5.053  1.00 43.16  ? 159 PRO A CB  1 
ATOM   1162 C  CG  . PRO A 1 159 ? -19.455 -0.252  -5.051  1.00 47.82  ? 159 PRO A CG  1 
ATOM   1163 C  CD  . PRO A 1 159 ? -20.352 -0.711  -3.958  1.00 34.77  ? 159 PRO A CD  1 
ATOM   1164 N  N   . LEU A 1 160 ? -15.846 -1.737  -2.767  1.00 39.90  ? 160 LEU A N   1 
ATOM   1165 C  CA  . LEU A 1 160 ? -14.646 -1.239  -2.106  1.00 36.29  ? 160 LEU A CA  1 
ATOM   1166 C  C   . LEU A 1 160 ? -13.345 -1.685  -2.805  1.00 36.86  ? 160 LEU A C   1 
ATOM   1167 O  O   . LEU A 1 160 ? -13.129 -2.877  -3.045  1.00 35.75  ? 160 LEU A O   1 
ATOM   1168 C  CB  . LEU A 1 160 ? -14.624 -1.692  -0.645  1.00 35.80  ? 160 LEU A CB  1 
ATOM   1169 C  CG  . LEU A 1 160 ? -13.307 -1.359  0.058   1.00 36.22  ? 160 LEU A CG  1 
ATOM   1170 C  CD1 . LEU A 1 160 ? -13.133 0.146   0.173   1.00 41.35  ? 160 LEU A CD1 1 
ATOM   1171 C  CD2 . LEU A 1 160 ? -13.215 -2.025  1.414   1.00 36.20  ? 160 LEU A CD2 1 
ATOM   1172 N  N   . LYS A 1 161 ? -12.482 -0.718  -3.109  1.00 43.16  ? 161 LYS A N   1 
ATOM   1173 C  CA  . LYS A 1 161 ? -11.253 -0.971  -3.854  1.00 44.79  ? 161 LYS A CA  1 
ATOM   1174 C  C   . LYS A 1 161 ? -10.092 -1.289  -2.927  1.00 44.52  ? 161 LYS A C   1 
ATOM   1175 O  O   . LYS A 1 161 ? -9.716  -0.476  -2.078  1.00 52.15  ? 161 LYS A O   1 
ATOM   1176 C  CB  . LYS A 1 161 ? -10.877 0.240   -4.712  1.00 51.68  ? 161 LYS A CB  1 
ATOM   1177 C  CG  . LYS A 1 161 ? -11.935 0.682   -5.705  1.00 55.24  ? 161 LYS A CG  1 
ATOM   1178 C  CD  . LYS A 1 161 ? -11.494 1.963   -6.406  1.00 63.57  ? 161 LYS A CD  1 
ATOM   1179 C  CE  . LYS A 1 161 ? -12.689 2.831   -6.790  1.00 77.04  ? 161 LYS A CE  1 
ATOM   1180 N  NZ  . LYS A 1 161 ? -12.280 4.211   -7.185  1.00 71.03  ? 161 LYS A NZ  1 
ATOM   1181 N  N   . LEU A 1 162 ? -9.517  -2.470  -3.107  1.00 31.52  ? 162 LEU A N   1 
ATOM   1182 C  CA  . LEU A 1 162 ? -8.391  -2.905  -2.292  1.00 31.92  ? 162 LEU A CA  1 
ATOM   1183 C  C   . LEU A 1 162 ? -7.097  -2.990  -3.105  1.00 25.97  ? 162 LEU A C   1 
ATOM   1184 O  O   . LEU A 1 162 ? -7.111  -3.307  -4.289  1.00 30.98  ? 162 LEU A O   1 
ATOM   1185 C  CB  . LEU A 1 162 ? -8.699  -4.265  -1.683  1.00 29.40  ? 162 LEU A CB  1 
ATOM   1186 C  CG  . LEU A 1 162 ? -9.985  -4.388  -0.876  1.00 30.62  ? 162 LEU A CG  1 
ATOM   1187 C  CD1 . LEU A 1 162 ? -10.193 -5.838  -0.467  1.00 27.25  ? 162 LEU A CD1 1 
ATOM   1188 C  CD2 . LEU A 1 162 ? -9.917  -3.500  0.332   1.00 28.31  ? 162 LEU A CD2 1 
ATOM   1189 N  N   . MET A 1 163 ? -5.978  -2.699  -2.466  1.00 30.84  ? 163 MET A N   1 
ATOM   1190 C  CA  . MET A 1 163 ? -4.685  -2.978  -3.073  1.00 29.94  ? 163 MET A CA  1 
ATOM   1191 C  C   . MET A 1 163 ? -4.278  -4.347  -2.563  1.00 23.21  ? 163 MET A C   1 
ATOM   1192 O  O   . MET A 1 163 ? -4.221  -4.559  -1.361  1.00 22.02  ? 163 MET A O   1 
ATOM   1193 C  CB  . MET A 1 163 ? -3.646  -1.939  -2.646  1.00 27.24  ? 163 MET A CB  1 
ATOM   1194 C  CG  . MET A 1 163 ? -2.396  -1.926  -3.522  1.00 34.53  ? 163 MET A CG  1 
ATOM   1195 S  SD  . MET A 1 163 ? -1.078  -0.842  -2.918  1.00 56.34  ? 163 MET A SD  1 
ATOM   1196 C  CE  . MET A 1 163 ? -2.008  0.407   -2.004  1.00 32.58  ? 163 MET A CE  1 
ATOM   1197 N  N   . VAL A 1 164 ? -4.004  -5.280  -3.465  1.00 26.81  ? 164 VAL A N   1 
ATOM   1198 C  CA  . VAL A 1 164 ? -3.687  -6.645  -3.058  1.00 22.90  ? 164 VAL A CA  1 
ATOM   1199 C  C   . VAL A 1 164 ? -2.329  -7.121  -3.596  1.00 27.23  ? 164 VAL A C   1 
ATOM   1200 O  O   . VAL A 1 164 ? -2.003  -6.915  -4.761  1.00 31.09  ? 164 VAL A O   1 
ATOM   1201 C  CB  . VAL A 1 164 ? -4.804  -7.615  -3.490  1.00 24.47  ? 164 VAL A CB  1 
ATOM   1202 C  CG1 . VAL A 1 164 ? -4.454  -9.040  -3.108  1.00 22.88  ? 164 VAL A CG1 1 
ATOM   1203 C  CG2 . VAL A 1 164 ? -6.122  -7.198  -2.870  1.00 23.26  ? 164 VAL A CG2 1 
ATOM   1204 N  N   . TYR A 1 165 ? -1.536  -7.741  -2.733  1.00 17.42  ? 165 TYR A N   1 
ATOM   1205 C  CA  . TYR A 1 165 ? -0.287  -8.354  -3.140  1.00 21.49  ? 165 TYR A CA  1 
ATOM   1206 C  C   . TYR A 1 165 ? -0.485  -9.848  -3.231  1.00 18.92  ? 165 TYR A C   1 
ATOM   1207 O  O   . TYR A 1 165 ? -1.167  -10.453 -2.399  1.00 21.30  ? 165 TYR A O   1 
ATOM   1208 C  CB  . TYR A 1 165 ? 0.855   -8.023  -2.148  1.00 18.16  ? 165 TYR A CB  1 
ATOM   1209 C  CG  . TYR A 1 165 ? 2.108   -8.847  -2.387  1.00 23.61  ? 165 TYR A CG  1 
ATOM   1210 C  CD1 . TYR A 1 165 ? 3.072   -8.426  -3.288  1.00 22.88  ? 165 TYR A CD1 1 
ATOM   1211 C  CD2 . TYR A 1 165 ? 2.312   -10.061 -1.724  1.00 22.36  ? 165 TYR A CD2 1 
ATOM   1212 C  CE1 . TYR A 1 165 ? 4.207   -9.178  -3.528  1.00 22.89  ? 165 TYR A CE1 1 
ATOM   1213 C  CE2 . TYR A 1 165 ? 3.446   -10.825 -1.964  1.00 24.61  ? 165 TYR A CE2 1 
ATOM   1214 C  CZ  . TYR A 1 165 ? 4.389   -10.376 -2.869  1.00 24.18  ? 165 TYR A CZ  1 
ATOM   1215 O  OH  . TYR A 1 165 ? 5.519   -11.115 -3.113  1.00 21.68  ? 165 TYR A OH  1 
ATOM   1216 N  N   . ASN A 1 166 ? 0.106   -10.456 -4.246  1.00 19.65  ? 166 ASN A N   1 
ATOM   1217 C  CA  . ASN A 1 166 ? 0.018   -11.898 -4.408  1.00 20.30  ? 166 ASN A CA  1 
ATOM   1218 C  C   . ASN A 1 166 ? 1.407   -12.512 -4.390  1.00 21.06  ? 166 ASN A C   1 
ATOM   1219 O  O   . ASN A 1 166 ? 2.310   -12.039 -5.085  1.00 19.47  ? 166 ASN A O   1 
ATOM   1220 C  CB  . ASN A 1 166 ? -0.703  -12.249 -5.702  1.00 16.39  ? 166 ASN A CB  1 
ATOM   1221 C  CG  . ASN A 1 166 ? -1.000  -13.724 -5.817  1.00 18.86  ? 166 ASN A CG  1 
ATOM   1222 O  OD1 . ASN A 1 166 ? -0.207  -14.484 -6.364  1.00 19.88  ? 166 ASN A OD1 1 
ATOM   1223 N  ND2 . ASN A 1 166 ? -2.144  -14.142 -5.295  1.00 16.23  ? 166 ASN A ND2 1 
ATOM   1224 N  N   . SER A 1 167 ? 1.575   -13.564 -3.597  1.00 26.42  ? 167 SER A N   1 
ATOM   1225 C  CA  . SER A 1 167 ? 2.901   -14.142 -3.383  1.00 28.99  ? 167 SER A CA  1 
ATOM   1226 C  C   . SER A 1 167 ? 3.397   -14.932 -4.589  1.00 28.30  ? 167 SER A C   1 
ATOM   1227 O  O   . SER A 1 167 ? 4.607   -15.076 -4.781  1.00 28.84  ? 167 SER A O   1 
ATOM   1228 C  CB  . SER A 1 167 ? 2.926   -15.005 -2.123  1.00 25.23  ? 167 SER A CB  1 
ATOM   1229 O  OG  . SER A 1 167 ? 1.960   -16.035 -2.198  1.00 26.87  ? 167 SER A OG  1 
ATOM   1230 N  N   . GLU A 1 168 ? 2.462   -15.419 -5.399  1.00 32.43  ? 168 GLU A N   1 
ATOM   1231 C  CA  . GLU A 1 168 ? 2.779   -16.150 -6.630  1.00 36.14  ? 168 GLU A CA  1 
ATOM   1232 C  C   . GLU A 1 168 ? 3.344   -15.254 -7.732  1.00 34.59  ? 168 GLU A C   1 
ATOM   1233 O  O   . GLU A 1 168 ? 4.421   -15.512 -8.262  1.00 37.17  ? 168 GLU A O   1 
ATOM   1234 C  CB  . GLU A 1 168 ? 1.538   -16.877 -7.166  1.00 34.38  ? 168 GLU A CB  1 
ATOM   1235 C  CG  . GLU A 1 168 ? 1.201   -18.164 -6.442  1.00 37.86  ? 168 GLU A CG  1 
ATOM   1236 C  CD  . GLU A 1 168 ? 2.222   -19.258 -6.716  1.00 48.66  ? 168 GLU A CD  1 
ATOM   1237 O  OE1 . GLU A 1 168 ? 2.956   -19.637 -5.778  1.00 42.47  ? 168 GLU A OE1 1 
ATOM   1238 O  OE2 . GLU A 1 168 ? 2.290   -19.728 -7.877  1.00 52.83  ? 168 GLU A OE2 1 
ATOM   1239 N  N   . SER A 1 169 ? 2.597   -14.220 -8.099  1.00 25.15  ? 169 SER A N   1 
ATOM   1240 C  CA  . SER A 1 169 ? 3.053   -13.300 -9.133  1.00 24.62  ? 169 SER A CA  1 
ATOM   1241 C  C   . SER A 1 169 ? 4.079   -12.336 -8.546  1.00 25.17  ? 169 SER A C   1 
ATOM   1242 O  O   . SER A 1 169 ? 4.794   -11.667 -9.284  1.00 26.92  ? 169 SER A O   1 
ATOM   1243 C  CB  . SER A 1 169 ? 1.884   -12.507 -9.701  1.00 24.86  ? 169 SER A CB  1 
ATOM   1244 O  OG  . SER A 1 169 ? 1.116   -11.908 -8.660  1.00 23.70  ? 169 SER A OG  1 
ATOM   1245 N  N   . ASP A 1 170 ? 4.135   -12.269 -7.218  1.00 25.86  ? 170 ASP A N   1 
ATOM   1246 C  CA  . ASP A 1 170 ? 4.980   -11.298 -6.521  1.00 25.46  ? 170 ASP A CA  1 
ATOM   1247 C  C   . ASP A 1 170 ? 4.717   -9.890  -7.050  1.00 25.45  ? 170 ASP A C   1 
ATOM   1248 O  O   . ASP A 1 170 ? 5.642   -9.117  -7.292  1.00 26.74  ? 170 ASP A O   1 
ATOM   1249 C  CB  . ASP A 1 170 ? 6.470   -11.674 -6.651  1.00 28.53  ? 170 ASP A CB  1 
ATOM   1250 C  CG  . ASP A 1 170 ? 7.382   -10.801 -5.785  1.00 29.47  ? 170 ASP A CG  1 
ATOM   1251 O  OD1 . ASP A 1 170 ? 6.961   -10.371 -4.685  1.00 31.75  ? 170 ASP A OD1 1 
ATOM   1252 O  OD2 . ASP A 1 170 ? 8.515   -10.541 -6.214  1.00 27.86  ? 170 ASP A OD2 1 
ATOM   1253 N  N   . SER A 1 171 ? 3.444   -9.573  -7.269  1.00 26.71  ? 171 SER A N   1 
ATOM   1254 C  CA  . SER A 1 171 ? 3.042   -8.218  -7.647  1.00 25.75  ? 171 SER A CA  1 
ATOM   1255 C  C   . SER A 1 171 ? 1.621   -7.886  -7.210  1.00 23.96  ? 171 SER A C   1 
ATOM   1256 O  O   . SER A 1 171 ? 0.853   -8.756  -6.789  1.00 24.19  ? 171 SER A O   1 
ATOM   1257 C  CB  . SER A 1 171 ? 3.203   -7.952  -9.155  1.00 29.71  ? 171 SER A CB  1 
ATOM   1258 O  OG  . SER A 1 171 ? 2.820   -9.076  -9.921  1.00 38.22  ? 171 SER A OG  1 
ATOM   1259 N  N   . CYS A 1 172 ? 1.302   -6.605  -7.323  1.00 18.27  ? 172 CYS A N   1 
ATOM   1260 C  CA  . CYS A 1 172 ? 0.080   -6.040  -6.807  1.00 23.42  ? 172 CYS A CA  1 
ATOM   1261 C  C   . CYS A 1 172 ? -0.957  -5.802  -7.893  1.00 30.61  ? 172 CYS A C   1 
ATOM   1262 O  O   . CYS A 1 172 ? -0.629  -5.682  -9.084  1.00 28.98  ? 172 CYS A O   1 
ATOM   1263 C  CB  . CYS A 1 172 ? 0.392   -4.724  -6.098  1.00 22.85  ? 172 CYS A CB  1 
ATOM   1264 S  SG  . CYS A 1 172 ? 1.294   -4.954  -4.551  1.00 31.11  ? 172 CYS A SG  1 
ATOM   1265 N  N   . ARG A 1 173 ? -2.209  -5.716  -7.458  1.00 23.36  ? 173 ARG A N   1 
ATOM   1266 C  CA  . ARG A 1 173 ? -3.325  -5.436  -8.336  1.00 24.03  ? 173 ARG A CA  1 
ATOM   1267 C  C   . ARG A 1 173 ? -4.451  -4.819  -7.502  1.00 23.52  ? 173 ARG A C   1 
ATOM   1268 O  O   . ARG A 1 173 ? -4.448  -4.920  -6.272  1.00 20.44  ? 173 ARG A O   1 
ATOM   1269 C  CB  . ARG A 1 173 ? -3.797  -6.718  -9.026  1.00 25.82  ? 173 ARG A CB  1 
ATOM   1270 C  CG  . ARG A 1 173 ? -4.904  -7.460  -8.280  1.00 25.11  ? 173 ARG A CG  1 
ATOM   1271 C  CD  . ARG A 1 173 ? -5.158  -8.831  -8.883  1.00 25.86  ? 173 ARG A CD  1 
ATOM   1272 N  NE  . ARG A 1 173 ? -5.314  -9.827  -7.831  1.00 26.55  ? 173 ARG A NE  1 
ATOM   1273 C  CZ  . ARG A 1 173 ? -6.443  -10.456 -7.534  1.00 29.26  ? 173 ARG A CZ  1 
ATOM   1274 N  NH1 . ARG A 1 173 ? -7.547  -10.227 -8.248  1.00 38.73  ? 173 ARG A NH1 1 
ATOM   1275 N  NH2 . ARG A 1 173 ? -6.453  -11.339 -6.533  1.00 16.62  ? 173 ARG A NH2 1 
ATOM   1276 N  N   . GLU A 1 174 ? -5.390  -4.167  -8.175  1.00 30.03  ? 174 GLU A N   1 
ATOM   1277 C  CA  . GLU A 1 174 ? -6.553  -3.577  -7.517  1.00 33.86  ? 174 GLU A CA  1 
ATOM   1278 C  C   . GLU A 1 174 ? -7.731  -4.535  -7.570  1.00 31.04  ? 174 GLU A C   1 
ATOM   1279 O  O   . GLU A 1 174 ? -8.112  -5.015  -8.636  1.00 33.42  ? 174 GLU A O   1 
ATOM   1280 C  CB  . GLU A 1 174 ? -6.951  -2.253  -8.175  1.00 38.03  ? 174 GLU A CB  1 
ATOM   1281 C  CG  . GLU A 1 174 ? -7.932  -1.401  -7.347  1.00 43.02  ? 174 GLU A CG  1 
ATOM   1282 C  CD  . GLU A 1 174 ? -8.586  -0.293  -8.156  1.00 51.07  ? 174 GLU A CD  1 
ATOM   1283 O  OE1 . GLU A 1 174 ? -9.673  -0.533  -8.732  1.00 53.49  ? 174 GLU A OE1 1 
ATOM   1284 O  OE2 . GLU A 1 174 ? -8.014  0.818   -8.218  1.00 55.77  ? 174 GLU A OE2 1 
ATOM   1285 N  N   . VAL A 1 175 ? -8.303  -4.816  -6.409  1.00 25.44  ? 175 VAL A N   1 
ATOM   1286 C  CA  . VAL A 1 175 ? -9.438  -5.719  -6.326  1.00 29.05  ? 175 VAL A CA  1 
ATOM   1287 C  C   . VAL A 1 175 ? -10.669 -4.937  -5.861  1.00 23.23  ? 175 VAL A C   1 
ATOM   1288 O  O   . VAL A 1 175 ? -10.588 -4.149  -4.926  1.00 25.76  ? 175 VAL A O   1 
ATOM   1289 C  CB  . VAL A 1 175 ? -9.143  -6.878  -5.350  1.00 25.56  ? 175 VAL A CB  1 
ATOM   1290 C  CG1 . VAL A 1 175 ? -10.383 -7.749  -5.164  1.00 24.93  ? 175 VAL A CG1 1 
ATOM   1291 C  CG2 . VAL A 1 175 ? -7.973  -7.715  -5.861  1.00 25.06  ? 175 VAL A CG2 1 
ATOM   1292 N  N   . THR A 1 176 ? -11.797 -5.113  -6.531  1.00 32.32  ? 176 THR A N   1 
ATOM   1293 C  CA  . THR A 1 176 ? -13.030 -4.477  -6.062  1.00 35.63  ? 176 THR A CA  1 
ATOM   1294 C  C   . THR A 1 176 ? -13.987 -5.542  -5.526  1.00 33.29  ? 176 THR A C   1 
ATOM   1295 O  O   . THR A 1 176 ? -14.238 -6.579  -6.167  1.00 30.03  ? 176 THR A O   1 
ATOM   1296 C  CB  . THR A 1 176 ? -13.690 -3.555  -7.129  1.00 38.55  ? 176 THR A CB  1 
ATOM   1297 O  OG1 . THR A 1 176 ? -12.808 -2.463  -7.426  1.00 44.73  ? 176 THR A OG1 1 
ATOM   1298 C  CG2 . THR A 1 176 ? -14.994 -2.968  -6.607  1.00 32.94  ? 176 THR A CG2 1 
ATOM   1299 N  N   . VAL A 1 177 ? -14.480 -5.291  -4.319  1.00 32.21  ? 177 VAL A N   1 
ATOM   1300 C  CA  . VAL A 1 177 ? -15.278 -6.263  -3.590  1.00 25.95  ? 177 VAL A CA  1 
ATOM   1301 C  C   . VAL A 1 177 ? -16.474 -5.552  -2.967  1.00 31.05  ? 177 VAL A C   1 
ATOM   1302 O  O   . VAL A 1 177 ? -16.362 -4.427  -2.459  1.00 30.20  ? 177 VAL A O   1 
ATOM   1303 C  CB  . VAL A 1 177 ? -14.422 -6.947  -2.497  1.00 24.60  ? 177 VAL A CB  1 
ATOM   1304 C  CG1 . VAL A 1 177 ? -13.737 -5.910  -1.641  1.00 28.80  ? 177 VAL A CG1 1 
ATOM   1305 C  CG2 . VAL A 1 177 ? -15.257 -7.908  -1.641  1.00 27.43  ? 177 VAL A CG2 1 
ATOM   1306 N  N   . THR A 1 178 ? -17.626 -6.208  -3.020  1.00 26.91  ? 178 THR A N   1 
ATOM   1307 C  CA  . THR A 1 178 ? -18.834 -5.679  -2.409  1.00 27.10  ? 178 THR A CA  1 
ATOM   1308 C  C   . THR A 1 178 ? -19.215 -6.543  -1.217  1.00 23.61  ? 178 THR A C   1 
ATOM   1309 O  O   . THR A 1 178 ? -19.765 -7.632  -1.385  1.00 21.95  ? 178 THR A O   1 
ATOM   1310 C  CB  . THR A 1 178 ? -19.972 -5.657  -3.428  1.00 28.50  ? 178 THR A CB  1 
ATOM   1311 O  OG1 . THR A 1 178 ? -19.548 -4.900  -4.574  1.00 32.44  ? 178 THR A OG1 1 
ATOM   1312 C  CG2 . THR A 1 178 ? -21.231 -5.043  -2.827  1.00 22.58  ? 178 THR A CG2 1 
ATOM   1313 N  N   . PRO A 1 179 ? -18.870 -6.085  -0.004  1.00 22.67  ? 179 PRO A N   1 
ATOM   1314 C  CA  . PRO A 1 179 ? -19.249 -6.828  1.205   1.00 22.77  ? 179 PRO A CA  1 
ATOM   1315 C  C   . PRO A 1 179 ? -20.771 -6.958  1.282   1.00 24.29  ? 179 PRO A C   1 
ATOM   1316 O  O   . PRO A 1 179 ? -21.476 -5.975  1.043   1.00 20.44  ? 179 PRO A O   1 
ATOM   1317 C  CB  . PRO A 1 179 ? -18.748 -5.933  2.341   1.00 21.26  ? 179 PRO A CB  1 
ATOM   1318 C  CG  . PRO A 1 179 ? -17.669 -5.079  1.719   1.00 21.56  ? 179 PRO A CG  1 
ATOM   1319 C  CD  . PRO A 1 179 ? -18.114 -4.856  0.302   1.00 21.11  ? 179 PRO A CD  1 
ATOM   1320 N  N   . ASN A 1 180 ? -21.260 -8.154  1.600   1.00 24.22  ? 180 ASN A N   1 
ATOM   1321 C  CA  . ASN A 1 180 ? -22.691 -8.406  1.652   1.00 23.02  ? 180 ASN A CA  1 
ATOM   1322 C  C   . ASN A 1 180 ? -22.992 -9.272  2.860   1.00 24.16  ? 180 ASN A C   1 
ATOM   1323 O  O   . ASN A 1 180 ? -22.852 -10.486 2.794   1.00 26.33  ? 180 ASN A O   1 
ATOM   1324 C  CB  . ASN A 1 180 ? -23.162 -9.085  0.354   1.00 22.29  ? 180 ASN A CB  1 
ATOM   1325 C  CG  . ASN A 1 180 ? -24.634 -9.542  0.399   1.00 25.09  ? 180 ASN A CG  1 
ATOM   1326 O  OD1 . ASN A 1 180 ? -25.410 -9.164  1.286   1.00 24.66  ? 180 ASN A OD1 1 
ATOM   1327 N  ND2 . ASN A 1 180 ? -25.014 -10.356 -0.576  1.00 24.39  ? 180 ASN A ND2 1 
ATOM   1328 N  N   . ALA A 1 181 ? -23.401 -8.635  3.956   1.00 17.82  ? 181 ALA A N   1 
ATOM   1329 C  CA  . ALA A 1 181 ? -23.761 -9.327  5.200   1.00 23.35  ? 181 ALA A CA  1 
ATOM   1330 C  C   . ALA A 1 181 ? -24.897 -10.343 5.033   1.00 24.75  ? 181 ALA A C   1 
ATOM   1331 O  O   . ALA A 1 181 ? -25.103 -11.200 5.886   1.00 28.62  ? 181 ALA A O   1 
ATOM   1332 C  CB  . ALA A 1 181 ? -24.115 -8.313  6.295   1.00 20.22  ? 181 ALA A CB  1 
ATOM   1333 N  N   . ALA A 1 182 ? -25.617 -10.261 3.923   1.00 28.54  ? 182 ALA A N   1 
ATOM   1334 C  CA  . ALA A 1 182 ? -26.761 -11.131 3.691   1.00 26.67  ? 182 ALA A CA  1 
ATOM   1335 C  C   . ALA A 1 182 ? -26.462 -12.171 2.620   1.00 26.15  ? 182 ALA A C   1 
ATOM   1336 O  O   . ALA A 1 182 ? -27.370 -12.694 1.974   1.00 23.61  ? 182 ALA A O   1 
ATOM   1337 C  CB  . ALA A 1 182 ? -27.956 -10.294 3.290   1.00 25.94  ? 182 ALA A CB  1 
ATOM   1338 N  N   . TRP A 1 183 ? -25.185 -12.470 2.417   1.00 22.84  ? 183 TRP A N   1 
ATOM   1339 C  CA  . TRP A 1 183 ? -24.815 -13.296 1.276   1.00 24.15  ? 183 TRP A CA  1 
ATOM   1340 C  C   . TRP A 1 183 ? -25.166 -14.769 1.454   1.00 25.40  ? 183 TRP A C   1 
ATOM   1341 O  O   . TRP A 1 183 ? -25.222 -15.511 0.475   1.00 28.76  ? 183 TRP A O   1 
ATOM   1342 C  CB  . TRP A 1 183 ? -23.338 -13.106 0.901   1.00 23.14  ? 183 TRP A CB  1 
ATOM   1343 C  CG  . TRP A 1 183 ? -22.383 -13.765 1.831   1.00 26.89  ? 183 TRP A CG  1 
ATOM   1344 C  CD1 . TRP A 1 183 ? -21.897 -13.264 3.012   1.00 26.40  ? 183 TRP A CD1 1 
ATOM   1345 C  CD2 . TRP A 1 183 ? -21.788 -15.052 1.666   1.00 24.85  ? 183 TRP A CD2 1 
ATOM   1346 N  NE1 . TRP A 1 183 ? -21.039 -14.170 3.588   1.00 26.48  ? 183 TRP A NE1 1 
ATOM   1347 C  CE2 . TRP A 1 183 ? -20.947 -15.270 2.773   1.00 28.20  ? 183 TRP A CE2 1 
ATOM   1348 C  CE3 . TRP A 1 183 ? -21.887 -16.047 0.688   1.00 29.40  ? 183 TRP A CE3 1 
ATOM   1349 C  CZ2 . TRP A 1 183 ? -20.207 -16.451 2.927   1.00 29.00  ? 183 TRP A CZ2 1 
ATOM   1350 C  CZ3 . TRP A 1 183 ? -21.148 -17.216 0.848   1.00 26.26  ? 183 TRP A CZ3 1 
ATOM   1351 C  CH2 . TRP A 1 183 ? -20.325 -17.405 1.954   1.00 22.24  ? 183 TRP A CH2 1 
ATOM   1352 N  N   . GLY A 1 184 ? -25.416 -15.189 2.691   1.00 31.59  ? 184 GLY A N   1 
ATOM   1353 C  CA  . GLY A 1 184 ? -25.791 -16.569 2.959   1.00 35.42  ? 184 GLY A CA  1 
ATOM   1354 C  C   . GLY A 1 184 ? -24.848 -17.308 3.903   1.00 38.34  ? 184 GLY A C   1 
ATOM   1355 O  O   . GLY A 1 184 ? -25.216 -18.311 4.508   1.00 35.94  ? 184 GLY A O   1 
ATOM   1356 N  N   . GLY A 1 185 ? -23.618 -16.817 4.023   1.00 36.48  ? 185 GLY A N   1 
ATOM   1357 C  CA  . GLY A 1 185 ? -22.704 -17.327 5.028   1.00 42.03  ? 185 GLY A CA  1 
ATOM   1358 C  C   . GLY A 1 185 ? -22.682 -16.384 6.214   1.00 43.11  ? 185 GLY A C   1 
ATOM   1359 O  O   . GLY A 1 185 ? -23.587 -15.558 6.386   1.00 42.73  ? 185 GLY A O   1 
ATOM   1360 N  N   . GLU A 1 186 ? -21.654 -16.509 7.045   1.00 50.00  ? 186 GLU A N   1 
ATOM   1361 C  CA  . GLU A 1 186 ? -21.412 -15.525 8.087   1.00 49.27  ? 186 GLU A CA  1 
ATOM   1362 C  C   . GLU A 1 186 ? -20.355 -14.545 7.566   1.00 45.22  ? 186 GLU A C   1 
ATOM   1363 O  O   . GLU A 1 186 ? -19.685 -14.805 6.561   1.00 46.53  ? 186 GLU A O   1 
ATOM   1364 C  CB  . GLU A 1 186 ? -21.001 -16.207 9.404   1.00 51.07  ? 186 GLU A CB  1 
ATOM   1365 C  CG  . GLU A 1 186 ? -20.797 -15.277 10.618  1.00 51.54  ? 186 GLU A CG  1 
ATOM   1366 C  CD  . GLU A 1 186 ? -21.948 -14.311 10.880  1.00 57.12  ? 186 GLU A CD  1 
ATOM   1367 O  OE1 . GLU A 1 186 ? -21.815 -13.119 10.520  1.00 53.11  ? 186 GLU A OE1 1 
ATOM   1368 O  OE2 . GLU A 1 186 ? -22.972 -14.741 11.462  1.00 58.81  ? 186 GLU A OE2 1 
ATOM   1369 N  N   . GLY A 1 187 ? -20.230 -13.409 8.235   1.00 35.98  ? 187 GLY A N   1 
ATOM   1370 C  CA  . GLY A 1 187 ? -19.361 -12.349 7.775   1.00 35.37  ? 187 GLY A CA  1 
ATOM   1371 C  C   . GLY A 1 187 ? -20.005 -11.654 6.595   1.00 30.07  ? 187 GLY A C   1 
ATOM   1372 O  O   . GLY A 1 187 ? -21.077 -12.041 6.140   1.00 26.53  ? 187 GLY A O   1 
ATOM   1373 N  N   . SER A 1 188 ? -19.365 -10.606 6.107   1.00 28.71  ? 188 SER A N   1 
ATOM   1374 C  CA  . SER A 1 188 ? -19.876 -9.922  4.937   1.00 26.19  ? 188 SER A CA  1 
ATOM   1375 C  C   . SER A 1 188 ? -18.909 -10.154 3.791   1.00 27.44  ? 188 SER A C   1 
ATOM   1376 O  O   . SER A 1 188 ? -19.213 -9.857  2.629   1.00 26.70  ? 188 SER A O   1 
ATOM   1377 C  CB  . SER A 1 188 ? -20.075 -8.440  5.224   1.00 25.05  ? 188 SER A CB  1 
ATOM   1378 O  OG  . SER A 1 188 ? -18.844 -7.789  5.418   1.00 29.23  ? 188 SER A OG  1 
ATOM   1379 N  N   . LEU A 1 189 ? -17.754 -10.725 4.125   1.00 23.74  ? 189 LEU A N   1 
ATOM   1380 C  CA  . LEU A 1 189 ? -16.721 -11.013 3.129   1.00 27.83  ? 189 LEU A CA  1 
ATOM   1381 C  C   . LEU A 1 189 ? -16.724 -12.493 2.706   1.00 27.53  ? 189 LEU A C   1 
ATOM   1382 O  O   . LEU A 1 189 ? -16.596 -12.827 1.521   1.00 23.09  ? 189 LEU A O   1 
ATOM   1383 C  CB  . LEU A 1 189 ? -15.354 -10.603 3.679   1.00 27.85  ? 189 LEU A CB  1 
ATOM   1384 C  CG  . LEU A 1 189 ? -14.231 -10.423 2.669   1.00 38.36  ? 189 LEU A CG  1 
ATOM   1385 C  CD1 . LEU A 1 189 ? -14.602 -9.349  1.642   1.00 37.81  ? 189 LEU A CD1 1 
ATOM   1386 C  CD2 . LEU A 1 189 ? -12.947 -10.061 3.390   1.00 34.08  ? 189 LEU A CD2 1 
ATOM   1387 N  N   . GLY A 1 190 ? -16.876 -13.381 3.681   1.00 25.36  ? 190 GLY A N   1 
ATOM   1388 C  CA  . GLY A 1 190 ? -16.930 -14.802 3.398   1.00 23.72  ? 190 GLY A CA  1 
ATOM   1389 C  C   . GLY A 1 190 ? -15.569 -15.437 3.148   1.00 24.24  ? 190 GLY A C   1 
ATOM   1390 O  O   . GLY A 1 190 ? -15.479 -16.475 2.488   1.00 23.09  ? 190 GLY A O   1 
ATOM   1391 N  N   . CYS A 1 191 ? -14.507 -14.807 3.647   1.00 26.53  ? 191 CYS A N   1 
ATOM   1392 C  CA  . CYS A 1 191 ? -13.197 -15.450 3.669   1.00 22.65  ? 191 CYS A CA  1 
ATOM   1393 C  C   . CYS A 1 191 ? -12.498 -15.274 5.023   1.00 22.43  ? 191 CYS A C   1 
ATOM   1394 O  O   . CYS A 1 191 ? -12.826 -14.375 5.788   1.00 23.01  ? 191 CYS A O   1 
ATOM   1395 C  CB  . CYS A 1 191 ? -12.304 -14.913 2.558   1.00 23.65  ? 191 CYS A CB  1 
ATOM   1396 S  SG  . CYS A 1 191 ? -11.686 -13.243 2.860   1.00 23.43  ? 191 CYS A SG  1 
ATOM   1397 N  N   . GLY A 1 192 ? -11.544 -16.146 5.316   1.00 16.52  ? 192 GLY A N   1 
ATOM   1398 C  CA  . GLY A 1 192 ? -10.708 -15.958 6.478   1.00 18.32  ? 192 GLY A CA  1 
ATOM   1399 C  C   . GLY A 1 192 ? -9.712  -14.844 6.201   1.00 19.06  ? 192 GLY A C   1 
ATOM   1400 O  O   . GLY A 1 192 ? -9.377  -14.574 5.040   1.00 19.25  ? 192 GLY A O   1 
ATOM   1401 N  N   . ILE A 1 193 ? -9.241  -14.200 7.263   1.00 17.52  ? 193 ILE A N   1 
ATOM   1402 C  CA  . ILE A 1 193 ? -8.196  -13.187 7.173   1.00 18.43  ? 193 ILE A CA  1 
ATOM   1403 C  C   . ILE A 1 193 ? -7.168  -13.481 8.254   1.00 19.45  ? 193 ILE A C   1 
ATOM   1404 O  O   . ILE A 1 193 ? -7.531  -13.605 9.407   1.00 20.63  ? 193 ILE A O   1 
ATOM   1405 C  CB  . ILE A 1 193 ? -8.754  -11.764 7.426   1.00 20.30  ? 193 ILE A CB  1 
ATOM   1406 C  CG1 . ILE A 1 193 ? -9.666  -11.307 6.275   1.00 18.73  ? 193 ILE A CG1 1 
ATOM   1407 C  CG2 . ILE A 1 193 ? -7.624  -10.774 7.667   1.00 22.69  ? 193 ILE A CG2 1 
ATOM   1408 C  CD1 . ILE A 1 193 ? -8.955  -11.032 4.955   1.00 16.39  ? 193 ILE A CD1 1 
ATOM   1409 N  N   . GLY A 1 194 ? -5.892  -13.588 7.890   1.00 19.05  ? 194 GLY A N   1 
ATOM   1410 C  CA  . GLY A 1 194 ? -4.851  -13.877 8.861   1.00 21.15  ? 194 GLY A CA  1 
ATOM   1411 C  C   . GLY A 1 194 ? -3.929  -12.707 9.181   1.00 21.73  ? 194 GLY A C   1 
ATOM   1412 O  O   . GLY A 1 194 ? -3.538  -11.937 8.304   1.00 20.86  ? 194 GLY A O   1 
ATOM   1413 N  N   . TYR A 1 195 ? -3.546  -12.612 10.444  1.00 21.70  ? 195 TYR A N   1 
ATOM   1414 C  CA  . TYR A 1 195 ? -2.721  -11.515 10.934  1.00 28.83  ? 195 TYR A CA  1 
ATOM   1415 C  C   . TYR A 1 195 ? -1.577  -12.030 11.836  1.00 29.08  ? 195 TYR A C   1 
ATOM   1416 O  O   . TYR A 1 195 ? -1.761  -12.979 12.604  1.00 27.27  ? 195 TYR A O   1 
ATOM   1417 C  CB  . TYR A 1 195 ? -3.616  -10.538 11.703  1.00 27.32  ? 195 TYR A CB  1 
ATOM   1418 C  CG  . TYR A 1 195 ? -2.939  -9.259  12.110  1.00 32.64  ? 195 TYR A CG  1 
ATOM   1419 C  CD1 . TYR A 1 195 ? -3.051  -8.116  11.326  1.00 38.82  ? 195 TYR A CD1 1 
ATOM   1420 C  CD2 . TYR A 1 195 ? -2.183  -9.191  13.271  1.00 34.76  ? 195 TYR A CD2 1 
ATOM   1421 C  CE1 . TYR A 1 195 ? -2.440  -6.942  11.696  1.00 39.93  ? 195 TYR A CE1 1 
ATOM   1422 C  CE2 . TYR A 1 195 ? -1.555  -8.021  13.644  1.00 38.68  ? 195 TYR A CE2 1 
ATOM   1423 C  CZ  . TYR A 1 195 ? -1.685  -6.901  12.855  1.00 42.53  ? 195 TYR A CZ  1 
ATOM   1424 O  OH  . TYR A 1 195 ? -1.058  -5.733  13.232  1.00 52.04  ? 195 TYR A OH  1 
ATOM   1425 N  N   . GLY A 1 196 ? -0.406  -11.402 11.736  1.00 24.06  ? 196 GLY A N   1 
ATOM   1426 C  CA  . GLY A 1 196 ? 0.744   -11.756 12.555  1.00 24.69  ? 196 GLY A CA  1 
ATOM   1427 C  C   . GLY A 1 196 ? 1.576   -12.954 12.099  1.00 26.78  ? 196 GLY A C   1 
ATOM   1428 O  O   . GLY A 1 196 ? 1.670   -13.255 10.910  1.00 25.61  ? 196 GLY A O   1 
ATOM   1429 N  N   . TYR A 1 197 ? 2.187   -13.630 13.068  1.00 22.08  ? 197 TYR A N   1 
ATOM   1430 C  CA  . TYR A 1 197 ? 3.055   -14.793 12.837  1.00 26.55  ? 197 TYR A CA  1 
ATOM   1431 C  C   . TYR A 1 197 ? 2.561   -15.780 11.774  1.00 24.82  ? 197 TYR A C   1 
ATOM   1432 O  O   . TYR A 1 197 ? 1.489   -16.378 11.920  1.00 20.02  ? 197 TYR A O   1 
ATOM   1433 C  CB  . TYR A 1 197 ? 3.278   -15.551 14.152  1.00 24.52  ? 197 TYR A CB  1 
ATOM   1434 C  CG  . TYR A 1 197 ? 4.122   -16.804 14.007  1.00 27.50  ? 197 TYR A CG  1 
ATOM   1435 C  CD1 . TYR A 1 197 ? 5.382   -16.750 13.412  1.00 29.44  ? 197 TYR A CD1 1 
ATOM   1436 C  CD2 . TYR A 1 197 ? 3.669   -18.033 14.480  1.00 27.05  ? 197 TYR A CD2 1 
ATOM   1437 C  CE1 . TYR A 1 197 ? 6.167   -17.884 13.274  1.00 28.52  ? 197 TYR A CE1 1 
ATOM   1438 C  CE2 . TYR A 1 197 ? 4.449   -19.186 14.354  1.00 28.98  ? 197 TYR A CE2 1 
ATOM   1439 C  CZ  . TYR A 1 197 ? 5.699   -19.096 13.750  1.00 33.98  ? 197 TYR A CZ  1 
ATOM   1440 O  OH  . TYR A 1 197 ? 6.479   -20.216 13.608  1.00 36.20  ? 197 TYR A OH  1 
ATOM   1441 N  N   . LEU A 1 198 ? 3.382   -15.952 10.741  1.00 28.56  ? 198 LEU A N   1 
ATOM   1442 C  CA  . LEU A 1 198 ? 3.101   -16.789 9.564   1.00 26.79  ? 198 LEU A CA  1 
ATOM   1443 C  C   . LEU A 1 198 ? 2.103   -16.166 8.574   1.00 28.43  ? 198 LEU A C   1 
ATOM   1444 O  O   . LEU A 1 198 ? 1.711   -16.804 7.599   1.00 31.63  ? 198 LEU A O   1 
ATOM   1445 C  CB  . LEU A 1 198 ? 2.702   -18.215 9.952   1.00 26.55  ? 198 LEU A CB  1 
ATOM   1446 C  CG  . LEU A 1 198 ? 3.777   -19.011 10.691  1.00 31.32  ? 198 LEU A CG  1 
ATOM   1447 C  CD1 . LEU A 1 198 ? 3.360   -20.461 10.829  1.00 27.18  ? 198 LEU A CD1 1 
ATOM   1448 C  CD2 . LEU A 1 198 ? 5.133   -18.876 9.981   1.00 32.68  ? 198 LEU A CD2 1 
ATOM   1449 N  N   . HIS A 1 199 ? 1.721   -14.914 8.819   1.00 22.94  ? 199 HIS A N   1 
ATOM   1450 C  CA  . HIS A 1 199 ? 0.769   -14.228 7.950   1.00 23.69  ? 199 HIS A CA  1 
ATOM   1451 C  C   . HIS A 1 199 ? 1.266   -12.896 7.419   1.00 22.13  ? 199 HIS A C   1 
ATOM   1452 O  O   . HIS A 1 199 ? 0.473   -12.048 7.000   1.00 18.52  ? 199 HIS A O   1 
ATOM   1453 C  CB  . HIS A 1 199 ? -0.578  -14.078 8.649   1.00 21.31  ? 199 HIS A CB  1 
ATOM   1454 C  CG  . HIS A 1 199 ? -1.191  -15.394 8.999   1.00 22.53  ? 199 HIS A CG  1 
ATOM   1455 N  ND1 . HIS A 1 199 ? -1.706  -16.241 8.047   1.00 19.84  ? 199 HIS A ND1 1 
ATOM   1456 C  CD2 . HIS A 1 199 ? -1.295  -16.036 10.186  1.00 20.93  ? 199 HIS A CD2 1 
ATOM   1457 C  CE1 . HIS A 1 199 ? -2.139  -17.347 8.638   1.00 21.03  ? 199 HIS A CE1 1 
ATOM   1458 N  NE2 . HIS A 1 199 ? -1.898  -17.247 9.925   1.00 26.18  ? 199 HIS A NE2 1 
ATOM   1459 N  N   . ARG A 1 200 ? 2.580   -12.724 7.407   1.00 24.46  ? 200 ARG A N   1 
ATOM   1460 C  CA  . ARG A 1 200 ? 3.157   -11.530 6.792   1.00 29.83  ? 200 ARG A CA  1 
ATOM   1461 C  C   . ARG A 1 200 ? 3.626   -11.828 5.376   1.00 25.88  ? 200 ARG A C   1 
ATOM   1462 O  O   . ARG A 1 200 ? 3.625   -12.984 4.955   1.00 28.08  ? 200 ARG A O   1 
ATOM   1463 C  CB  . ARG A 1 200 ? 4.294   -10.999 7.646   1.00 26.59  ? 200 ARG A CB  1 
ATOM   1464 C  CG  . ARG A 1 200 ? 3.874   -10.801 9.071   1.00 30.43  ? 200 ARG A CG  1 
ATOM   1465 C  CD  . ARG A 1 200 ? 5.021   -10.342 9.935   1.00 37.57  ? 200 ARG A CD  1 
ATOM   1466 N  NE  . ARG A 1 200 ? 4.805   -10.726 11.328  1.00 44.73  ? 200 ARG A NE  1 
ATOM   1467 C  CZ  . ARG A 1 200 ? 4.033   -10.052 12.174  1.00 42.13  ? 200 ARG A CZ  1 
ATOM   1468 N  NH1 . ARG A 1 200 ? 3.404   -8.960  11.755  1.00 40.96  ? 200 ARG A NH1 1 
ATOM   1469 N  NH2 . ARG A 1 200 ? 3.891   -10.468 13.432  1.00 43.34  ? 200 ARG A NH2 1 
ATOM   1470 N  N   . ILE A 1 201 ? 4.013   -10.795 4.634   1.00 19.64  ? 201 ILE A N   1 
ATOM   1471 C  CA  . ILE A 1 201 ? 4.538   -11.019 3.283   1.00 27.34  ? 201 ILE A CA  1 
ATOM   1472 C  C   . ILE A 1 201 ? 5.686   -12.031 3.339   1.00 26.48  ? 201 ILE A C   1 
ATOM   1473 O  O   . ILE A 1 201 ? 6.625   -11.847 4.103   1.00 29.25  ? 201 ILE A O   1 
ATOM   1474 C  CB  . ILE A 1 201 ? 5.046   -9.720  2.627   1.00 25.68  ? 201 ILE A CB  1 
ATOM   1475 C  CG1 . ILE A 1 201 ? 3.997   -8.610  2.744   1.00 23.05  ? 201 ILE A CG1 1 
ATOM   1476 C  CG2 . ILE A 1 201 ? 5.401   -9.967  1.165   1.00 23.18  ? 201 ILE A CG2 1 
ATOM   1477 C  CD1 . ILE A 1 201 ? 2.725   -8.877  1.962   1.00 15.73  ? 201 ILE A CD1 1 
ATOM   1478 N  N   . PRO A 1 202 ? 5.589   -13.111 2.552   1.00 32.97  ? 202 PRO A N   1 
ATOM   1479 C  CA  . PRO A 1 202 ? 6.608   -14.165 2.587   1.00 37.04  ? 202 PRO A CA  1 
ATOM   1480 C  C   . PRO A 1 202 ? 7.999   -13.628 2.247   1.00 41.79  ? 202 PRO A C   1 
ATOM   1481 O  O   . PRO A 1 202 ? 8.133   -12.754 1.386   1.00 42.09  ? 202 PRO A O   1 
ATOM   1482 C  CB  . PRO A 1 202 ? 6.137   -15.142 1.505   1.00 37.52  ? 202 PRO A CB  1 
ATOM   1483 C  CG  . PRO A 1 202 ? 4.646   -14.906 1.401   1.00 32.19  ? 202 PRO A CG  1 
ATOM   1484 C  CD  . PRO A 1 202 ? 4.474   -13.437 1.639   1.00 28.50  ? 202 PRO A CD  1 
ATOM   1485 N  N   . THR A 1 203 ? 9.024   -14.132 2.926   1.00 38.18  ? 203 THR A N   1 
ATOM   1486 C  CA  . THR A 1 203 ? 10.398  -13.765 2.581   1.00 38.69  ? 203 THR A CA  1 
ATOM   1487 C  C   . THR A 1 203 ? 10.992  -14.750 1.580   1.00 37.91  ? 203 THR A C   1 
ATOM   1488 O  O   . THR A 1 203 ? 11.695  -14.349 0.653   1.00 42.72  ? 203 THR A O   1 
ATOM   1489 C  CB  . THR A 1 203 ? 11.291  -13.657 3.818   1.00 33.86  ? 203 THR A CB  1 
ATOM   1490 O  OG1 . THR A 1 203 ? 11.182  -14.858 4.585   1.00 39.48  ? 203 THR A OG1 1 
ATOM   1491 C  CG2 . THR A 1 203 ? 10.846  -12.484 4.681   1.00 35.90  ? 203 THR A CG2 1 
ATOM   1492 N  N   . GLN A 1 204 ? 10.705  -16.037 1.770   1.00 38.89  ? 204 GLN A N   1 
ATOM   1493 C  CA  . GLN A 1 204 ? 11.031  -17.059 0.776   1.00 42.24  ? 204 GLN A CA  1 
ATOM   1494 C  C   . GLN A 1 204 ? 10.210  -16.869 -0.500  1.00 37.84  ? 204 GLN A C   1 
ATOM   1495 O  O   . GLN A 1 204 ? 9.003   -16.679 -0.433  1.00 40.29  ? 204 GLN A O   1 
ATOM   1496 C  CB  . GLN A 1 204 ? 10.757  -18.467 1.328   1.00 44.16  ? 204 GLN A CB  1 
ATOM   1497 C  CG  . GLN A 1 204 ? 11.918  -19.094 2.074   1.00 47.93  ? 204 GLN A CG  1 
ATOM   1498 C  CD  . GLN A 1 204 ? 13.252  -18.849 1.388   1.00 48.12  ? 204 GLN A CD  1 
ATOM   1499 O  OE1 . GLN A 1 204 ? 14.025  -17.985 1.813   1.00 48.93  ? 204 GLN A OE1 1 
ATOM   1500 N  NE2 . GLN A 1 204 ? 13.527  -19.604 0.320   1.00 41.07  ? 204 GLN A NE2 1 
ATOM   1501 N  N   . PRO A 1 205 ? 10.867  -16.925 -1.670  1.00 33.91  ? 205 PRO A N   1 
ATOM   1502 C  CA  . PRO A 1 205 ? 10.155  -16.927 -2.952  1.00 27.65  ? 205 PRO A CA  1 
ATOM   1503 C  C   . PRO A 1 205 ? 9.196   -18.109 -3.051  1.00 32.05  ? 205 PRO A C   1 
ATOM   1504 O  O   . PRO A 1 205 ? 9.464   -19.152 -2.446  1.00 30.70  ? 205 PRO A O   1 
ATOM   1505 C  CB  . PRO A 1 205 ? 11.280  -17.104 -3.966  1.00 32.09  ? 205 PRO A CB  1 
ATOM   1506 C  CG  . PRO A 1 205 ? 12.497  -16.585 -3.274  1.00 29.54  ? 205 PRO A CG  1 
ATOM   1507 C  CD  . PRO A 1 205 ? 12.329  -16.975 -1.851  1.00 28.50  ? 205 PRO A CD  1 
ATOM   1508 N  N   . SER A 1 206 ? 8.107   -17.953 -3.807  1.00 38.78  ? 206 SER A N   1 
ATOM   1509 C  CA  . SER A 1 206 ? 7.150   -19.036 -4.019  1.00 40.18  ? 206 SER A CA  1 
ATOM   1510 C  C   . SER A 1 206 ? 7.756   -20.159 -4.856  1.00 38.80  ? 206 SER A C   1 
ATOM   1511 O  O   . SER A 1 206 ? 8.823   -19.999 -5.438  1.00 35.55  ? 206 SER A O   1 
ATOM   1512 C  CB  . SER A 1 206 ? 5.887   -18.510 -4.691  1.00 41.25  ? 206 SER A CB  1 
ATOM   1513 O  OG  . SER A 1 206 ? 6.226   -17.757 -5.839  1.00 42.46  ? 206 SER A OG  1 
ATOM   1514 N  N   . SER A 1 207 ? 7.054   -21.286 -4.929  1.00 36.06  ? 207 SER A N   1 
ATOM   1515 C  CA  . SER A 1 207 ? 7.597   -22.499 -5.532  1.00 32.28  ? 207 SER A CA  1 
ATOM   1516 C  C   . SER A 1 207 ? 7.893   -22.415 -7.033  1.00 30.54  ? 207 SER A C   1 
ATOM   1517 O  O   . SER A 1 207 ? 8.640   -23.239 -7.552  1.00 31.48  ? 207 SER A O   1 
ATOM   1518 C  CB  . SER A 1 207 ? 6.690   -23.702 -5.229  1.00 34.00  ? 207 SER A CB  1 
ATOM   1519 O  OG  . SER A 1 207 ? 5.592   -23.784 -6.129  1.00 36.01  ? 207 SER A OG  1 
ATOM   1520 N  N   . GLN A 1 208 ? 7.324   -21.433 -7.730  1.00 35.12  ? 208 GLN A N   1 
ATOM   1521 C  CA  . GLN A 1 208 ? 7.467   -21.359 -9.192  1.00 34.05  ? 208 GLN A CA  1 
ATOM   1522 C  C   . GLN A 1 208 ? 8.652   -20.510 -9.670  1.00 33.83  ? 208 GLN A C   1 
ATOM   1523 O  O   . GLN A 1 208 ? 8.565   -19.286 -9.817  1.00 33.72  ? 208 GLN A O   1 
ATOM   1524 C  CB  . GLN A 1 208 ? 6.168   -20.901 -9.855  1.00 35.81  ? 208 GLN A CB  1 
ATOM   1525 C  CG  . GLN A 1 208 ? 4.997   -21.823 -9.566  1.00 41.22  ? 208 GLN A CG  1 
ATOM   1526 C  CD  . GLN A 1 208 ? 5.187   -23.228 -10.134 1.00 41.24  ? 208 GLN A CD  1 
ATOM   1527 O  OE1 . GLN A 1 208 ? 5.714   -23.414 -11.240 1.00 42.16  ? 208 GLN A OE1 1 
ATOM   1528 N  NE2 . GLN A 1 208 ? 4.757   -24.224 -9.375  1.00 43.09  ? 208 GLN A NE2 1 
ATOM   1529 N  N   . TYR A 1 209 ? 9.757   -21.189 -9.933  1.00 25.94  ? 209 TYR A N   1 
ATOM   1530 C  CA  . TYR A 1 209 ? 10.997  -20.523 -10.290 1.00 27.99  ? 209 TYR A CA  1 
ATOM   1531 C  C   . TYR A 1 209 ? 11.127  -20.429 -11.814 1.00 23.95  ? 209 TYR A C   1 
ATOM   1532 O  O   . TYR A 1 209 ? 10.576  -21.282 -12.513 1.00 24.13  ? 209 TYR A O   1 
ATOM   1533 C  CB  . TYR A 1 209 ? 12.168  -21.310 -9.706  1.00 28.05  ? 209 TYR A CB  1 
ATOM   1534 C  CG  . TYR A 1 209 ? 12.502  -21.019 -8.247  1.00 29.35  ? 209 TYR A CG  1 
ATOM   1535 C  CD1 . TYR A 1 209 ? 13.831  -20.890 -7.840  1.00 24.93  ? 209 TYR A CD1 1 
ATOM   1536 C  CD2 . TYR A 1 209 ? 11.505  -20.878 -7.282  1.00 28.13  ? 209 TYR A CD2 1 
ATOM   1537 C  CE1 . TYR A 1 209 ? 14.159  -20.632 -6.528  1.00 25.49  ? 209 TYR A CE1 1 
ATOM   1538 C  CE2 . TYR A 1 209 ? 11.830  -20.618 -5.942  1.00 24.72  ? 209 TYR A CE2 1 
ATOM   1539 C  CZ  . TYR A 1 209 ? 13.166  -20.499 -5.578  1.00 25.84  ? 209 TYR A CZ  1 
ATOM   1540 O  OH  . TYR A 1 209 ? 13.534  -20.243 -4.268  1.00 25.50  ? 209 TYR A OH  1 
ATOM   1541 N  N   . LYS A 1 210 ? 11.763  -19.395 -12.370 1.00 49.11  ? 210 LYS A N   1 
ATOM   1542 C  CA  . LYS A 1 210 ? 12.116  -18.107 -11.737 1.00 54.94  ? 210 LYS A CA  1 
ATOM   1543 C  C   . LYS A 1 210 ? 13.209  -18.122 -10.677 1.00 52.96  ? 210 LYS A C   1 
ATOM   1544 O  O   . LYS A 1 210 ? 12.939  -18.261 -9.499  1.00 58.04  ? 210 LYS A O   1 
ATOM   1545 C  CB  . LYS A 1 210 ? 10.871  -17.321 -11.283 1.00 56.18  ? 210 LYS A CB  1 
ATOM   1546 C  CG  . LYS A 1 210 ? 10.716  -15.956 -11.957 1.00 54.46  ? 210 LYS A CG  1 
ATOM   1547 C  CD  . LYS A 1 210 ? 9.290   -15.443 -11.930 1.00 54.90  ? 210 LYS A CD  1 
ATOM   1548 C  CE  . LYS A 1 210 ? 9.171   -14.119 -12.672 1.00 55.68  ? 210 LYS A CE  1 
ATOM   1549 N  NZ  . LYS A 1 210 ? 9.495   -14.222 -14.131 1.00 59.45  ? 210 LYS A NZ  1 
HETATM 1550 ZN ZN  . ZN  B 2 .   ? 2.528   3.422   6.917   1.00 29.25  ? 301 ZN  A ZN  1 
HETATM 1551 CL CL  . CL  C 3 .   ? 1.734   1.392   7.979   1.00 26.81  ? 302 CL  A CL  1 
HETATM 1552 O  O   . HOH D 4 .   ? -3.958  -10.657 -6.372  1.00 26.28  ? 401 HOH A O   1 
HETATM 1553 O  O   . HOH D 4 .   ? 6.057   -14.507 10.459  1.00 31.48  ? 402 HOH A O   1 
HETATM 1554 O  O   . HOH D 4 .   ? 14.591  0.355   -2.545  1.00 21.57  ? 403 HOH A O   1 
HETATM 1555 O  O   . HOH D 4 .   ? 19.351  15.961  -5.992  1.00 29.94  ? 404 HOH A O   1 
HETATM 1556 O  O   . HOH D 4 .   ? 7.831   13.114  -13.469 1.00 25.65  ? 405 HOH A O   1 
HETATM 1557 O  O   . HOH D 4 .   ? 9.250   -0.159  -5.445  1.00 36.87  ? 406 HOH A O   1 
HETATM 1558 O  O   . HOH D 4 .   ? 14.402  26.124  -3.900  1.00 23.31  ? 407 HOH A O   1 
HETATM 1559 O  O   . HOH D 4 .   ? 11.616  -20.980 -2.561  1.00 27.34  ? 408 HOH A O   1 
HETATM 1560 O  O   . HOH D 4 .   ? -1.914  -9.412  -7.529  1.00 27.49  ? 409 HOH A O   1 
HETATM 1561 O  O   . HOH D 4 .   ? -0.390  -18.493 12.441  1.00 23.64  ? 410 HOH A O   1 
HETATM 1562 O  O   . HOH D 4 .   ? 12.301  14.526  8.310   1.00 31.82  ? 411 HOH A O   1 
HETATM 1563 O  O   . HOH D 4 .   ? 3.633   13.391  -13.483 1.00 26.92  ? 412 HOH A O   1 
HETATM 1564 O  O   . HOH D 4 .   ? -10.684 -21.736 0.191   1.00 24.43  ? 413 HOH A O   1 
HETATM 1565 O  O   . HOH D 4 .   ? 5.067   24.858  -10.704 1.00 32.51  ? 414 HOH A O   1 
HETATM 1566 O  O   . HOH D 4 .   ? -0.949  -1.702  4.778   1.00 29.46  ? 415 HOH A O   1 
HETATM 1567 O  O   . HOH D 4 .   ? -17.828 -8.777  -4.071  1.00 31.58  ? 416 HOH A O   1 
HETATM 1568 O  O   . HOH D 4 .   ? 6.354   -16.712 -1.375  1.00 39.95  ? 417 HOH A O   1 
HETATM 1569 O  O   . HOH D 4 .   ? 9.128   12.084  -11.214 1.00 23.76  ? 418 HOH A O   1 
HETATM 1570 O  O   . HOH D 4 .   ? 7.338   15.514  -12.926 1.00 31.51  ? 419 HOH A O   1 
HETATM 1571 O  O   . HOH D 4 .   ? -14.751 -7.593  -9.083  1.00 45.61  ? 420 HOH A O   1 
HETATM 1572 O  O   . HOH D 4 .   ? -25.175 -13.420 5.320   1.00 39.70  ? 421 HOH A O   1 
HETATM 1573 O  O   . HOH D 4 .   ? -3.703  13.546  -13.875 1.00 26.43  ? 422 HOH A O   1 
HETATM 1574 O  O   . HOH D 4 .   ? 14.634  -2.244  -3.523  1.00 31.27  ? 423 HOH A O   1 
HETATM 1575 O  O   . HOH D 4 .   ? -4.085  11.748  -11.747 1.00 26.68  ? 424 HOH A O   1 
HETATM 1576 O  O   . HOH D 4 .   ? -1.115  0.770   1.720   1.00 29.97  ? 425 HOH A O   1 
HETATM 1577 O  O   . HOH D 4 .   ? -0.896  19.288  -10.912 1.00 33.04  ? 426 HOH A O   1 
HETATM 1578 O  O   . HOH D 4 .   ? -0.107  -10.074 8.430   1.00 30.20  ? 427 HOH A O   1 
HETATM 1579 O  O   . HOH D 4 .   ? 0.614   -8.680  10.702  1.00 31.20  ? 428 HOH A O   1 
HETATM 1580 O  O   . HOH D 4 .   ? 19.377  -0.952  -4.367  1.00 34.58  ? 429 HOH A O   1 
HETATM 1581 O  O   . HOH D 4 .   ? -6.776  -20.577 8.078   1.00 27.69  ? 430 HOH A O   1 
HETATM 1582 O  O   . HOH D 4 .   ? -24.795 -15.150 -2.015  1.00 28.81  ? 431 HOH A O   1 
HETATM 1583 O  O   . HOH D 4 .   ? -5.002  -19.810 -3.966  1.00 31.35  ? 432 HOH A O   1 
HETATM 1584 O  O   . HOH D 4 .   ? 9.889   25.442  1.063   1.00 35.31  ? 433 HOH A O   1 
HETATM 1585 O  O   . HOH D 4 .   ? -2.433  3.976   -4.680  1.00 27.61  ? 434 HOH A O   1 
HETATM 1586 O  O   . HOH D 4 .   ? 21.182  -2.873  -4.184  1.00 38.15  ? 435 HOH A O   1 
HETATM 1587 O  O   . HOH D 4 .   ? 11.467  -10.070 1.592   1.00 38.55  ? 436 HOH A O   1 
HETATM 1588 O  O   . HOH D 4 .   ? -21.559 -4.810  -6.337  1.00 37.31  ? 437 HOH A O   1 
HETATM 1589 O  O   . HOH D 4 .   ? -3.500  20.104  -9.788  1.00 30.58  ? 438 HOH A O   1 
HETATM 1590 O  O   . HOH D 4 .   ? -20.620 -9.051  -2.996  1.00 27.35  ? 439 HOH A O   1 
HETATM 1591 O  O   . HOH D 4 .   ? 4.797   -14.611 7.768   1.00 32.02  ? 440 HOH A O   1 
HETATM 1592 O  O   . HOH D 4 .   ? -20.720 -21.398 -0.150  1.00 34.47  ? 441 HOH A O   1 
HETATM 1593 O  O   . HOH D 4 .   ? -8.163  -13.508 -9.068  1.00 32.98  ? 442 HOH A O   1 
HETATM 1594 O  O   . HOH D 4 .   ? 9.163   0.497   -8.631  1.00 35.52  ? 443 HOH A O   1 
HETATM 1595 O  O   . HOH D 4 .   ? -22.979 -10.992 -2.738  1.00 27.93  ? 444 HOH A O   1 
HETATM 1596 O  O   . HOH D 4 .   ? -21.011 -19.942 6.436   1.00 40.08  ? 445 HOH A O   1 
HETATM 1597 O  O   . HOH D 4 .   ? -19.336 4.301   4.041   1.00 36.26  ? 446 HOH A O   1 
HETATM 1598 O  O   . HOH D 4 .   ? -8.280  -24.222 7.106   1.00 42.26  ? 447 HOH A O   1 
HETATM 1599 O  O   . HOH D 4 .   ? 21.834  1.253   -1.207  1.00 31.29  ? 448 HOH A O   1 
HETATM 1600 O  O   . HOH D 4 .   ? 7.082   -15.839 -7.709  1.00 37.32  ? 449 HOH A O   1 
HETATM 1601 O  O   . HOH D 4 .   ? -0.775  13.823  -3.031  1.00 31.01  ? 450 HOH A O   1 
HETATM 1602 O  O   . HOH D 4 .   ? 12.000  25.176  -7.903  1.00 37.15  ? 451 HOH A O   1 
HETATM 1603 O  O   . HOH D 4 .   ? 8.312   -14.170 -9.411  1.00 39.64  ? 452 HOH A O   1 
HETATM 1604 O  O   . HOH D 4 .   ? 7.917   -3.633  -4.339  1.00 35.31  ? 453 HOH A O   1 
HETATM 1605 O  O   . HOH D 4 .   ? 1.515   -21.333 -9.159  1.00 39.68  ? 454 HOH A O   1 
HETATM 1606 O  O   . HOH D 4 .   ? 17.226  -2.402  -5.174  1.00 46.17  ? 455 HOH A O   1 
HETATM 1607 O  O   . HOH D 4 .   ? 5.622   2.892   -10.952 1.00 36.38  ? 456 HOH A O   1 
HETATM 1608 O  O   . HOH D 4 .   ? 8.675   -10.732 2.596   1.00 42.27  ? 457 HOH A O   1 
HETATM 1609 O  O   . HOH D 4 .   ? -5.599  19.980  -11.477 1.00 34.00  ? 458 HOH A O   1 
HETATM 1610 O  O   . HOH D 4 .   ? 14.562  14.525  9.710   1.00 37.41  ? 459 HOH A O   1 
HETATM 1611 O  O   . HOH D 4 .   ? 4.744   -5.335  -5.674  1.00 29.94  ? 460 HOH A O   1 
HETATM 1612 O  O   . HOH D 4 .   ? 9.613   26.567  -4.758  1.00 34.67  ? 461 HOH A O   1 
HETATM 1613 O  O   . HOH D 4 .   ? 14.561  17.183  8.936   1.00 35.98  ? 462 HOH A O   1 
HETATM 1614 O  O   . HOH D 4 .   ? 4.086   2.731   -8.908  1.00 35.95  ? 463 HOH A O   1 
HETATM 1615 O  O   . HOH D 4 .   ? 13.085  -2.265  -5.546  1.00 40.96  ? 464 HOH A O   1 
HETATM 1616 O  O   . HOH D 4 .   ? -0.598  20.889  -7.944  1.00 34.39  ? 465 HOH A O   1 
HETATM 1617 O  O   . HOH D 4 .   ? -19.747 -5.479  6.350   1.00 39.55  ? 466 HOH A O   1 
HETATM 1618 O  O   . HOH D 4 .   ? -2.046  3.058   -7.397  1.00 35.17  ? 467 HOH A O   1 
HETATM 1619 O  O   . HOH D 4 .   ? 5.665   20.283  -1.377  1.00 34.23  ? 468 HOH A O   1 
HETATM 1620 O  O   . HOH D 4 .   ? -2.201  22.231  -9.547  1.00 41.88  ? 469 HOH A O   1 
HETATM 1621 O  O   . HOH D 4 .   ? -22.078 -13.857 -2.540  1.00 35.67  ? 470 HOH A O   1 
HETATM 1622 O  O   . HOH D 4 .   ? -5.298  -18.591 -8.091  1.00 32.31  ? 471 HOH A O   1 
HETATM 1623 O  O   . HOH D 4 .   ? 0.175   1.924   -7.378  1.00 40.71  ? 472 HOH A O   1 
HETATM 1624 O  O   . HOH D 4 .   ? 19.409  13.048  -9.736  1.00 36.01  ? 473 HOH A O   1 
HETATM 1625 O  O   . HOH D 4 .   ? -2.778  -18.096 -7.861  1.00 31.22  ? 474 HOH A O   1 
HETATM 1626 O  O   . HOH D 4 .   ? -28.996 -13.686 4.321   1.00 41.08  ? 475 HOH A O   1 
HETATM 1627 O  O   . HOH D 4 .   ? 8.358   25.453  2.551   1.00 39.35  ? 476 HOH A O   1 
HETATM 1628 O  O   . HOH D 4 .   ? 2.520   11.605  9.020   1.00 35.99  ? 477 HOH A O   1 
HETATM 1629 O  O   . HOH D 4 .   ? 7.332   16.548  5.768   1.00 28.19  ? 478 HOH A O   1 
HETATM 1630 O  O   . HOH D 4 .   ? 10.787  27.768  -2.294  1.00 38.87  ? 479 HOH A O   1 
HETATM 1631 O  O   . HOH D 4 .   ? 2.318   -15.548 5.262   1.00 29.91  ? 480 HOH A O   1 
HETATM 1632 O  O   . HOH D 4 .   ? 11.749  27.055  -0.740  1.00 38.14  ? 481 HOH A O   1 
HETATM 1633 O  O   . HOH D 4 .   ? 2.950   -11.171 16.083  1.00 35.58  ? 482 HOH A O   1 
HETATM 1634 O  O   . HOH D 4 .   ? -5.073  -3.472  -11.072 1.00 37.82  ? 483 HOH A O   1 
HETATM 1635 O  O   . HOH D 4 .   ? 4.575   25.311  -5.951  1.00 35.77  ? 484 HOH A O   1 
HETATM 1636 O  O   . HOH D 4 .   ? 8.171   20.874  11.081  1.00 38.02  ? 485 HOH A O   1 
HETATM 1637 O  O   . HOH D 4 .   ? 4.241   22.772  -1.104  1.00 37.39  ? 486 HOH A O   1 
HETATM 1638 O  O   . HOH D 4 .   ? -2.497  20.066  -5.536  1.00 35.84  ? 487 HOH A O   1 
HETATM 1639 O  O   . HOH D 4 .   ? -16.644 -10.550 6.854   1.00 42.27  ? 488 HOH A O   1 
HETATM 1640 O  O   . HOH D 4 .   ? 10.308  -8.352  -7.543  1.00 43.57  ? 489 HOH A O   1 
HETATM 1641 O  O   . HOH D 4 .   ? 8.963   -17.698 -7.097  1.00 35.67  ? 490 HOH A O   1 
HETATM 1642 O  O   . HOH D 4 .   ? -19.503 -6.446  12.355  1.00 43.88  ? 491 HOH A O   1 
HETATM 1643 O  O   . HOH D 4 .   ? -7.933  -8.558  -10.020 1.00 43.89  ? 492 HOH A O   1 
HETATM 1644 O  O   . HOH D 4 .   ? 4.203   24.842  -3.910  1.00 39.21  ? 493 HOH A O   1 
HETATM 1645 O  O   . HOH D 4 .   ? -5.907  8.066   -6.735  1.00 35.87  ? 494 HOH A O   1 
HETATM 1646 O  O   . HOH D 4 .   ? -2.117  -3.929  12.228  1.00 48.08  ? 495 HOH A O   1 
HETATM 1647 O  O   . HOH D 4 .   ? 18.503  11.707  -1.589  1.00 37.88  ? 496 HOH A O   1 
HETATM 1648 O  O   . HOH D 4 .   ? -4.939  9.021   -9.081  1.00 37.28  ? 497 HOH A O   1 
# 
